data_1C8C
# 
_entry.id   1C8C 
# 
_audit_conform.dict_name       mmcif_pdbx.dic 
_audit_conform.dict_version    5.375 
_audit_conform.dict_location   http://mmcif.pdb.org/dictionaries/ascii/mmcif_pdbx.dic 
# 
loop_
_database_2.database_id 
_database_2.database_code 
_database_2.pdbx_database_accession 
_database_2.pdbx_DOI 
PDB   1C8C         pdb_00001c8c 10.2210/pdb1c8c/pdb 
NDB   PD0143       ?            ?                   
RCSB  RCSB001461   ?            ?                   
WWPDB D_1000001461 ?            ?                   
# 
_pdbx_database_status.status_code                     REL 
_pdbx_database_status.entry_id                        1C8C 
_pdbx_database_status.recvd_initial_deposition_date   2000-05-04 
_pdbx_database_status.deposit_site                    RCSB 
_pdbx_database_status.process_site                    RCSB 
_pdbx_database_status.status_code_sf                  REL 
_pdbx_database_status.SG_entry                        . 
_pdbx_database_status.pdb_format_compatible           Y 
_pdbx_database_status.status_code_mr                  ? 
_pdbx_database_status.status_code_cs                  ? 
_pdbx_database_status.methods_development_category    ? 
_pdbx_database_status.status_code_nmr_data            ? 
# 
loop_
_audit_author.name 
_audit_author.pdbx_ordinal 
'Su, S.'          1 
'Gao, Y.-G.'      2 
'Robinson, H.'    3 
'Liaw, Y.-C.'     4 
'Edmondson, S.P.' 5 
'Shriver, J.W.'   6 
'Wang, A.H.-J.'   7 
# 
_citation.id                        primary 
_citation.title                     
'Crystal structures of the chromosomal proteins Sso7d/Sac7d bound to DNA containing T-G mismatched base-pairs.' 
_citation.journal_abbrev            J.Mol.Biol. 
_citation.journal_volume            303 
_citation.page_first                395 
_citation.page_last                 403 
_citation.year                      2000 
_citation.journal_id_ASTM           JMOBAK 
_citation.country                   UK 
_citation.journal_id_ISSN           0022-2836 
_citation.journal_id_CSD            0070 
_citation.book_publisher            ? 
_citation.pdbx_database_id_PubMed   11031116 
_citation.pdbx_database_id_DOI      10.1006/jmbi.2000.4112 
# 
loop_
_citation_author.citation_id 
_citation_author.name 
_citation_author.ordinal 
_citation_author.identifier_ORCID 
primary 'Su, S.'          1 ? 
primary 'Gao, Y.G.'       2 ? 
primary 'Robinson, H.'    3 ? 
primary 'Liaw, Y.C.'      4 ? 
primary 'Edmondson, S.P.' 5 ? 
primary 'Shriver, J.W.'   6 ? 
primary 'Wang, A.H.'      7 ? 
# 
_cell.entry_id           1C8C 
_cell.length_a           47.475 
_cell.length_b           49.800 
_cell.length_c           37.681 
_cell.angle_alpha        90.00 
_cell.angle_beta         90.00 
_cell.angle_gamma        90.00 
_cell.Z_PDB              8 
_cell.pdbx_unique_axis   ? 
# 
_symmetry.entry_id                         1C8C 
_symmetry.space_group_name_H-M             'P 21 21 21' 
_symmetry.pdbx_full_space_group_name_H-M   ? 
_symmetry.cell_setting                     orthorhombic 
_symmetry.Int_Tables_number                19 
# 
loop_
_entity.id 
_entity.type 
_entity.src_method 
_entity.pdbx_description 
_entity.formula_weight 
_entity.pdbx_number_of_molecules 
_entity.pdbx_ec 
_entity.pdbx_mutation 
_entity.pdbx_fragment 
_entity.details 
1 polymer syn "5'-D(*GP*TP*GP*AP*TP*CP*GP*C)-3'" 2442.616 2   ? ? ? ? 
2 polymer nat 'DNA-BINDING PROTEIN 7A'           7236.563 1   ? ? ? ? 
3 water   nat water                              18.015   157 ? ? ? ? 
# 
_entity_name_com.entity_id   2 
_entity_name_com.name        'SSO7D, 7 KDA DNA-BINDING PROTEIN D' 
# 
loop_
_entity_poly.entity_id 
_entity_poly.type 
_entity_poly.nstd_linkage 
_entity_poly.nstd_monomer 
_entity_poly.pdbx_seq_one_letter_code 
_entity_poly.pdbx_seq_one_letter_code_can 
_entity_poly.pdbx_strand_id 
_entity_poly.pdbx_target_identifier 
1 polydeoxyribonucleotide no no '(DG)(DT)(DG)(DA)(DT)(DC)(DG)(DC)'                               GTGATCGC B,C ? 
2 'polypeptide(L)'        no no MATVKFKYKGEEKQVDISKIKKVWRVGKMISFTYDEGGGKTGRGAVSEKDAPKELLQMLAKQKK 
MATVKFKYKGEEKQVDISKIKKVWRVGKMISFTYDEGGGKTGRGAVSEKDAPKELLQMLAKQKK A   ? 
# 
loop_
_entity_poly_seq.entity_id 
_entity_poly_seq.num 
_entity_poly_seq.mon_id 
_entity_poly_seq.hetero 
1 1  DG  n 
1 2  DT  n 
1 3  DG  n 
1 4  DA  n 
1 5  DT  n 
1 6  DC  n 
1 7  DG  n 
1 8  DC  n 
2 1  MET n 
2 2  ALA n 
2 3  THR n 
2 4  VAL n 
2 5  LYS n 
2 6  PHE n 
2 7  LYS n 
2 8  TYR n 
2 9  LYS n 
2 10 GLY n 
2 11 GLU n 
2 12 GLU n 
2 13 LYS n 
2 14 GLN n 
2 15 VAL n 
2 16 ASP n 
2 17 ILE n 
2 18 SER n 
2 19 LYS n 
2 20 ILE n 
2 21 LYS n 
2 22 LYS n 
2 23 VAL n 
2 24 TRP n 
2 25 ARG n 
2 26 VAL n 
2 27 GLY n 
2 28 LYS n 
2 29 MET n 
2 30 ILE n 
2 31 SER n 
2 32 PHE n 
2 33 THR n 
2 34 TYR n 
2 35 ASP n 
2 36 GLU n 
2 37 GLY n 
2 38 GLY n 
2 39 GLY n 
2 40 LYS n 
2 41 THR n 
2 42 GLY n 
2 43 ARG n 
2 44 GLY n 
2 45 ALA n 
2 46 VAL n 
2 47 SER n 
2 48 GLU n 
2 49 LYS n 
2 50 ASP n 
2 51 ALA n 
2 52 PRO n 
2 53 LYS n 
2 54 GLU n 
2 55 LEU n 
2 56 LEU n 
2 57 GLN n 
2 58 MET n 
2 59 LEU n 
2 60 ALA n 
2 61 LYS n 
2 62 GLN n 
2 63 LYS n 
2 64 LYS n 
# 
_entity_src_nat.entity_id                  2 
_entity_src_nat.pdbx_src_id                1 
_entity_src_nat.pdbx_alt_source_flag       sample 
_entity_src_nat.pdbx_beg_seq_num           ? 
_entity_src_nat.pdbx_end_seq_num           ? 
_entity_src_nat.common_name                ? 
_entity_src_nat.pdbx_organism_scientific   'Sulfolobus solfataricus' 
_entity_src_nat.pdbx_ncbi_taxonomy_id      2287 
_entity_src_nat.genus                      Sulfolobus 
_entity_src_nat.species                    ? 
_entity_src_nat.strain                     ? 
_entity_src_nat.tissue                     ? 
_entity_src_nat.tissue_fraction            ? 
_entity_src_nat.pdbx_secretion             ? 
_entity_src_nat.pdbx_fragment              ? 
_entity_src_nat.pdbx_variant               ? 
_entity_src_nat.pdbx_cell_line             ? 
_entity_src_nat.pdbx_atcc                  'DSM 1617' 
_entity_src_nat.pdbx_cellular_location     ? 
_entity_src_nat.pdbx_organ                 ? 
_entity_src_nat.pdbx_organelle             ? 
_entity_src_nat.pdbx_cell                  ? 
_entity_src_nat.pdbx_plasmid_name          ? 
_entity_src_nat.pdbx_plasmid_details       ? 
_entity_src_nat.details                    'GERMAN COLLECTION OF MICROORGANISMS (DSM) 1617, #1616' 
# 
loop_
_struct_ref.id 
_struct_ref.db_name 
_struct_ref.db_code 
_struct_ref.entity_id 
_struct_ref.pdbx_seq_one_letter_code 
_struct_ref.pdbx_align_begin 
_struct_ref.pdbx_db_accession 
_struct_ref.pdbx_db_isoform 
1 UNP DN72_SULSO 2 ? ? P39476 ? 
2 PDB 1C8C       1 ? ? 1C8C   ? 
# 
loop_
_struct_ref_seq.align_id 
_struct_ref_seq.ref_id 
_struct_ref_seq.pdbx_PDB_id_code 
_struct_ref_seq.pdbx_strand_id 
_struct_ref_seq.seq_align_beg 
_struct_ref_seq.pdbx_seq_align_beg_ins_code 
_struct_ref_seq.seq_align_end 
_struct_ref_seq.pdbx_seq_align_end_ins_code 
_struct_ref_seq.pdbx_db_accession 
_struct_ref_seq.db_align_beg 
_struct_ref_seq.pdbx_db_align_beg_ins_code 
_struct_ref_seq.db_align_end 
_struct_ref_seq.pdbx_db_align_end_ins_code 
_struct_ref_seq.pdbx_auth_seq_align_beg 
_struct_ref_seq.pdbx_auth_seq_align_end 
1 1 1C8C A 1 ? 64 ? P39476 1   ? 64  ? 1   64  
2 2 1C8C B 1 ? 8  ? 1C8C   101 ? 108 ? 101 108 
3 2 1C8C C 1 ? 8  ? 1C8C   109 ? 116 ? 109 116 
# 
loop_
_chem_comp.id 
_chem_comp.type 
_chem_comp.mon_nstd_flag 
_chem_comp.name 
_chem_comp.pdbx_synonyms 
_chem_comp.formula 
_chem_comp.formula_weight 
ALA 'L-peptide linking' y ALANINE                              ? 'C3 H7 N O2'      89.093  
ARG 'L-peptide linking' y ARGININE                             ? 'C6 H15 N4 O2 1'  175.209 
ASP 'L-peptide linking' y 'ASPARTIC ACID'                      ? 'C4 H7 N O4'      133.103 
DA  'DNA linking'       y "2'-DEOXYADENOSINE-5'-MONOPHOSPHATE" ? 'C10 H14 N5 O6 P' 331.222 
DC  'DNA linking'       y "2'-DEOXYCYTIDINE-5'-MONOPHOSPHATE"  ? 'C9 H14 N3 O7 P'  307.197 
DG  'DNA linking'       y "2'-DEOXYGUANOSINE-5'-MONOPHOSPHATE" ? 'C10 H14 N5 O7 P' 347.221 
DT  'DNA linking'       y "THYMIDINE-5'-MONOPHOSPHATE"         ? 'C10 H15 N2 O8 P' 322.208 
GLN 'L-peptide linking' y GLUTAMINE                            ? 'C5 H10 N2 O3'    146.144 
GLU 'L-peptide linking' y 'GLUTAMIC ACID'                      ? 'C5 H9 N O4'      147.129 
GLY 'peptide linking'   y GLYCINE                              ? 'C2 H5 N O2'      75.067  
HOH non-polymer         . WATER                                ? 'H2 O'            18.015  
ILE 'L-peptide linking' y ISOLEUCINE                           ? 'C6 H13 N O2'     131.173 
LEU 'L-peptide linking' y LEUCINE                              ? 'C6 H13 N O2'     131.173 
LYS 'L-peptide linking' y LYSINE                               ? 'C6 H15 N2 O2 1'  147.195 
MET 'L-peptide linking' y METHIONINE                           ? 'C5 H11 N O2 S'   149.211 
PHE 'L-peptide linking' y PHENYLALANINE                        ? 'C9 H11 N O2'     165.189 
PRO 'L-peptide linking' y PROLINE                              ? 'C5 H9 N O2'      115.130 
SER 'L-peptide linking' y SERINE                               ? 'C3 H7 N O3'      105.093 
THR 'L-peptide linking' y THREONINE                            ? 'C4 H9 N O3'      119.119 
TRP 'L-peptide linking' y TRYPTOPHAN                           ? 'C11 H12 N2 O2'   204.225 
TYR 'L-peptide linking' y TYROSINE                             ? 'C9 H11 N O3'     181.189 
VAL 'L-peptide linking' y VALINE                               ? 'C5 H11 N O2'     117.146 
# 
_exptl.entry_id          1C8C 
_exptl.method            'X-RAY DIFFRACTION' 
_exptl.crystals_number   1 
# 
_exptl_crystal.id                    1 
_exptl_crystal.density_meas          ? 
_exptl_crystal.density_Matthews      1.8 
_exptl_crystal.density_percent_sol   39 
_exptl_crystal.description           ? 
# 
_exptl_crystal_grow.crystal_id      1 
_exptl_crystal_grow.method          'VAPOR DIFFUSION, HANGING DROP' 
_exptl_crystal_grow.temp            ? 
_exptl_crystal_grow.temp_details    ? 
_exptl_crystal_grow.pH              6.5 
_exptl_crystal_grow.pdbx_details    
;PROTEIN WAS CRYSTALLIZED FROM 1.3MM SSO7D,  
1.3MM DUPLEX DNA, 2.5 MM TRIS (PH 6.5),  
2.5% PEG 400, EQUILIBRATED AGAINST 15% PEG 400 at
pH 6.5, VAPOR DIFFUSION, HANGING DROP
;
_exptl_crystal_grow.pdbx_pH_range   . 
# 
loop_
_exptl_crystal_grow_comp.crystal_id 
_exptl_crystal_grow_comp.id 
_exptl_crystal_grow_comp.sol_id 
_exptl_crystal_grow_comp.name 
_exptl_crystal_grow_comp.conc 
_exptl_crystal_grow_comp.volume 
_exptl_crystal_grow_comp.details 
1 1 1 TRIS      ? ? ? 
1 2 1 'PEG 400' ? ? ? 
1 3 2 'PEG 400' ? ? ? 
# 
_diffrn.id                     1 
_diffrn.ambient_temp           123 
_diffrn.ambient_temp_details   ? 
_diffrn.crystal_id             1 
# 
_diffrn_detector.diffrn_id              1 
_diffrn_detector.detector               'IMAGE PLATE' 
_diffrn_detector.type                   'RIGAKU RAXIS IIC' 
_diffrn_detector.pdbx_collection_date   1998-08-15 
_diffrn_detector.details                ? 
# 
_diffrn_radiation.diffrn_id                        1 
_diffrn_radiation.wavelength_id                    1 
_diffrn_radiation.pdbx_monochromatic_or_laue_m_l   M 
_diffrn_radiation.monochromator                    GRAPHITE 
_diffrn_radiation.pdbx_diffrn_protocol             'SINGLE WAVELENGTH' 
_diffrn_radiation.pdbx_scattering_type             x-ray 
# 
_diffrn_radiation_wavelength.id           1 
_diffrn_radiation_wavelength.wavelength   1.5418 
_diffrn_radiation_wavelength.wt           1.0 
# 
_diffrn_source.diffrn_id                   1 
_diffrn_source.source                      'ROTATING ANODE' 
_diffrn_source.type                        'RIGAKU RU200' 
_diffrn_source.pdbx_synchrotron_site       ? 
_diffrn_source.pdbx_synchrotron_beamline   ? 
_diffrn_source.pdbx_wavelength             1.5418 
_diffrn_source.pdbx_wavelength_list        ? 
# 
_reflns.entry_id                     1C8C 
_reflns.observed_criterion_sigma_I   1 
_reflns.observed_criterion_sigma_F   ? 
_reflns.d_resolution_low             20.0 
_reflns.d_resolution_high            1.38 
_reflns.number_obs                   14498 
_reflns.number_all                   ? 
_reflns.percent_possible_obs         89.1 
_reflns.pdbx_Rmerge_I_obs            0.054 
_reflns.pdbx_Rsym_value              ? 
_reflns.pdbx_netI_over_sigmaI        ? 
_reflns.B_iso_Wilson_estimate        ? 
_reflns.pdbx_redundancy              ? 
_reflns.R_free_details               ? 
_reflns.pdbx_diffrn_id               1 
_reflns.pdbx_ordinal                 1 
# 
_refine.entry_id                                 1C8C 
_refine.ls_number_reflns_obs                     ? 
_refine.ls_number_reflns_all                     17583 
_refine.pdbx_ls_sigma_I                          ? 
_refine.pdbx_ls_sigma_F                          4 
_refine.pdbx_data_cutoff_high_absF               ? 
_refine.pdbx_data_cutoff_low_absF                ? 
_refine.pdbx_data_cutoff_high_rms_absF           ? 
_refine.ls_d_res_low                             8.00 
_refine.ls_d_res_high                            1.45 
_refine.ls_percent_reflns_obs                    72.2 
_refine.ls_R_factor_obs                          0.229 
_refine.ls_R_factor_all                          0.229 
_refine.ls_R_factor_R_work                       ? 
_refine.ls_R_factor_R_free                       0.2868 
_refine.ls_R_factor_R_free_error                 ? 
_refine.ls_R_factor_R_free_error_details         ? 
_refine.ls_percent_reflns_R_free                 5.00 
_refine.ls_number_reflns_R_free                  884 
_refine.ls_number_parameters                     ? 
_refine.ls_number_restraints                     ? 
_refine.occupancy_min                            ? 
_refine.occupancy_max                            ? 
_refine.B_iso_mean                               ? 
_refine.aniso_B[1][1]                            ? 
_refine.aniso_B[2][2]                            ? 
_refine.aniso_B[3][3]                            ? 
_refine.aniso_B[1][2]                            ? 
_refine.aniso_B[1][3]                            ? 
_refine.aniso_B[2][3]                            ? 
_refine.solvent_model_details                    ? 
_refine.solvent_model_param_ksol                 ? 
_refine.solvent_model_param_bsol                 ? 
_refine.pdbx_ls_cross_valid_method               THROUGHOUT 
_refine.details                                  ? 
_refine.pdbx_starting_model                      'PDB ENTRY 1AZP' 
_refine.pdbx_method_to_determine_struct          'MOLECULAR REPLACEMENT' 
_refine.pdbx_isotropic_thermal_model             ? 
_refine.pdbx_stereochemistry_target_values       ? 
_refine.pdbx_stereochem_target_val_spec_case     ? 
_refine.pdbx_R_Free_selection_details            'EVERY 20TH REFLECTION' 
_refine.pdbx_overall_ESU_R                       ? 
_refine.pdbx_overall_ESU_R_Free                  ? 
_refine.overall_SU_ML                            ? 
_refine.overall_SU_B                             ? 
_refine.ls_redundancy_reflns_obs                 ? 
_refine.correlation_coeff_Fo_to_Fc               ? 
_refine.correlation_coeff_Fo_to_Fc_free          ? 
_refine.overall_SU_R_Cruickshank_DPI             ? 
_refine.overall_SU_R_free                        ? 
_refine.pdbx_solvent_vdw_probe_radii             ? 
_refine.pdbx_solvent_ion_probe_radii             ? 
_refine.pdbx_solvent_shrinkage_radii             ? 
_refine.pdbx_refine_id                           'X-RAY DIFFRACTION' 
_refine.pdbx_diffrn_id                           1 
_refine.pdbx_TLS_residual_ADP_flag               ? 
_refine.pdbx_overall_phase_error                 ? 
_refine.pdbx_overall_SU_R_free_Cruickshank_DPI   ? 
_refine.pdbx_overall_SU_R_Blow_DPI               ? 
_refine.pdbx_overall_SU_R_free_Blow_DPI          ? 
# 
_refine_hist.pdbx_refine_id                   'X-RAY DIFFRACTION' 
_refine_hist.cycle_id                         LAST 
_refine_hist.pdbx_number_atoms_protein        636 
_refine_hist.pdbx_number_atoms_nucleic_acid   362 
_refine_hist.pdbx_number_atoms_ligand         0 
_refine_hist.number_atoms_solvent             471 
_refine_hist.number_atoms_total               1469 
_refine_hist.d_res_high                       1.45 
_refine_hist.d_res_low                        8.00 
# 
_pdbx_refine.entry_id                                    1C8C 
_pdbx_refine.R_factor_all_no_cutoff                      0.229 
_pdbx_refine.R_factor_obs_no_cutoff                      0.229 
_pdbx_refine.free_R_factor_no_cutoff                     0.2868 
_pdbx_refine.free_R_val_test_set_size_perc_no_cutoff     5.00 
_pdbx_refine.free_R_val_test_set_ct_no_cutoff            884 
_pdbx_refine.R_factor_all_4sig_cutoff                    0.229 
_pdbx_refine.R_factor_obs_4sig_cutoff                    0.1999 
_pdbx_refine.free_R_factor_4sig_cutoff                   0.2585 
_pdbx_refine.free_R_val_test_set_size_perc_4sig_cutoff   5.0 
_pdbx_refine.free_R_val_test_set_ct_4sig_cutoff          587 
_pdbx_refine.number_reflns_obs_4sig_cutoff               11754 
_pdbx_refine.number_reflns_obs_no_cutoff                 ? 
_pdbx_refine.pdbx_refine_id                              'X-RAY DIFFRACTION' 
_pdbx_refine.free_R_error_no_cutoff                      ? 
# 
_struct.entry_id                  1C8C 
_struct.title                     
'CRYSTAL STRUCTURES OF THE CHROMOSOMAL PROTEINS SSO7D/SAC7D BOUND TO DNA CONTAINING T-G MISMATCHED BASE PAIRS' 
_struct.pdbx_model_details        ? 
_struct.pdbx_CASP_flag            ? 
_struct.pdbx_model_type_details   ? 
# 
_struct_keywords.entry_id        1C8C 
_struct_keywords.pdbx_keywords   'DNA BINDING PROTEIN/DNA' 
_struct_keywords.text            
;DNA BINDING PROTEIN, PROTEIN-DNA INTERACTION, PROTEIN STABILITY, HYPERTHERMOPHILE, ACHAEABACTERIA, ELECTROSTATICS, MOLECULAR MODELING, T-G MISMATCH, DNA BINDING PROTEIN-DNA COMPLEX
;
# 
loop_
_struct_asym.id 
_struct_asym.pdbx_blank_PDB_chainid_flag 
_struct_asym.pdbx_modified 
_struct_asym.entity_id 
_struct_asym.details 
A N N 1 ? 
B N N 1 ? 
C N N 2 ? 
D N N 3 ? 
E N N 3 ? 
F N N 3 ? 
# 
_struct_biol.id                    1 
_struct_biol.pdbx_parent_biol_id   ? 
_struct_biol.details               ? 
# 
loop_
_struct_conf.conf_type_id 
_struct_conf.id 
_struct_conf.pdbx_PDB_helix_id 
_struct_conf.beg_label_comp_id 
_struct_conf.beg_label_asym_id 
_struct_conf.beg_label_seq_id 
_struct_conf.pdbx_beg_PDB_ins_code 
_struct_conf.end_label_comp_id 
_struct_conf.end_label_asym_id 
_struct_conf.end_label_seq_id 
_struct_conf.pdbx_end_PDB_ins_code 
_struct_conf.beg_auth_comp_id 
_struct_conf.beg_auth_asym_id 
_struct_conf.beg_auth_seq_id 
_struct_conf.end_auth_comp_id 
_struct_conf.end_auth_asym_id 
_struct_conf.end_auth_seq_id 
_struct_conf.pdbx_PDB_helix_class 
_struct_conf.details 
_struct_conf.pdbx_PDB_helix_length 
HELX_P HELX_P1 1 ILE C 17 ? LYS C 19 ? ILE A 17 LYS A 19 5 ? 3 
HELX_P HELX_P2 2 GLY C 37 ? GLY C 39 ? GLY A 37 GLY A 39 5 ? 3 
HELX_P HELX_P3 3 LYS C 53 ? ALA C 60 ? LYS A 53 ALA A 60 1 ? 8 
# 
_struct_conf_type.id          HELX_P 
_struct_conf_type.criteria    ? 
_struct_conf_type.reference   ? 
# 
loop_
_struct_conn.id 
_struct_conn.conn_type_id 
_struct_conn.pdbx_leaving_atom_flag 
_struct_conn.pdbx_PDB_id 
_struct_conn.ptnr1_label_asym_id 
_struct_conn.ptnr1_label_comp_id 
_struct_conn.ptnr1_label_seq_id 
_struct_conn.ptnr1_label_atom_id 
_struct_conn.pdbx_ptnr1_label_alt_id 
_struct_conn.pdbx_ptnr1_PDB_ins_code 
_struct_conn.pdbx_ptnr1_standard_comp_id 
_struct_conn.ptnr1_symmetry 
_struct_conn.ptnr2_label_asym_id 
_struct_conn.ptnr2_label_comp_id 
_struct_conn.ptnr2_label_seq_id 
_struct_conn.ptnr2_label_atom_id 
_struct_conn.pdbx_ptnr2_label_alt_id 
_struct_conn.pdbx_ptnr2_PDB_ins_code 
_struct_conn.ptnr1_auth_asym_id 
_struct_conn.ptnr1_auth_comp_id 
_struct_conn.ptnr1_auth_seq_id 
_struct_conn.ptnr2_auth_asym_id 
_struct_conn.ptnr2_auth_comp_id 
_struct_conn.ptnr2_auth_seq_id 
_struct_conn.ptnr2_symmetry 
_struct_conn.pdbx_ptnr3_label_atom_id 
_struct_conn.pdbx_ptnr3_label_seq_id 
_struct_conn.pdbx_ptnr3_label_comp_id 
_struct_conn.pdbx_ptnr3_label_asym_id 
_struct_conn.pdbx_ptnr3_label_alt_id 
_struct_conn.pdbx_ptnr3_PDB_ins_code 
_struct_conn.details 
_struct_conn.pdbx_dist_value 
_struct_conn.pdbx_value_order 
_struct_conn.pdbx_role 
hydrog1  hydrog ? ? A DG 1 N1 ? ? ? 1_555 B DC 8 N3 ? ? B DG 101 C DC 116 1_555 ? ? ? ? ? ? WATSON-CRICK ? ? ? 
hydrog2  hydrog ? ? A DG 1 N2 ? ? ? 1_555 B DC 8 O2 ? ? B DG 101 C DC 116 1_555 ? ? ? ? ? ? WATSON-CRICK ? ? ? 
hydrog3  hydrog ? ? A DG 1 O6 ? ? ? 1_555 B DC 8 N4 ? ? B DG 101 C DC 116 1_555 ? ? ? ? ? ? WATSON-CRICK ? ? ? 
hydrog4  hydrog ? ? A DT 2 N3 ? ? ? 1_555 B DG 7 O6 ? ? B DT 102 C DG 115 1_555 ? ? ? ? ? ? TYPE_28_PAIR ? ? ? 
hydrog5  hydrog ? ? A DT 2 O2 ? ? ? 1_555 B DG 7 N1 ? ? B DT 102 C DG 115 1_555 ? ? ? ? ? ? TYPE_28_PAIR ? ? ? 
hydrog6  hydrog ? ? A DG 3 N1 ? ? ? 1_555 B DC 6 N3 ? ? B DG 103 C DC 114 1_555 ? ? ? ? ? ? WATSON-CRICK ? ? ? 
hydrog7  hydrog ? ? A DG 3 N2 ? ? ? 1_555 B DC 6 O2 ? ? B DG 103 C DC 114 1_555 ? ? ? ? ? ? WATSON-CRICK ? ? ? 
hydrog8  hydrog ? ? A DG 3 O6 ? ? ? 1_555 B DC 6 N4 ? ? B DG 103 C DC 114 1_555 ? ? ? ? ? ? WATSON-CRICK ? ? ? 
hydrog9  hydrog ? ? A DA 4 N1 ? ? ? 1_555 B DT 5 N3 ? ? B DA 104 C DT 113 1_555 ? ? ? ? ? ? WATSON-CRICK ? ? ? 
hydrog10 hydrog ? ? A DA 4 N6 ? ? ? 1_555 B DT 5 O4 ? ? B DA 104 C DT 113 1_555 ? ? ? ? ? ? WATSON-CRICK ? ? ? 
hydrog11 hydrog ? ? A DT 5 N3 ? ? ? 1_555 B DA 4 N1 ? ? B DT 105 C DA 112 1_555 ? ? ? ? ? ? WATSON-CRICK ? ? ? 
hydrog12 hydrog ? ? A DT 5 O4 ? ? ? 1_555 B DA 4 N6 ? ? B DT 105 C DA 112 1_555 ? ? ? ? ? ? WATSON-CRICK ? ? ? 
hydrog13 hydrog ? ? A DC 6 N3 ? ? ? 1_555 B DG 3 N1 ? ? B DC 106 C DG 111 1_555 ? ? ? ? ? ? WATSON-CRICK ? ? ? 
hydrog14 hydrog ? ? A DC 6 N4 ? ? ? 1_555 B DG 3 O6 ? ? B DC 106 C DG 111 1_555 ? ? ? ? ? ? WATSON-CRICK ? ? ? 
hydrog15 hydrog ? ? A DC 6 O2 ? ? ? 1_555 B DG 3 N2 ? ? B DC 106 C DG 111 1_555 ? ? ? ? ? ? WATSON-CRICK ? ? ? 
hydrog16 hydrog ? ? A DG 7 N1 ? ? ? 1_555 B DT 2 O2 ? ? B DG 107 C DT 110 1_555 ? ? ? ? ? ? TYPE_28_PAIR ? ? ? 
hydrog17 hydrog ? ? A DG 7 O6 ? ? ? 1_555 B DT 2 N3 ? ? B DG 107 C DT 110 1_555 ? ? ? ? ? ? TYPE_28_PAIR ? ? ? 
hydrog18 hydrog ? ? A DC 8 N3 ? ? ? 1_555 B DG 1 N1 ? ? B DC 108 C DG 109 1_555 ? ? ? ? ? ? WATSON-CRICK ? ? ? 
hydrog19 hydrog ? ? A DC 8 N4 ? ? ? 1_555 B DG 1 O6 ? ? B DC 108 C DG 109 1_555 ? ? ? ? ? ? WATSON-CRICK ? ? ? 
hydrog20 hydrog ? ? A DC 8 O2 ? ? ? 1_555 B DG 1 N2 ? ? B DC 108 C DG 109 1_555 ? ? ? ? ? ? WATSON-CRICK ? ? ? 
# 
_struct_conn_type.id          hydrog 
_struct_conn_type.criteria    ? 
_struct_conn_type.reference   ? 
# 
_struct_mon_prot_cis.pdbx_id                1 
_struct_mon_prot_cis.label_comp_id          GLN 
_struct_mon_prot_cis.label_seq_id           62 
_struct_mon_prot_cis.label_asym_id          C 
_struct_mon_prot_cis.label_alt_id           . 
_struct_mon_prot_cis.pdbx_PDB_ins_code      ? 
_struct_mon_prot_cis.auth_comp_id           GLN 
_struct_mon_prot_cis.auth_seq_id            62 
_struct_mon_prot_cis.auth_asym_id           A 
_struct_mon_prot_cis.pdbx_label_comp_id_2   LYS 
_struct_mon_prot_cis.pdbx_label_seq_id_2    63 
_struct_mon_prot_cis.pdbx_label_asym_id_2   C 
_struct_mon_prot_cis.pdbx_PDB_ins_code_2    ? 
_struct_mon_prot_cis.pdbx_auth_comp_id_2    LYS 
_struct_mon_prot_cis.pdbx_auth_seq_id_2     63 
_struct_mon_prot_cis.pdbx_auth_asym_id_2    A 
_struct_mon_prot_cis.pdbx_PDB_model_num     1 
_struct_mon_prot_cis.pdbx_omega_angle       -10.86 
# 
loop_
_struct_sheet.id 
_struct_sheet.type 
_struct_sheet.number_strands 
_struct_sheet.details 
A ? 2 ? 
B ? 3 ? 
# 
loop_
_struct_sheet_order.sheet_id 
_struct_sheet_order.range_id_1 
_struct_sheet_order.range_id_2 
_struct_sheet_order.offset 
_struct_sheet_order.sense 
A 1 2 ? anti-parallel 
B 1 2 ? anti-parallel 
B 2 3 ? anti-parallel 
# 
loop_
_struct_sheet_range.sheet_id 
_struct_sheet_range.id 
_struct_sheet_range.beg_label_comp_id 
_struct_sheet_range.beg_label_asym_id 
_struct_sheet_range.beg_label_seq_id 
_struct_sheet_range.pdbx_beg_PDB_ins_code 
_struct_sheet_range.end_label_comp_id 
_struct_sheet_range.end_label_asym_id 
_struct_sheet_range.end_label_seq_id 
_struct_sheet_range.pdbx_end_PDB_ins_code 
_struct_sheet_range.beg_auth_comp_id 
_struct_sheet_range.beg_auth_asym_id 
_struct_sheet_range.beg_auth_seq_id 
_struct_sheet_range.end_auth_comp_id 
_struct_sheet_range.end_auth_asym_id 
_struct_sheet_range.end_auth_seq_id 
A 1 THR C 3  ? LYS C 7  ? THR A 3  LYS A 7  
A 2 GLU C 12 ? ASP C 16 ? GLU A 12 ASP A 16 
B 1 THR C 41 ? SER C 47 ? THR A 41 SER A 47 
B 2 MET C 29 ? ASP C 35 ? MET A 29 ASP A 35 
B 3 ILE C 20 ? VAL C 26 ? ILE A 20 VAL A 26 
# 
loop_
_pdbx_struct_sheet_hbond.sheet_id 
_pdbx_struct_sheet_hbond.range_id_1 
_pdbx_struct_sheet_hbond.range_id_2 
_pdbx_struct_sheet_hbond.range_1_label_atom_id 
_pdbx_struct_sheet_hbond.range_1_label_comp_id 
_pdbx_struct_sheet_hbond.range_1_label_asym_id 
_pdbx_struct_sheet_hbond.range_1_label_seq_id 
_pdbx_struct_sheet_hbond.range_1_PDB_ins_code 
_pdbx_struct_sheet_hbond.range_1_auth_atom_id 
_pdbx_struct_sheet_hbond.range_1_auth_comp_id 
_pdbx_struct_sheet_hbond.range_1_auth_asym_id 
_pdbx_struct_sheet_hbond.range_1_auth_seq_id 
_pdbx_struct_sheet_hbond.range_2_label_atom_id 
_pdbx_struct_sheet_hbond.range_2_label_comp_id 
_pdbx_struct_sheet_hbond.range_2_label_asym_id 
_pdbx_struct_sheet_hbond.range_2_label_seq_id 
_pdbx_struct_sheet_hbond.range_2_PDB_ins_code 
_pdbx_struct_sheet_hbond.range_2_auth_atom_id 
_pdbx_struct_sheet_hbond.range_2_auth_comp_id 
_pdbx_struct_sheet_hbond.range_2_auth_asym_id 
_pdbx_struct_sheet_hbond.range_2_auth_seq_id 
A 1 2 O VAL C 4  ? O VAL A 4  N VAL C 15 ? N VAL A 15 
B 1 2 O GLY C 42 ? O GLY A 42 N TYR C 34 ? N TYR A 34 
B 2 3 O MET C 29 ? O MET A 29 N VAL C 26 ? N VAL A 26 
# 
_atom_sites.entry_id                    1C8C 
_atom_sites.fract_transf_matrix[1][1]   0.00779720 
_atom_sites.fract_transf_matrix[1][2]   0.01425168 
_atom_sites.fract_transf_matrix[1][3]   -0.01340841 
_atom_sites.fract_transf_matrix[2][1]   0.01238922 
_atom_sites.fract_transf_matrix[2][2]   0.00669071 
_atom_sites.fract_transf_matrix[2][3]   0.01431601 
_atom_sites.fract_transf_matrix[3][1]   0.01842999 
_atom_sites.fract_transf_matrix[3][2]   -0.01742645 
_atom_sites.fract_transf_matrix[3][3]   -0.00780510 
_atom_sites.fract_transf_vector[1]      0.094614 
_atom_sites.fract_transf_vector[2]      0.366753 
_atom_sites.fract_transf_vector[3]      0.271703 
# 
loop_
_atom_type.symbol 
C 
H 
N 
O 
P 
S 
# 
loop_
_atom_site.group_PDB 
_atom_site.id 
_atom_site.type_symbol 
_atom_site.label_atom_id 
_atom_site.label_alt_id 
_atom_site.label_comp_id 
_atom_site.label_asym_id 
_atom_site.label_entity_id 
_atom_site.label_seq_id 
_atom_site.pdbx_PDB_ins_code 
_atom_site.Cartn_x 
_atom_site.Cartn_y 
_atom_site.Cartn_z 
_atom_site.occupancy 
_atom_site.B_iso_or_equiv 
_atom_site.pdbx_formal_charge 
_atom_site.auth_seq_id 
_atom_site.auth_comp_id 
_atom_site.auth_asym_id 
_atom_site.auth_atom_id 
_atom_site.pdbx_PDB_model_num 
ATOM   1    O "O5'"  . DG  A 1 1  ? 15.313  -17.935 5.779   1.00 31.56  ? 101  DG  B "O5'"  1 
ATOM   2    C "C5'"  . DG  A 1 1  ? 15.265  -18.100 7.198   1.00 27.95  ? 101  DG  B "C5'"  1 
ATOM   3    C "C4'"  . DG  A 1 1  ? 14.157  -17.323 7.836   1.00 19.37  ? 101  DG  B "C4'"  1 
ATOM   4    O "O4'"  . DG  A 1 1  ? 14.404  -15.902 7.707   1.00 17.72  ? 101  DG  B "O4'"  1 
ATOM   5    C "C3'"  . DG  A 1 1  ? 12.722  -17.554 7.361   1.00 30.68  ? 101  DG  B "C3'"  1 
ATOM   6    O "O3'"  . DG  A 1 1  ? 11.873  -17.541 8.517   1.00 22.90  ? 101  DG  B "O3'"  1 
ATOM   7    C "C2'"  . DG  A 1 1  ? 12.448  -16.353 6.469   1.00 24.59  ? 101  DG  B "C2'"  1 
ATOM   8    C "C1'"  . DG  A 1 1  ? 13.266  -15.254 7.127   1.00 17.67  ? 101  DG  B "C1'"  1 
ATOM   9    N N9     . DG  A 1 1  ? 13.791  -14.273 6.174   1.00 15.70  ? 101  DG  B N9     1 
ATOM   10   C C8     . DG  A 1 1  ? 14.448  -14.516 4.998   1.00 13.85  ? 101  DG  B C8     1 
ATOM   11   N N7     . DG  A 1 1  ? 14.970  -13.462 4.440   1.00 18.17  ? 101  DG  B N7     1 
ATOM   12   C C5     . DG  A 1 1  ? 14.599  -12.430 5.308   1.00 15.25  ? 101  DG  B C5     1 
ATOM   13   C C6     . DG  A 1 1  ? 14.931  -11.049 5.294   1.00 14.23  ? 101  DG  B C6     1 
ATOM   14   O O6     . DG  A 1 1  ? 15.473  -10.389 4.411   1.00 12.78  ? 101  DG  B O6     1 
ATOM   15   N N1     . DG  A 1 1  ? 14.365  -10.401 6.389   1.00 13.15  ? 101  DG  B N1     1 
ATOM   16   C C2     . DG  A 1 1  ? 13.675  -10.990 7.401   1.00 17.44  ? 101  DG  B C2     1 
ATOM   17   N N2     . DG  A 1 1  ? 13.240  -10.200 8.399   1.00 17.78  ? 101  DG  B N2     1 
ATOM   18   N N3     . DG  A 1 1  ? 13.414  -12.291 7.465   1.00 18.37  ? 101  DG  B N3     1 
ATOM   19   C C4     . DG  A 1 1  ? 13.882  -12.915 6.378   1.00 15.02  ? 101  DG  B C4     1 
ATOM   20   H H1     . DG  A 1 1  ? 14.477  -9.399  6.435   1.00 0.00   ? 101  DG  B H1     1 
ATOM   21   H H21    . DG  A 1 1  ? 12.729  -10.600 9.173   1.00 0.00   ? 101  DG  B H21    1 
ATOM   22   H H22    . DG  A 1 1  ? 13.425  -9.208  8.375   1.00 0.00   ? 101  DG  B H22    1 
ATOM   23   H "HO5'" . DG  A 1 1  ? 15.447  -17.000 5.605   1.00 0.00   ? 101  DG  B "HO5'" 1 
ATOM   24   P P      . DT  A 1 2  ? 10.297  -17.893 8.427   1.00 31.38  ? 102  DT  B P      1 
ATOM   25   O OP1    . DT  A 1 2  ? 9.847   -18.385 9.735   1.00 34.57  ? 102  DT  B OP1    1 
ATOM   26   O OP2    . DT  A 1 2  ? 10.057  -18.549 7.128   1.00 28.83  ? 102  DT  B OP2    1 
ATOM   27   O "O5'"  . DT  A 1 2  ? 9.671   -16.416 8.253   1.00 22.68  ? 102  DT  B "O5'"  1 
ATOM   28   C "C5'"  . DT  A 1 2  ? 9.548   -15.531 9.394   1.00 17.91  ? 102  DT  B "C5'"  1 
ATOM   29   C "C4'"  . DT  A 1 2  ? 8.978   -14.203 8.869   1.00 19.87  ? 102  DT  B "C4'"  1 
ATOM   30   O "O4'"  . DT  A 1 2  ? 9.992   -13.641 7.983   1.00 18.89  ? 102  DT  B "O4'"  1 
ATOM   31   C "C3'"  . DT  A 1 2  ? 7.795   -14.433 7.899   1.00 17.81  ? 102  DT  B "C3'"  1 
ATOM   32   O "O3'"  . DT  A 1 2  ? 6.590   -14.332 8.644   1.00 23.56  ? 102  DT  B "O3'"  1 
ATOM   33   C "C2'"  . DT  A 1 2  ? 7.935   -13.285 6.922   1.00 19.64  ? 102  DT  B "C2'"  1 
ATOM   34   C "C1'"  . DT  A 1 2  ? 9.343   -12.777 7.053   1.00 14.45  ? 102  DT  B "C1'"  1 
ATOM   35   N N1     . DT  A 1 2  ? 10.165  -12.594 5.848   1.00 16.84  ? 102  DT  B N1     1 
ATOM   36   C C2     . DT  A 1 2  ? 10.743  -11.376 5.598   1.00 17.32  ? 102  DT  B C2     1 
ATOM   37   O O2     . DT  A 1 2  ? 10.554  -10.450 6.370   1.00 16.10  ? 102  DT  B O2     1 
ATOM   38   N N3     . DT  A 1 2  ? 11.530  -11.284 4.467   1.00 12.77  ? 102  DT  B N3     1 
ATOM   39   C C4     . DT  A 1 2  ? 11.707  -12.267 3.513   1.00 15.16  ? 102  DT  B C4     1 
ATOM   40   O O4     . DT  A 1 2  ? 12.473  -12.174 2.539   1.00 16.92  ? 102  DT  B O4     1 
ATOM   41   C C5     . DT  A 1 2  ? 11.194  -13.561 3.898   1.00 13.40  ? 102  DT  B C5     1 
ATOM   42   C C7     . DT  A 1 2  ? 11.384  -14.696 2.931   1.00 20.05  ? 102  DT  B C7     1 
ATOM   43   C C6     . DT  A 1 2  ? 10.399  -13.642 4.971   1.00 16.96  ? 102  DT  B C6     1 
ATOM   44   H H3     . DT  A 1 2  ? 12.022  -10.413 4.322   1.00 0.00   ? 102  DT  B H3     1 
ATOM   45   P P      . DG  A 1 3  ? 5.180   -14.933 8.139   1.00 30.60  ? 103  DG  B P      1 
ATOM   46   O OP1    . DG  A 1 3  ? 4.303   -15.096 9.310   1.00 44.73  ? 103  DG  B OP1    1 
ATOM   47   O OP2    . DG  A 1 3  ? 5.396   -16.004 7.144   1.00 37.73  ? 103  DG  B OP2    1 
ATOM   48   O "O5'"  . DG  A 1 3  ? 4.673   -13.727 7.231   1.00 25.09  ? 103  DG  B "O5'"  1 
ATOM   49   C "C5'"  . DG  A 1 3  ? 3.981   -12.563 7.692   1.00 20.50  ? 103  DG  B "C5'"  1 
ATOM   50   C "C4'"  . DG  A 1 3  ? 3.173   -12.136 6.461   1.00 17.54  ? 103  DG  B "C4'"  1 
ATOM   51   O "O4'"  . DG  A 1 3  ? 4.084   -11.696 5.442   1.00 13.79  ? 103  DG  B "O4'"  1 
ATOM   52   C "C3'"  . DG  A 1 3  ? 2.342   -13.258 5.826   1.00 10.88  ? 103  DG  B "C3'"  1 
ATOM   53   O "O3'"  . DG  A 1 3  ? 1.075   -12.612 5.596   1.00 15.13  ? 103  DG  B "O3'"  1 
ATOM   54   C "C2'"  . DG  A 1 3  ? 2.993   -13.546 4.502   1.00 13.70  ? 103  DG  B "C2'"  1 
ATOM   55   C "C1'"  . DG  A 1 3  ? 3.831   -12.312 4.193   1.00 13.74  ? 103  DG  B "C1'"  1 
ATOM   56   N N9     . DG  A 1 3  ? 5.142   -12.550 3.578   1.00 14.68  ? 103  DG  B N9     1 
ATOM   57   C C8     . DG  A 1 3  ? 5.958   -13.646 3.765   1.00 11.50  ? 103  DG  B C8     1 
ATOM   58   N N7     . DG  A 1 3  ? 7.169   -13.454 3.295   1.00 14.86  ? 103  DG  B N7     1 
ATOM   59   C C5     . DG  A 1 3  ? 7.115   -12.186 2.678   1.00 11.38  ? 103  DG  B C5     1 
ATOM   60   C C6     . DG  A 1 3  ? 8.115   -11.444 2.008   1.00 12.13  ? 103  DG  B C6     1 
ATOM   61   O O6     . DG  A 1 3  ? 9.318   -11.702 1.858   1.00 14.86  ? 103  DG  B O6     1 
ATOM   62   N N1     . DG  A 1 3  ? 7.644   -10.192 1.594   1.00 9.90   ? 103  DG  B N1     1 
ATOM   63   C C2     . DG  A 1 3  ? 6.353   -9.727  1.788   1.00 9.19   ? 103  DG  B C2     1 
ATOM   64   N N2     . DG  A 1 3  ? 6.092   -8.511  1.294   1.00 10.69  ? 103  DG  B N2     1 
ATOM   65   N N3     . DG  A 1 3  ? 5.417   -10.426 2.416   1.00 12.56  ? 103  DG  B N3     1 
ATOM   66   C C4     . DG  A 1 3  ? 5.846   -11.652 2.798   1.00 12.04  ? 103  DG  B C4     1 
ATOM   67   H H1     . DG  A 1 3  ? 8.293   -9.584  1.118   1.00 0.00   ? 103  DG  B H1     1 
ATOM   68   H H21    . DG  A 1 3  ? 5.170   -8.111  1.397   1.00 0.00   ? 103  DG  B H21    1 
ATOM   69   H H22    . DG  A 1 3  ? 6.816   -7.992  0.817   1.00 0.00   ? 103  DG  B H22    1 
ATOM   70   P P      . DA  A 1 4  ? -0.174  -13.344 4.893   1.00 15.45  ? 104  DA  B P      1 
ATOM   71   O OP1    . DA  A 1 4  ? -1.337  -12.532 5.294   1.00 15.91  ? 104  DA  B OP1    1 
ATOM   72   O OP2    . DA  A 1 4  ? -0.088  -14.805 5.114   1.00 20.46  ? 104  DA  B OP2    1 
ATOM   73   O "O5'"  . DA  A 1 4  ? 0.086   -13.187 3.319   1.00 15.83  ? 104  DA  B "O5'"  1 
ATOM   74   C "C5'"  . DA  A 1 4  ? -0.112  -11.846 2.785   1.00 11.13  ? 104  DA  B "C5'"  1 
ATOM   75   C "C4'"  . DA  A 1 4  ? 0.448   -11.735 1.402   1.00 12.42  ? 104  DA  B "C4'"  1 
ATOM   76   O "O4'"  . DA  A 1 4  ? 1.886   -11.874 1.356   1.00 13.53  ? 104  DA  B "O4'"  1 
ATOM   77   C "C3'"  . DA  A 1 4  ? -0.092  -12.807 0.444   1.00 14.61  ? 104  DA  B "C3'"  1 
ATOM   78   O "O3'"  . DA  A 1 4  ? -1.300  -12.335 -0.158  1.00 15.97  ? 104  DA  B "O3'"  1 
ATOM   79   C "C2'"  . DA  A 1 4  ? 1.041   -13.012 -0.534  1.00 14.15  ? 104  DA  B "C2'"  1 
ATOM   80   C "C1'"  . DA  A 1 4  ? 2.193   -12.165 -0.008  1.00 10.88  ? 104  DA  B "C1'"  1 
ATOM   81   N N9     . DA  A 1 4  ? 3.497   -12.833 -0.100  1.00 11.98  ? 104  DA  B N9     1 
ATOM   82   C C8     . DA  A 1 4  ? 3.877   -14.055 0.378   1.00 16.38  ? 104  DA  B C8     1 
ATOM   83   N N7     . DA  A 1 4  ? 5.174   -14.279 0.388   1.00 13.61  ? 104  DA  B N7     1 
ATOM   84   C C5     . DA  A 1 4  ? 5.679   -13.159 -0.262  1.00 10.34  ? 104  DA  B C5     1 
ATOM   85   C C6     . DA  A 1 4  ? 6.963   -12.848 -0.735  1.00 7.71   ? 104  DA  B C6     1 
ATOM   86   N N6     . DA  A 1 4  ? 8.016   -13.614 -0.537  1.00 12.17  ? 104  DA  B N6     1 
ATOM   87   N N1     . DA  A 1 4  ? 7.116   -11.687 -1.379  1.00 13.38  ? 104  DA  B N1     1 
ATOM   88   C C2     . DA  A 1 4  ? 6.056   -10.902 -1.597  1.00 14.63  ? 104  DA  B C2     1 
ATOM   89   N N3     . DA  A 1 4  ? 4.789   -11.123 -1.243  1.00 17.04  ? 104  DA  B N3     1 
ATOM   90   C C4     . DA  A 1 4  ? 4.666   -12.301 -0.611  1.00 15.39  ? 104  DA  B C4     1 
ATOM   91   H H61    . DA  A 1 4  ? 7.923   -14.478 -0.021  1.00 0.00   ? 104  DA  B H61    1 
ATOM   92   H H62    . DA  A 1 4  ? 8.917   -13.338 -0.902  1.00 0.00   ? 104  DA  B H62    1 
ATOM   93   P P      . DT  A 1 5  ? -1.993  -12.930 -1.472  1.00 16.91  ? 105  DT  B P      1 
ATOM   94   O OP1    . DT  A 1 5  ? -3.337  -12.325 -1.530  1.00 18.42  ? 105  DT  B OP1    1 
ATOM   95   O OP2    . DT  A 1 5  ? -1.839  -14.403 -1.503  1.00 15.41  ? 105  DT  B OP2    1 
ATOM   96   O "O5'"  . DT  A 1 5  ? -1.139  -12.384 -2.692  1.00 13.87  ? 105  DT  B "O5'"  1 
ATOM   97   C "C5'"  . DT  A 1 5  ? -0.896  -10.970 -2.812  1.00 15.61  ? 105  DT  B "C5'"  1 
ATOM   98   C "C4'"  . DT  A 1 5  ? 0.230   -10.770 -3.815  1.00 12.28  ? 105  DT  B "C4'"  1 
ATOM   99   O "O4'"  . DT  A 1 5  ? 1.458   -11.374 -3.324  1.00 11.35  ? 105  DT  B "O4'"  1 
ATOM   100  C "C3'"  . DT  A 1 5  ? -0.043  -11.515 -5.128  1.00 14.49  ? 105  DT  B "C3'"  1 
ATOM   101  O "O3'"  . DT  A 1 5  ? -0.695  -10.649 -6.041  1.00 20.26  ? 105  DT  B "O3'"  1 
ATOM   102  C "C2'"  . DT  A 1 5  ? 1.345   -11.889 -5.611  1.00 12.97  ? 105  DT  B "C2'"  1 
ATOM   103  C "C1'"  . DT  A 1 5  ? 2.267   -11.506 -4.483  1.00 14.39  ? 105  DT  B "C1'"  1 
ATOM   104  N N1     . DT  A 1 5  ? 3.294   -12.489 -4.147  1.00 12.75  ? 105  DT  B N1     1 
ATOM   105  C C2     . DT  A 1 5  ? 4.599   -12.182 -4.413  1.00 13.68  ? 105  DT  B C2     1 
ATOM   106  O O2     . DT  A 1 5  ? 5.014   -11.174 -4.950  1.00 12.86  ? 105  DT  B O2     1 
ATOM   107  N N3     . DT  A 1 5  ? 5.478   -13.112 -3.949  1.00 11.62  ? 105  DT  B N3     1 
ATOM   108  C C4     . DT  A 1 5  ? 5.181   -14.319 -3.362  1.00 13.48  ? 105  DT  B C4     1 
ATOM   109  O O4     . DT  A 1 5  ? 6.101   -15.080 -3.115  1.00 15.10  ? 105  DT  B O4     1 
ATOM   110  C C5     . DT  A 1 5  ? 3.779   -14.604 -3.184  1.00 14.92  ? 105  DT  B C5     1 
ATOM   111  C C7     . DT  A 1 5  ? 3.422   -15.893 -2.513  1.00 15.55  ? 105  DT  B C7     1 
ATOM   112  C C6     . DT  A 1 5  ? 2.902   -13.668 -3.542  1.00 11.61  ? 105  DT  B C6     1 
ATOM   113  H H3     . DT  A 1 5  ? 6.458   -12.890 -4.047  1.00 0.00   ? 105  DT  B H3     1 
ATOM   114  P P      . DC  A 1 6  ? -1.125  -11.036 -7.538  1.00 18.49  ? 106  DC  B P      1 
ATOM   115  O OP1    . DC  A 1 6  ? -2.261  -10.169 -7.883  1.00 24.91  ? 106  DC  B OP1    1 
ATOM   116  O OP2    . DC  A 1 6  ? -1.238  -12.523 -7.615  1.00 25.60  ? 106  DC  B OP2    1 
ATOM   117  O "O5'"  . DC  A 1 6  ? 0.137   -10.664 -8.393  1.00 14.82  ? 106  DC  B "O5'"  1 
ATOM   118  C "C5'"  . DC  A 1 6  ? 0.705   -9.349  -8.357  1.00 11.73  ? 106  DC  B "C5'"  1 
ATOM   119  C "C4'"  . DC  A 1 6  ? 1.990   -9.379  -9.148  1.00 15.20  ? 106  DC  B "C4'"  1 
ATOM   120  O "O4'"  . DC  A 1 6  ? 2.973   -10.239 -8.550  1.00 13.51  ? 106  DC  B "O4'"  1 
ATOM   121  C "C3'"  . DC  A 1 6  ? 1.852   -9.789  -10.620 1.00 15.56  ? 106  DC  B "C3'"  1 
ATOM   122  O "O3'"  . DC  A 1 6  ? 2.672   -8.858  -11.326 1.00 14.97  ? 106  DC  B "O3'"  1 
ATOM   123  C "C2'"  . DC  A 1 6  ? 2.507   -11.176 -10.645 1.00 14.91  ? 106  DC  B "C2'"  1 
ATOM   124  C "C1'"  . DC  A 1 6  ? 3.580   -11.079 -9.544  1.00 12.30  ? 106  DC  B "C1'"  1 
ATOM   125  N N1     . DC  A 1 6  ? 3.833   -12.393 -8.903  1.00 14.47  ? 106  DC  B N1     1 
ATOM   126  C C2     . DC  A 1 6  ? 5.163   -12.754 -8.628  1.00 11.82  ? 106  DC  B C2     1 
ATOM   127  O O2     . DC  A 1 6  ? 6.082   -12.059 -9.097  1.00 12.75  ? 106  DC  B O2     1 
ATOM   128  N N3     . DC  A 1 6  ? 5.379   -13.876 -7.896  1.00 13.21  ? 106  DC  B N3     1 
ATOM   129  C C4     . DC  A 1 6  ? 4.383   -14.590 -7.382  1.00 16.35  ? 106  DC  B C4     1 
ATOM   130  N N4     . DC  A 1 6  ? 4.696   -15.591 -6.557  1.00 13.38  ? 106  DC  B N4     1 
ATOM   131  C C5     . DC  A 1 6  ? 3.018   -14.253 -7.639  1.00 14.55  ? 106  DC  B C5     1 
ATOM   132  C C6     . DC  A 1 6  ? 2.817   -13.168 -8.424  1.00 16.16  ? 106  DC  B C6     1 
ATOM   133  H H41    . DC  A 1 6  ? 3.963   -16.122 -6.106  1.00 0.00   ? 106  DC  B H41    1 
ATOM   134  H H42    . DC  A 1 6  ? 5.664   -15.819 -6.384  1.00 0.00   ? 106  DC  B H42    1 
ATOM   135  P P      . DG  A 1 7  ? 2.495   -8.618  -12.910 1.00 21.10  ? 107  DG  B P      1 
ATOM   136  O OP1    . DG  A 1 7  ? 3.027   -7.251  -13.185 1.00 22.28  ? 107  DG  B OP1    1 
ATOM   137  O OP2    . DG  A 1 7  ? 1.125   -8.968  -13.288 1.00 24.33  ? 107  DG  B OP2    1 
ATOM   138  O "O5'"  . DG  A 1 7  ? 3.452   -9.715  -13.552 1.00 19.85  ? 107  DG  B "O5'"  1 
ATOM   139  C "C5'"  . DG  A 1 7  ? 4.872   -9.422  -13.467 1.00 22.01  ? 107  DG  B "C5'"  1 
ATOM   140  C "C4'"  . DG  A 1 7  ? 5.595   -10.692 -13.841 1.00 20.14  ? 107  DG  B "C4'"  1 
ATOM   141  O "O4'"  . DG  A 1 7  ? 5.472   -11.642 -12.756 1.00 15.85  ? 107  DG  B "O4'"  1 
ATOM   142  C "C3'"  . DG  A 1 7  ? 4.950   -11.354 -15.083 1.00 18.83  ? 107  DG  B "C3'"  1 
ATOM   143  O "O3'"  . DG  A 1 7  ? 6.078   -11.633 -15.928 1.00 23.12  ? 107  DG  B "O3'"  1 
ATOM   144  C "C2'"  . DG  A 1 7  ? 4.423   -12.674 -14.538 1.00 20.34  ? 107  DG  B "C2'"  1 
ATOM   145  C "C1'"  . DG  A 1 7  ? 5.394   -12.926 -13.398 1.00 22.00  ? 107  DG  B "C1'"  1 
ATOM   146  N N9     . DG  A 1 7  ? 5.031   -13.940 -12.433 1.00 16.60  ? 107  DG  B N9     1 
ATOM   147  C C8     . DG  A 1 7  ? 3.766   -14.225 -11.966 1.00 15.92  ? 107  DG  B C8     1 
ATOM   148  N N7     . DG  A 1 7  ? 3.758   -15.140 -11.030 1.00 14.49  ? 107  DG  B N7     1 
ATOM   149  C C5     . DG  A 1 7  ? 5.097   -15.472 -10.881 1.00 11.75  ? 107  DG  B C5     1 
ATOM   150  C C6     . DG  A 1 7  ? 5.700   -16.479 -10.068 1.00 17.33  ? 107  DG  B C6     1 
ATOM   151  O O6     . DG  A 1 7  ? 5.180   -17.292 -9.302  1.00 13.98  ? 107  DG  B O6     1 
ATOM   152  N N1     . DG  A 1 7  ? 7.078   -16.532 -10.229 1.00 15.35  ? 107  DG  B N1     1 
ATOM   153  C C2     . DG  A 1 7  ? 7.767   -15.735 -11.093 1.00 19.80  ? 107  DG  B C2     1 
ATOM   154  N N2     . DG  A 1 7  ? 9.086   -15.932 -11.094 1.00 22.89  ? 107  DG  B N2     1 
ATOM   155  N N3     . DG  A 1 7  ? 7.225   -14.844 -11.903 1.00 20.07  ? 107  DG  B N3     1 
ATOM   156  C C4     . DG  A 1 7  ? 5.876   -14.835 -11.822 1.00 15.50  ? 107  DG  B C4     1 
ATOM   157  H H1     . DG  A 1 7  ? 7.598   -17.196 -9.674  1.00 0.00   ? 107  DG  B H1     1 
ATOM   158  H H21    . DG  A 1 7  ? 9.676   -15.396 -11.715 1.00 0.00   ? 107  DG  B H21    1 
ATOM   159  H H22    . DG  A 1 7  ? 9.496   -16.614 -10.473 1.00 0.00   ? 107  DG  B H22    1 
ATOM   160  P P      . DC  A 1 8  ? 5.882   -11.937 -17.511 1.00 25.71  ? 108  DC  B P      1 
ATOM   161  O OP1    . DC  A 1 8  ? 7.108   -11.445 -18.180 1.00 31.80  ? 108  DC  B OP1    1 
ATOM   162  O OP2    . DC  A 1 8  ? 4.550   -11.378 -17.879 1.00 31.66  ? 108  DC  B OP2    1 
ATOM   163  O "O5'"  . DC  A 1 8  ? 5.726   -13.504 -17.586 1.00 25.14  ? 108  DC  B "O5'"  1 
ATOM   164  C "C5'"  . DC  A 1 8  ? 6.723   -14.454 -17.966 1.00 36.69  ? 108  DC  B "C5'"  1 
ATOM   165  C "C4'"  . DC  A 1 8  ? 7.591   -14.834 -16.796 1.00 38.80  ? 108  DC  B "C4'"  1 
ATOM   166  O "O4'"  . DC  A 1 8  ? 6.833   -15.031 -15.582 1.00 29.07  ? 108  DC  B "O4'"  1 
ATOM   167  C "C3'"  . DC  A 1 8  ? 8.473   -16.060 -16.989 1.00 40.39  ? 108  DC  B "C3'"  1 
ATOM   168  O "O3'"  . DC  A 1 8  ? 9.820   -15.761 -16.580 1.00 70.86  ? 108  DC  B "O3'"  1 
ATOM   169  C "C2'"  . DC  A 1 8  ? 7.890   -17.093 -16.048 1.00 28.90  ? 108  DC  B "C2'"  1 
ATOM   170  C "C1'"  . DC  A 1 8  ? 7.270   -16.233 -14.958 1.00 27.33  ? 108  DC  B "C1'"  1 
ATOM   171  N N1     . DC  A 1 8  ? 6.057   -16.881 -14.440 1.00 23.55  ? 108  DC  B N1     1 
ATOM   172  C C2     . DC  A 1 8  ? 6.293   -17.856 -13.466 1.00 15.69  ? 108  DC  B C2     1 
ATOM   173  O O2     . DC  A 1 8  ? 7.468   -18.205 -13.280 1.00 21.08  ? 108  DC  B O2     1 
ATOM   174  N N3     . DC  A 1 8  ? 5.239   -18.322 -12.789 1.00 16.15  ? 108  DC  B N3     1 
ATOM   175  C C4     . DC  A 1 8  ? 4.016   -17.843 -13.023 1.00 12.30  ? 108  DC  B C4     1 
ATOM   176  N N4     . DC  A 1 8  ? 3.010   -18.453 -12.390 1.00 15.26  ? 108  DC  B N4     1 
ATOM   177  C C5     . DC  A 1 8  ? 3.759   -16.974 -14.119 1.00 14.71  ? 108  DC  B C5     1 
ATOM   178  C C6     . DC  A 1 8  ? 4.814   -16.471 -14.770 1.00 17.99  ? 108  DC  B C6     1 
ATOM   179  H "HO3'" . DC  A 1 8  ? 9.789   -15.515 -15.653 1.00 0.00   ? 108  DC  B "HO3'" 1 
ATOM   180  H H41    . DC  A 1 8  ? 2.058   -18.298 -12.689 1.00 0.00   ? 108  DC  B H41    1 
ATOM   181  H H42    . DC  A 1 8  ? 3.203   -19.068 -11.612 1.00 0.00   ? 108  DC  B H42    1 
ATOM   182  O "O5'"  . DG  B 1 1  ? 6.291   -27.477 -6.130  1.00 54.36  ? 109  DG  C "O5'"  1 
ATOM   183  C "C5'"  . DG  B 1 1  ? 6.558   -27.416 -7.546  1.00 26.89  ? 109  DG  C "C5'"  1 
ATOM   184  C "C4'"  . DG  B 1 1  ? 7.823   -26.629 -7.767  1.00 20.10  ? 109  DG  C "C4'"  1 
ATOM   185  O "O4'"  . DG  B 1 1  ? 7.543   -25.534 -8.678  1.00 22.29  ? 109  DG  C "O4'"  1 
ATOM   186  C "C3'"  . DG  B 1 1  ? 8.461   -26.016 -6.515  1.00 23.66  ? 109  DG  C "C3'"  1 
ATOM   187  O "O3'"  . DG  B 1 1  ? 9.880   -25.981 -6.712  1.00 28.00  ? 109  DG  C "O3'"  1 
ATOM   188  C "C2'"  . DG  B 1 1  ? 7.863   -24.614 -6.514  1.00 24.14  ? 109  DG  C "C2'"  1 
ATOM   189  C "C1'"  . DG  B 1 1  ? 7.708   -24.295 -7.991  1.00 30.66  ? 109  DG  C "C1'"  1 
ATOM   190  N N9     . DG  B 1 1  ? 6.548   -23.459 -8.318  1.00 31.45  ? 109  DG  C N9     1 
ATOM   191  C C8     . DG  B 1 1  ? 5.277   -23.621 -7.810  1.00 38.14  ? 109  DG  C C8     1 
ATOM   192  N N7     . DG  B 1 1  ? 4.412   -22.800 -8.337  1.00 30.43  ? 109  DG  C N7     1 
ATOM   193  C C5     . DG  B 1 1  ? 5.157   -22.057 -9.242  1.00 23.90  ? 109  DG  C C5     1 
ATOM   194  C C6     . DG  B 1 1  ? 4.745   -20.993 -10.091 1.00 22.76  ? 109  DG  C C6     1 
ATOM   195  O O6     . DG  B 1 1  ? 3.607   -20.516 -10.193 1.00 21.92  ? 109  DG  C O6     1 
ATOM   196  N N1     . DG  B 1 1  ? 5.826   -20.503 -10.812 1.00 22.91  ? 109  DG  C N1     1 
ATOM   197  C C2     . DG  B 1 1  ? 7.129   -20.946 -10.720 1.00 14.98  ? 109  DG  C C2     1 
ATOM   198  N N2     . DG  B 1 1  ? 8.049   -20.340 -11.493 1.00 21.02  ? 109  DG  C N2     1 
ATOM   199  N N3     . DG  B 1 1  ? 7.513   -21.874 -9.874  1.00 14.11  ? 109  DG  C N3     1 
ATOM   200  C C4     . DG  B 1 1  ? 6.479   -22.443 -9.238  1.00 14.37  ? 109  DG  C C4     1 
ATOM   201  H H1     . DG  B 1 1  ? 5.642   -19.754 -11.464 1.00 0.00   ? 109  DG  C H1     1 
ATOM   202  H H21    . DG  B 1 1  ? 9.022   -20.601 -11.417 1.00 0.00   ? 109  DG  C H21    1 
ATOM   203  H H22    . DG  B 1 1  ? 7.768   -19.624 -12.147 1.00 0.00   ? 109  DG  C H22    1 
ATOM   204  H "HO5'" . DG  B 1 1  ? 7.040   -27.911 -5.716  1.00 0.00   ? 109  DG  C "HO5'" 1 
ATOM   205  P P      . DT  B 1 2  ? 10.954  -25.353 -5.684  1.00 26.46  ? 110  DT  C P      1 
ATOM   206  O OP1    . DT  B 1 2  ? 12.212  -26.109 -5.888  1.00 32.83  ? 110  DT  C OP1    1 
ATOM   207  O OP2    . DT  B 1 2  ? 10.350  -25.353 -4.338  1.00 27.53  ? 110  DT  C OP2    1 
ATOM   208  O "O5'"  . DT  B 1 2  ? 11.089  -23.846 -6.171  1.00 19.58  ? 110  DT  C "O5'"  1 
ATOM   209  C "C5'"  . DT  B 1 2  ? 11.489  -23.512 -7.497  1.00 19.23  ? 110  DT  C "C5'"  1 
ATOM   210  C "C4'"  . DT  B 1 2  ? 11.475  -22.026 -7.713  1.00 25.60  ? 110  DT  C "C4'"  1 
ATOM   211  O "O4'"  . DT  B 1 2  ? 10.102  -21.575 -7.868  1.00 20.31  ? 110  DT  C "O4'"  1 
ATOM   212  C "C3'"  . DT  B 1 2  ? 12.076  -21.207 -6.555  1.00 22.64  ? 110  DT  C "C3'"  1 
ATOM   213  O "O3'"  . DT  B 1 2  ? 12.909  -20.215 -7.143  1.00 28.13  ? 110  DT  C "O3'"  1 
ATOM   214  C "C2'"  . DT  B 1 2  ? 10.867  -20.479 -5.981  1.00 24.79  ? 110  DT  C "C2'"  1 
ATOM   215  C "C1'"  . DT  B 1 2  ? 10.039  -20.286 -7.252  1.00 27.83  ? 110  DT  C "C1'"  1 
ATOM   216  N N1     . DT  B 1 2  ? 8.608   -20.090 -6.993  1.00 22.72  ? 110  DT  C N1     1 
ATOM   217  C C2     . DT  B 1 2  ? 7.958   -19.202 -7.805  1.00 26.64  ? 110  DT  C C2     1 
ATOM   218  O O2     . DT  B 1 2  ? 8.479   -18.539 -8.673  1.00 21.38  ? 110  DT  C O2     1 
ATOM   219  N N3     . DT  B 1 2  ? 6.620   -19.076 -7.560  1.00 24.19  ? 110  DT  C N3     1 
ATOM   220  C C4     . DT  B 1 2  ? 5.900   -19.780 -6.608  1.00 24.53  ? 110  DT  C C4     1 
ATOM   221  O O4     . DT  B 1 2  ? 4.702   -19.527 -6.604  1.00 29.18  ? 110  DT  C O4     1 
ATOM   222  C C5     . DT  B 1 2  ? 6.662   -20.678 -5.763  1.00 19.27  ? 110  DT  C C5     1 
ATOM   223  C C7     . DT  B 1 2  ? 5.950   -21.580 -4.801  1.00 27.35  ? 110  DT  C C7     1 
ATOM   224  C C6     . DT  B 1 2  ? 7.964   -20.821 -6.017  1.00 21.29  ? 110  DT  C C6     1 
ATOM   225  H H3     . DT  B 1 2  ? 6.110   -18.410 -8.123  1.00 0.00   ? 110  DT  C H3     1 
ATOM   226  P P      . DG  B 1 3  ? 14.390  -19.832 -6.646  1.00 25.18  ? 111  DG  C P      1 
ATOM   227  O OP1    . DG  B 1 3  ? 15.386  -20.772 -7.214  1.00 29.11  ? 111  DG  C OP1    1 
ATOM   228  O OP2    . DG  B 1 3  ? 14.255  -19.620 -5.190  1.00 23.45  ? 111  DG  C OP2    1 
ATOM   229  O "O5'"  . DG  B 1 3  ? 14.628  -18.458 -7.390  1.00 24.71  ? 111  DG  C "O5'"  1 
ATOM   230  C "C5'"  . DG  B 1 3  ? 14.696  -18.456 -8.841  1.00 17.79  ? 111  DG  C "C5'"  1 
ATOM   231  C "C4'"  . DG  B 1 3  ? 14.717  -16.986 -9.215  1.00 21.14  ? 111  DG  C "C4'"  1 
ATOM   232  O "O4'"  . DG  B 1 3  ? 13.357  -16.520 -8.992  1.00 21.86  ? 111  DG  C "O4'"  1 
ATOM   233  C "C3'"  . DG  B 1 3  ? 15.570  -16.166 -8.220  1.00 15.98  ? 111  DG  C "C3'"  1 
ATOM   234  O "O3'"  . DG  B 1 3  ? 16.076  -15.057 -9.003  1.00 21.52  ? 111  DG  C "O3'"  1 
ATOM   235  C "C2'"  . DG  B 1 3  ? 14.558  -15.670 -7.191  1.00 17.68  ? 111  DG  C "C2'"  1 
ATOM   236  C "C1'"  . DG  B 1 3  ? 13.242  -15.588 -7.921  1.00 20.58  ? 111  DG  C "C1'"  1 
ATOM   237  N N9     . DG  B 1 3  ? 11.987  -15.873 -7.221  1.00 15.31  ? 111  DG  C N9     1 
ATOM   238  C C8     . DG  B 1 3  ? 11.761  -16.830 -6.272  1.00 13.53  ? 111  DG  C C8     1 
ATOM   239  N N7     . DG  B 1 3  ? 10.505  -17.016 -5.962  1.00 16.10  ? 111  DG  C N7     1 
ATOM   240  C C5     . DG  B 1 3  ? 9.836   -16.079 -6.730  1.00 15.39  ? 111  DG  C C5     1 
ATOM   241  C C6     . DG  B 1 3  ? 8.452   -15.737 -6.759  1.00 13.68  ? 111  DG  C C6     1 
ATOM   242  O O6     . DG  B 1 3  ? 7.503   -16.240 -6.142  1.00 19.37  ? 111  DG  C O6     1 
ATOM   243  N N1     . DG  B 1 3  ? 8.219   -14.712 -7.664  1.00 14.06  ? 111  DG  C N1     1 
ATOM   244  C C2     . DG  B 1 3  ? 9.158   -14.046 -8.406  1.00 17.69  ? 111  DG  C C2     1 
ATOM   245  N N2     . DG  B 1 3  ? 8.726   -13.065 -9.217  1.00 16.33  ? 111  DG  C N2     1 
ATOM   246  N N3     . DG  B 1 3  ? 10.441  -14.357 -8.341  1.00 16.98  ? 111  DG  C N3     1 
ATOM   247  C C4     . DG  B 1 3  ? 10.732  -15.343 -7.483  1.00 14.31  ? 111  DG  C C4     1 
ATOM   248  H H1     . DG  B 1 3  ? 7.259   -14.427 -7.788  1.00 0.00   ? 111  DG  C H1     1 
ATOM   249  H H21    . DG  B 1 3  ? 9.384   -12.555 -9.787  1.00 0.00   ? 111  DG  C H21    1 
ATOM   250  H H22    . DG  B 1 3  ? 7.742   -12.839 -9.256  1.00 0.00   ? 111  DG  C H22    1 
ATOM   251  P P      . DA  B 1 4  ? 16.922  -13.908 -8.243  1.00 23.43  ? 112  DA  C P      1 
ATOM   252  O OP1    . DA  B 1 4  ? 17.934  -13.442 -9.207  1.00 26.36  ? 112  DA  C OP1    1 
ATOM   253  O OP2    . DA  B 1 4  ? 17.254  -14.363 -6.867  1.00 27.21  ? 112  DA  C OP2    1 
ATOM   254  O "O5'"  . DA  B 1 4  ? 15.825  -12.764 -8.001  1.00 20.12  ? 112  DA  C "O5'"  1 
ATOM   255  C "C5'"  . DA  B 1 4  ? 15.180  -12.169 -9.147  1.00 22.11  ? 112  DA  C "C5'"  1 
ATOM   256  C "C4'"  . DA  B 1 4  ? 14.145  -11.201 -8.643  1.00 17.08  ? 112  DA  C "C4'"  1 
ATOM   257  O "O4'"  . DA  B 1 4  ? 13.072  -11.901 -7.993  1.00 15.79  ? 112  DA  C "O4'"  1 
ATOM   258  C "C3'"  . DA  B 1 4  ? 14.680  -10.152 -7.668  1.00 20.74  ? 112  DA  C "C3'"  1 
ATOM   259  O "O3'"  . DA  B 1 4  ? 14.405  -8.874  -8.285  1.00 21.54  ? 112  DA  C "O3'"  1 
ATOM   260  C "C2'"  . DA  B 1 4  ? 13.828  -10.311 -6.435  1.00 21.57  ? 112  DA  C "C2'"  1 
ATOM   261  C "C1'"  . DA  B 1 4  ? 12.588  -11.025 -6.959  1.00 17.96  ? 112  DA  C "C1'"  1 
ATOM   262  N N9     . DA  B 1 4  ? 12.035  -11.951 -5.978  1.00 14.23  ? 112  DA  C N9     1 
ATOM   263  C C8     . DA  B 1 4  ? 12.646  -12.982 -5.328  1.00 10.98  ? 112  DA  C C8     1 
ATOM   264  N N7     . DA  B 1 4  ? 11.838  -13.707 -4.606  1.00 15.27  ? 112  DA  C N7     1 
ATOM   265  C C5     . DA  B 1 4  ? 10.586  -13.154 -4.853  1.00 17.48  ? 112  DA  C C5     1 
ATOM   266  C C6     . DA  B 1 4  ? 9.288   -13.490 -4.418  1.00 20.18  ? 112  DA  C C6     1 
ATOM   267  N N6     . DA  B 1 4  ? 8.978   -14.459 -3.557  1.00 13.91  ? 112  DA  C N6     1 
ATOM   268  N N1     . DA  B 1 4  ? 8.290   -12.675 -4.823  1.00 12.85  ? 112  DA  C N1     1 
ATOM   269  C C2     . DA  B 1 4  ? 8.568   -11.639 -5.611  1.00 18.71  ? 112  DA  C C2     1 
ATOM   270  N N3     . DA  B 1 4  ? 9.733   -11.218 -6.094  1.00 18.74  ? 112  DA  C N3     1 
ATOM   271  C C4     . DA  B 1 4  ? 10.702  -12.019 -5.628  1.00 16.17  ? 112  DA  C C4     1 
ATOM   272  H H61    . DA  B 1 4  ? 9.708   -15.029 -3.155  1.00 0.00   ? 112  DA  C H61    1 
ATOM   273  H H62    . DA  B 1 4  ? 8.014   -14.622 -3.307  1.00 0.00   ? 112  DA  C H62    1 
ATOM   274  P P      . DT  B 1 5  ? 15.019  -7.542  -7.654  1.00 23.49  ? 113  DT  C P      1 
ATOM   275  O OP1    . DT  B 1 5  ? 15.036  -6.471  -8.679  1.00 29.42  ? 113  DT  C OP1    1 
ATOM   276  O OP2    . DT  B 1 5  ? 16.176  -7.885  -6.803  1.00 24.60  ? 113  DT  C OP2    1 
ATOM   277  O "O5'"  . DT  B 1 5  ? 13.855  -7.167  -6.567  1.00 20.05  ? 113  DT  C "O5'"  1 
ATOM   278  C "C5'"  . DT  B 1 5  ? 12.629  -6.635  -7.099  1.00 23.19  ? 113  DT  C "C5'"  1 
ATOM   279  C "C4'"  . DT  B 1 5  ? 11.570  -6.602  -6.025  1.00 16.16  ? 113  DT  C "C4'"  1 
ATOM   280  O "O4'"  . DT  B 1 5  ? 11.258  -7.914  -5.502  1.00 15.10  ? 113  DT  C "O4'"  1 
ATOM   281  C "C3'"  . DT  B 1 5  ? 12.020  -5.811  -4.781  1.00 15.21  ? 113  DT  C "C3'"  1 
ATOM   282  O "O3'"  . DT  B 1 5  ? 11.585  -4.473  -5.127  1.00 16.41  ? 113  DT  C "O3'"  1 
ATOM   283  C "C2'"  . DT  B 1 5  ? 11.196  -6.448  -3.685  1.00 14.35  ? 113  DT  C "C2'"  1 
ATOM   284  C "C1'"  . DT  B 1 5  ? 10.513  -7.650  -4.309  1.00 18.10  ? 113  DT  C "C1'"  1 
ATOM   285  N N1     . DT  B 1 5  ? 10.576  -8.904  -3.539  1.00 17.88  ? 113  DT  C N1     1 
ATOM   286  C C2     . DT  B 1 5  ? 9.414   -9.510  -3.163  1.00 13.18  ? 113  DT  C C2     1 
ATOM   287  O O2     . DT  B 1 5  ? 8.302   -9.071  -3.422  1.00 17.11  ? 113  DT  C O2     1 
ATOM   288  N N3     . DT  B 1 5  ? 9.560   -10.658 -2.436  1.00 13.23  ? 113  DT  C N3     1 
ATOM   289  C C4     . DT  B 1 5  ? 10.771  -11.281 -2.152  1.00 19.83  ? 113  DT  C C4     1 
ATOM   290  O O4     . DT  B 1 5  ? 10.757  -12.289 -1.452  1.00 13.25  ? 113  DT  C O4     1 
ATOM   291  C C5     . DT  B 1 5  ? 11.967  -10.545 -2.518  1.00 12.88  ? 113  DT  C C5     1 
ATOM   292  C C7     . DT  B 1 5  ? 13.320  -11.104 -2.196  1.00 18.20  ? 113  DT  C C7     1 
ATOM   293  C C6     . DT  B 1 5  ? 11.816  -9.495  -3.337  1.00 15.03  ? 113  DT  C C6     1 
ATOM   294  H H3     . DT  B 1 5  ? 8.720   -11.090 -2.076  1.00 0.00   ? 113  DT  C H3     1 
ATOM   295  P P      . DC  B 1 6  ? 12.399  -3.223  -4.512  1.00 20.84  ? 114  DC  C P      1 
ATOM   296  O OP1    . DC  B 1 6  ? 11.960  -2.067  -5.288  1.00 17.74  ? 114  DC  C OP1    1 
ATOM   297  O OP2    . DC  B 1 6  ? 13.769  -3.677  -4.278  1.00 30.90  ? 114  DC  C OP2    1 
ATOM   298  O "O5'"  . DC  B 1 6  ? 11.739  -3.098  -3.051  1.00 17.90  ? 114  DC  C "O5'"  1 
ATOM   299  C "C5'"  . DC  B 1 6  ? 10.445  -2.498  -2.910  1.00 14.28  ? 114  DC  C "C5'"  1 
ATOM   300  C "C4'"  . DC  B 1 6  ? 9.903   -2.931  -1.553  1.00 8.95   ? 114  DC  C "C4'"  1 
ATOM   301  O "O4'"  . DC  B 1 6  ? 9.755   -4.357  -1.502  1.00 10.46  ? 114  DC  C "O4'"  1 
ATOM   302  C "C3'"  . DC  B 1 6  ? 10.860  -2.688  -0.374  1.00 9.61   ? 114  DC  C "C3'"  1 
ATOM   303  O "O3'"  . DC  B 1 6  ? 10.705  -1.341  0.011   1.00 11.97  ? 114  DC  C "O3'"  1 
ATOM   304  C "C2'"  . DC  B 1 6  ? 10.369  -3.649  0.677   1.00 9.33   ? 114  DC  C "C2'"  1 
ATOM   305  C "C1'"  . DC  B 1 6  ? 9.595   -4.702  -0.127  1.00 9.62   ? 114  DC  C "C1'"  1 
ATOM   306  N N1     . DC  B 1 6  ? 10.053  -6.098  0.016   1.00 10.57  ? 114  DC  C N1     1 
ATOM   307  C C2     . DC  B 1 6  ? 9.132   -7.124  0.181   1.00 14.76  ? 114  DC  C C2     1 
ATOM   308  O O2     . DC  B 1 6  ? 7.919   -6.873  0.082   1.00 12.48  ? 114  DC  C O2     1 
ATOM   309  N N3     . DC  B 1 6  ? 9.619   -8.366  0.454   1.00 11.05  ? 114  DC  C N3     1 
ATOM   310  C C4     . DC  B 1 6  ? 10.922  -8.631  0.483   1.00 12.73  ? 114  DC  C C4     1 
ATOM   311  N N4     . DC  B 1 6  ? 11.396  -9.809  0.875   1.00 12.26  ? 114  DC  C N4     1 
ATOM   312  C C5     . DC  B 1 6  ? 11.890  -7.592  0.295   1.00 12.27  ? 114  DC  C C5     1 
ATOM   313  C C6     . DC  B 1 6  ? 11.386  -6.370  0.158   1.00 13.46  ? 114  DC  C C6     1 
ATOM   314  H H41    . DC  B 1 6  ? 12.387  -9.930  1.022   1.00 0.00   ? 114  DC  C H41    1 
ATOM   315  H H42    . DC  B 1 6  ? 10.764  -10.582 1.025   1.00 0.00   ? 114  DC  C H42    1 
ATOM   316  P P      . DG  B 1 7  ? 11.797  -0.560  0.912   1.00 13.94  ? 115  DG  C P      1 
ATOM   317  O OP1    . DG  B 1 7  ? 11.475  0.895   0.811   1.00 14.41  ? 115  DG  C OP1    1 
ATOM   318  O OP2    . DG  B 1 7  ? 13.161  -1.054  0.615   1.00 14.97  ? 115  DG  C OP2    1 
ATOM   319  O "O5'"  . DG  B 1 7  ? 11.538  -1.058  2.387   1.00 11.52  ? 115  DG  C "O5'"  1 
ATOM   320  C "C5'"  . DG  B 1 7  ? 10.326  -0.590  3.042   1.00 11.58  ? 115  DG  C "C5'"  1 
ATOM   321  C "C4'"  . DG  B 1 7  ? 10.459  -0.946  4.492   1.00 13.57  ? 115  DG  C "C4'"  1 
ATOM   322  O "O4'"  . DG  B 1 7  ? 10.489  -2.402  4.567   1.00 13.68  ? 115  DG  C "O4'"  1 
ATOM   323  C "C3'"  . DG  B 1 7  ? 11.705  -0.451  5.219   1.00 13.72  ? 115  DG  C "C3'"  1 
ATOM   324  O "O3'"  . DG  B 1 7  ? 11.274  -0.082  6.557   1.00 13.94  ? 115  DG  C "O3'"  1 
ATOM   325  C "C2'"  . DG  B 1 7  ? 12.618  -1.666  5.232   1.00 14.28  ? 115  DG  C "C2'"  1 
ATOM   326  C "C1'"  . DG  B 1 7  ? 11.635  -2.819  5.289   1.00 12.74  ? 115  DG  C "C1'"  1 
ATOM   327  N N9     . DG  B 1 7  ? 12.046  -4.088  4.716   1.00 13.22  ? 115  DG  C N9     1 
ATOM   328  C C8     . DG  B 1 7  ? 12.785  -4.288  3.581   1.00 12.26  ? 115  DG  C C8     1 
ATOM   329  N N7     . DG  B 1 7  ? 12.995  -5.562  3.354   1.00 13.25  ? 115  DG  C N7     1 
ATOM   330  C C5     . DG  B 1 7  ? 12.309  -6.230  4.342   1.00 10.19  ? 115  DG  C C5     1 
ATOM   331  C C6     . DG  B 1 7  ? 12.170  -7.632  4.549   1.00 12.49  ? 115  DG  C C6     1 
ATOM   332  O O6     . DG  B 1 7  ? 12.548  -8.548  3.806   1.00 10.73  ? 115  DG  C O6     1 
ATOM   333  N N1     . DG  B 1 7  ? 11.460  -7.887  5.724   1.00 12.05  ? 115  DG  C N1     1 
ATOM   334  C C2     . DG  B 1 7  ? 10.967  -6.929  6.562   1.00 15.36  ? 115  DG  C C2     1 
ATOM   335  N N2     . DG  B 1 7  ? 10.313  -7.366  7.650   1.00 18.86  ? 115  DG  C N2     1 
ATOM   336  N N3     . DG  B 1 7  ? 11.051  -5.619  6.358   1.00 11.35  ? 115  DG  C N3     1 
ATOM   337  C C4     . DG  B 1 7  ? 11.734  -5.342  5.214   1.00 12.51  ? 115  DG  C C4     1 
ATOM   338  H H1     . DG  B 1 7  ? 11.299  -8.853  5.972   1.00 0.00   ? 115  DG  C H1     1 
ATOM   339  H H21    . DG  B 1 7  ? 9.898   -6.703  8.291   1.00 0.00   ? 115  DG  C H21    1 
ATOM   340  H H22    . DG  B 1 7  ? 10.234  -8.357  7.828   1.00 0.00   ? 115  DG  C H22    1 
ATOM   341  P P      . DC  B 1 8  ? 12.366  0.579   7.550   1.00 18.11  ? 116  DC  C P      1 
ATOM   342  O OP1    . DC  B 1 8  ? 11.638  1.362   8.576   1.00 26.13  ? 116  DC  C OP1    1 
ATOM   343  O OP2    . DC  B 1 8  ? 13.453  1.164   6.746   1.00 21.19  ? 116  DC  C OP2    1 
ATOM   344  O "O5'"  . DC  B 1 8  ? 13.089  -0.685  8.219   1.00 21.17  ? 116  DC  C "O5'"  1 
ATOM   345  C "C5'"  . DC  B 1 8  ? 12.326  -1.499  9.120   1.00 16.11  ? 116  DC  C "C5'"  1 
ATOM   346  C "C4'"  . DC  B 1 8  ? 13.039  -2.788  9.365   1.00 14.76  ? 116  DC  C "C4'"  1 
ATOM   347  O "O4'"  . DC  B 1 8  ? 13.146  -3.607  8.146   1.00 15.07  ? 116  DC  C "O4'"  1 
ATOM   348  C "C3'"  . DC  B 1 8  ? 14.488  -2.778  9.839   1.00 24.67  ? 116  DC  C "C3'"  1 
ATOM   349  O "O3'"  . DC  B 1 8  ? 14.500  -2.495  11.256  1.00 22.77  ? 116  DC  C "O3'"  1 
ATOM   350  C "C2'"  . DC  B 1 8  ? 14.873  -4.242  9.634   1.00 19.41  ? 116  DC  C "C2'"  1 
ATOM   351  C "C1'"  . DC  B 1 8  ? 13.821  -4.772  8.668   1.00 13.28  ? 116  DC  C "C1'"  1 
ATOM   352  N N1     . DC  B 1 8  ? 14.385  -5.417  7.485   1.00 13.38  ? 116  DC  C N1     1 
ATOM   353  C C2     . DC  B 1 8  ? 14.213  -6.802  7.408   1.00 10.32  ? 116  DC  C C2     1 
ATOM   354  O O2     . DC  B 1 8  ? 13.565  -7.330  8.321   1.00 12.88  ? 116  DC  C O2     1 
ATOM   355  N N3     . DC  B 1 8  ? 14.728  -7.443  6.359   1.00 11.24  ? 116  DC  C N3     1 
ATOM   356  C C4     . DC  B 1 8  ? 15.401  -6.777  5.420   1.00 18.34  ? 116  DC  C C4     1 
ATOM   357  N N4     . DC  B 1 8  ? 15.948  -7.513  4.451   1.00 13.15  ? 116  DC  C N4     1 
ATOM   358  C C5     . DC  B 1 8  ? 15.668  -5.379  5.526   1.00 15.94  ? 116  DC  C C5     1 
ATOM   359  C C6     . DC  B 1 8  ? 15.109  -4.733  6.561   1.00 15.92  ? 116  DC  C C6     1 
ATOM   360  H "HO3'" . DC  B 1 8  ? 15.418  -2.492  11.539  1.00 0.00   ? 116  DC  C "HO3'" 1 
ATOM   361  H H41    . DC  B 1 8  ? 16.562  -7.082  3.775   1.00 0.00   ? 116  DC  C H41    1 
ATOM   362  H H42    . DC  B 1 8  ? 15.747  -8.501  4.392   1.00 0.00   ? 116  DC  C H42    1 
ATOM   363  N N      . MET C 2 1  ? -8.378  7.786   -0.809  1.00 22.87  ? 1    MET A N      1 
ATOM   364  C CA     . MET C 2 1  ? -8.549  9.236   -0.881  1.00 41.08  ? 1    MET A CA     1 
ATOM   365  C C      . MET C 2 1  ? -7.233  9.989   -0.728  1.00 49.35  ? 1    MET A C      1 
ATOM   366  O O      . MET C 2 1  ? -6.899  10.812  -1.588  1.00 63.95  ? 1    MET A O      1 
ATOM   367  C CB     . MET C 2 1  ? -9.389  10.608  -0.863  1.00 48.29  ? 1    MET A CB     1 
ATOM   368  C CG     . MET C 2 1  ? -10.806 10.537  -1.436  1.00 52.90  ? 1    MET A CG     1 
ATOM   369  S SD     . MET C 2 1  ? -12.961 9.359   -0.682  1.00 157.91 ? 1    MET A SD     1 
ATOM   370  C CE     . MET C 2 1  ? -14.392 10.133  0.071   1.00 58.36  ? 1    MET A CE     1 
ATOM   371  H H1     . MET C 2 1  ? -7.969  7.531   0.112   1.00 0.00   ? 1    MET A H1     1 
ATOM   372  H H2     . MET C 2 1  ? -9.302  7.323   -0.919  1.00 0.00   ? 1    MET A H2     1 
ATOM   373  H H3     . MET C 2 1  ? -7.741  7.475   -1.570  1.00 0.00   ? 1    MET A H3     1 
ATOM   374  N N      . ALA C 2 2  ? -6.475  9.731   0.336   1.00 34.33  ? 2    ALA A N      1 
ATOM   375  C CA     . ALA C 2 2  ? -5.089  10.191  0.448   1.00 20.66  ? 2    ALA A CA     1 
ATOM   376  C C      . ALA C 2 2  ? -4.173  9.297   -0.383  1.00 28.91  ? 2    ALA A C      1 
ATOM   377  O O      . ALA C 2 2  ? -4.618  8.252   -0.890  1.00 26.37  ? 2    ALA A O      1 
ATOM   378  C CB     . ALA C 2 2  ? -4.646  10.162  1.902   1.00 29.49  ? 2    ALA A CB     1 
ATOM   379  H H      . ALA C 2 2  ? -6.860  9.212   1.072   1.00 0.00   ? 2    ALA A H      1 
ATOM   380  N N      . THR C 2 3  ? -2.898  9.662   -0.513  1.00 16.28  ? 3    THR A N      1 
ATOM   381  C CA     . THR C 2 3  ? -1.999  8.837   -1.312  1.00 13.12  ? 3    THR A CA     1 
ATOM   382  C C      . THR C 2 3  ? -0.906  8.199   -0.467  1.00 17.34  ? 3    THR A C      1 
ATOM   383  O O      . THR C 2 3  ? -0.599  8.566   0.670   1.00 19.53  ? 3    THR A O      1 
ATOM   384  C CB     . THR C 2 3  ? -1.333  9.673   -2.420  1.00 21.73  ? 3    THR A CB     1 
ATOM   385  O OG1    . THR C 2 3  ? -0.445  10.605  -1.786  1.00 28.94  ? 3    THR A OG1    1 
ATOM   386  C CG2    . THR C 2 3  ? -2.335  10.501  -3.201  1.00 14.52  ? 3    THR A CG2    1 
ATOM   387  H H      . THR C 2 3  ? -2.568  10.475  -0.078  1.00 0.00   ? 3    THR A H      1 
ATOM   388  H HG1    . THR C 2 3  ? -0.944  11.171  -1.194  1.00 0.00   ? 3    THR A HG1    1 
ATOM   389  N N      . VAL C 2 4  ? -0.291  7.171   -1.050  1.00 17.88  ? 4    VAL A N      1 
ATOM   390  C CA     . VAL C 2 4  ? 0.870   6.558   -0.396  1.00 19.07  ? 4    VAL A CA     1 
ATOM   391  C C      . VAL C 2 4  ? 2.014   6.696   -1.389  1.00 17.04  ? 4    VAL A C      1 
ATOM   392  O O      . VAL C 2 4  ? 1.738   6.468   -2.561  1.00 14.70  ? 4    VAL A O      1 
ATOM   393  C CB     . VAL C 2 4  ? 0.655   5.076   -0.028  1.00 15.69  ? 4    VAL A CB     1 
ATOM   394  C CG1    . VAL C 2 4  ? 0.220   4.276   -1.240  1.00 21.54  ? 4    VAL A CG1    1 
ATOM   395  C CG2    . VAL C 2 4  ? 1.915   4.473   0.550   1.00 21.60  ? 4    VAL A CG2    1 
ATOM   396  H H      . VAL C 2 4  ? -0.612  6.826   -1.909  1.00 0.00   ? 4    VAL A H      1 
ATOM   397  N N      . LYS C 2 5  ? 3.214   7.057   -0.979  1.00 18.42  ? 5    LYS A N      1 
ATOM   398  C CA     . LYS C 2 5  ? 4.356   7.100   -1.894  1.00 16.48  ? 5    LYS A CA     1 
ATOM   399  C C      . LYS C 2 5  ? 5.317   5.980   -1.494  1.00 17.80  ? 5    LYS A C      1 
ATOM   400  O O      . LYS C 2 5  ? 5.497   5.683   -0.310  1.00 19.55  ? 5    LYS A O      1 
ATOM   401  C CB     . LYS C 2 5  ? 5.091   8.429   -1.866  1.00 22.37  ? 5    LYS A CB     1 
ATOM   402  C CG     . LYS C 2 5  ? 4.221   9.642   -2.181  1.00 23.91  ? 5    LYS A CG     1 
ATOM   403  C CD     . LYS C 2 5  ? 4.978   10.951  -1.940  1.00 22.00  ? 5    LYS A CD     1 
ATOM   404  C CE     . LYS C 2 5  ? 4.528   11.651  -0.677  1.00 31.37  ? 5    LYS A CE     1 
ATOM   405  N NZ     . LYS C 2 5  ? 5.264   12.917  -0.383  1.00 24.46  ? 5    LYS A NZ     1 
ATOM   406  H H      . LYS C 2 5  ? 3.345   7.301   -0.039  1.00 0.00   ? 5    LYS A H      1 
ATOM   407  H HZ1    . LYS C 2 5  ? 6.277   12.712  -0.273  1.00 0.00   ? 5    LYS A HZ1    1 
ATOM   408  H HZ2    . LYS C 2 5  ? 5.128   13.587  -1.167  1.00 0.00   ? 5    LYS A HZ2    1 
ATOM   409  H HZ3    . LYS C 2 5  ? 4.897   13.335  0.496   1.00 0.00   ? 5    LYS A HZ3    1 
ATOM   410  N N      . PHE C 2 6  ? 5.919   5.360   -2.513  1.00 16.19  ? 6    PHE A N      1 
ATOM   411  C CA     . PHE C 2 6  ? 6.765   4.224   -2.168  1.00 16.72  ? 6    PHE A CA     1 
ATOM   412  C C      . PHE C 2 6  ? 7.729   4.039   -3.322  1.00 17.06  ? 6    PHE A C      1 
ATOM   413  O O      . PHE C 2 6  ? 7.484   4.561   -4.390  1.00 20.16  ? 6    PHE A O      1 
ATOM   414  C CB     . PHE C 2 6  ? 5.913   3.000   -1.905  1.00 20.24  ? 6    PHE A CB     1 
ATOM   415  C CG     . PHE C 2 6  ? 5.008   2.623   -3.064  1.00 12.42  ? 6    PHE A CG     1 
ATOM   416  C CD1    . PHE C 2 6  ? 3.825   3.279   -3.311  1.00 15.35  ? 6    PHE A CD1    1 
ATOM   417  C CD2    . PHE C 2 6  ? 5.354   1.599   -3.915  1.00 11.71  ? 6    PHE A CD2    1 
ATOM   418  C CE1    . PHE C 2 6  ? 2.988   2.924   -4.345  1.00 15.22  ? 6    PHE A CE1    1 
ATOM   419  C CE2    . PHE C 2 6  ? 4.499   1.247   -4.934  1.00 12.99  ? 6    PHE A CE2    1 
ATOM   420  C CZ     . PHE C 2 6  ? 3.318   1.892   -5.220  1.00 16.87  ? 6    PHE A CZ     1 
ATOM   421  H H      . PHE C 2 6  ? 5.798   5.652   -3.440  1.00 0.00   ? 6    PHE A H      1 
ATOM   422  N N      . LYS C 2 7  ? 8.811   3.320   -3.051  1.00 26.88  ? 7    LYS A N      1 
ATOM   423  C CA     . LYS C 2 7  ? 9.768   3.181   -4.161  1.00 30.46  ? 7    LYS A CA     1 
ATOM   424  C C      . LYS C 2 7  ? 9.710   1.728   -4.584  1.00 34.22  ? 7    LYS A C      1 
ATOM   425  O O      . LYS C 2 7  ? 9.849   0.883   -3.692  1.00 37.25  ? 7    LYS A O      1 
ATOM   426  C CB     . LYS C 2 7  ? 11.170  3.604   -3.757  1.00 47.89  ? 7    LYS A CB     1 
ATOM   427  C CG     . LYS C 2 7  ? 12.113  2.482   -3.356  1.00 58.04  ? 7    LYS A CG     1 
ATOM   428  C CD     . LYS C 2 7  ? 13.550  2.980   -3.275  1.00 58.45  ? 7    LYS A CD     1 
ATOM   429  C CE     . LYS C 2 7  ? 13.920  3.789   -4.513  1.00 54.63  ? 7    LYS A CE     1 
ATOM   430  N NZ     . LYS C 2 7  ? 15.149  3.246   -5.149  1.00 50.89  ? 7    LYS A NZ     1 
ATOM   431  H H      . LYS C 2 7  ? 8.963   2.911   -2.175  1.00 0.00   ? 7    LYS A H      1 
ATOM   432  H HZ1    . LYS C 2 7  ? 14.987  2.257   -5.430  1.00 0.00   ? 7    LYS A HZ1    1 
ATOM   433  H HZ2    . LYS C 2 7  ? 15.384  3.811   -5.990  1.00 0.00   ? 7    LYS A HZ2    1 
ATOM   434  H HZ3    . LYS C 2 7  ? 15.937  3.289   -4.472  1.00 0.00   ? 7    LYS A HZ3    1 
ATOM   435  N N      . TYR C 2 8  ? 9.495   1.484   -5.877  1.00 30.93  ? 8    TYR A N      1 
ATOM   436  C CA     . TYR C 2 8  ? 9.409   0.052   -6.229  1.00 38.05  ? 8    TYR A CA     1 
ATOM   437  C C      . TYR C 2 8  ? 10.154  -0.248  -7.525  1.00 37.93  ? 8    TYR A C      1 
ATOM   438  O O      . TYR C 2 8  ? 10.014  0.498   -8.497  1.00 47.33  ? 8    TYR A O      1 
ATOM   439  C CB     . TYR C 2 8  ? 7.938   -0.372  -6.302  1.00 30.58  ? 8    TYR A CB     1 
ATOM   440  C CG     . TYR C 2 8  ? 7.762   -1.872  -6.255  1.00 29.62  ? 8    TYR A CG     1 
ATOM   441  C CD1    . TYR C 2 8  ? 7.622   -2.561  -5.058  1.00 34.75  ? 8    TYR A CD1    1 
ATOM   442  C CD2    . TYR C 2 8  ? 7.743   -2.611  -7.435  1.00 38.73  ? 8    TYR A CD2    1 
ATOM   443  C CE1    . TYR C 2 8  ? 7.466   -3.940  -5.029  1.00 29.72  ? 8    TYR A CE1    1 
ATOM   444  C CE2    . TYR C 2 8  ? 7.585   -3.986  -7.425  1.00 36.51  ? 8    TYR A CE2    1 
ATOM   445  C CZ     . TYR C 2 8  ? 7.449   -4.642  -6.214  1.00 33.00  ? 8    TYR A CZ     1 
ATOM   446  O OH     . TYR C 2 8  ? 7.285   -6.015  -6.210  1.00 32.52  ? 8    TYR A OH     1 
ATOM   447  H H      . TYR C 2 8  ? 9.402   2.198   -6.541  1.00 0.00   ? 8    TYR A H      1 
ATOM   448  H HH     . TYR C 2 8  ? 7.205   -6.326  -5.305  1.00 0.00   ? 8    TYR A HH     1 
ATOM   449  N N      . LYS C 2 9  ? 10.923  -1.319  -7.537  1.00 38.46  ? 9    LYS A N      1 
ATOM   450  C CA     . LYS C 2 9  ? 11.943  -1.667  -8.515  1.00 48.12  ? 9    LYS A CA     1 
ATOM   451  C C      . LYS C 2 9  ? 12.607  -0.389  -9.053  1.00 51.59  ? 9    LYS A C      1 
ATOM   452  O O      . LYS C 2 9  ? 12.599  -0.145  -10.264 1.00 47.77  ? 9    LYS A O      1 
ATOM   453  C CB     . LYS C 2 9  ? 11.459  -2.522  -9.679  1.00 44.94  ? 9    LYS A CB     1 
ATOM   454  C CG     . LYS C 2 9  ? 9.990   -2.803  -9.838  1.00 60.14  ? 9    LYS A CG     1 
ATOM   455  C CD     . LYS C 2 9  ? 9.211   -1.615  -10.371 1.00 71.25  ? 9    LYS A CD     1 
ATOM   456  C CE     . LYS C 2 9  ? 8.906   -1.667  -11.855 1.00 65.89  ? 9    LYS A CE     1 
ATOM   457  N NZ     . LYS C 2 9  ? 9.511   -0.516  -12.591 1.00 34.91  ? 9    LYS A NZ     1 
ATOM   458  H H      . LYS C 2 9  ? 10.793  -1.954  -6.804  1.00 0.00   ? 9    LYS A H      1 
ATOM   459  H HZ1    . LYS C 2 9  ? 10.544  -0.531  -12.471 1.00 0.00   ? 9    LYS A HZ1    1 
ATOM   460  H HZ2    . LYS C 2 9  ? 9.278   -0.590  -13.602 1.00 0.00   ? 9    LYS A HZ2    1 
ATOM   461  H HZ3    . LYS C 2 9  ? 9.131   0.375   -12.213 1.00 0.00   ? 9    LYS A HZ3    1 
ATOM   462  N N      . GLY C 2 10 ? 13.164  0.409   -8.144  1.00 55.45  ? 10   GLY A N      1 
ATOM   463  C CA     . GLY C 2 10 ? 13.826  1.654   -8.500  1.00 67.02  ? 10   GLY A CA     1 
ATOM   464  C C      . GLY C 2 10 ? 12.858  2.745   -8.921  1.00 73.55  ? 10   GLY A C      1 
ATOM   465  O O      . GLY C 2 10 ? 12.064  2.550   -9.844  1.00 79.67  ? 10   GLY A O      1 
ATOM   466  H H      . GLY C 2 10 ? 13.126  0.148   -7.200  1.00 0.00   ? 10   GLY A H      1 
ATOM   467  N N      . GLU C 2 11 ? 12.920  3.878   -8.240  1.00 78.32  ? 11   GLU A N      1 
ATOM   468  C CA     . GLU C 2 11 ? 12.042  5.017   -8.419  1.00 84.32  ? 11   GLU A CA     1 
ATOM   469  C C      . GLU C 2 11 ? 10.707  4.874   -7.668  1.00 70.80  ? 11   GLU A C      1 
ATOM   470  O O      . GLU C 2 11 ? 10.111  3.824   -7.397  1.00 33.86  ? 11   GLU A O      1 
ATOM   471  C CB     . GLU C 2 11 ? 11.755  5.325   -9.895  1.00 97.13  ? 11   GLU A CB     1 
ATOM   472  C CG     . GLU C 2 11 ? 11.487  6.791   -10.189 1.00 102.40 ? 11   GLU A CG     1 
ATOM   473  C CD     . GLU C 2 11 ? 11.656  7.193   -11.639 1.00 104.64 ? 11   GLU A CD     1 
ATOM   474  O OE1    . GLU C 2 11 ? 11.645  6.309   -12.524 1.00 101.94 ? 11   GLU A OE1    1 
ATOM   475  O OE2    . GLU C 2 11 ? 11.802  8.411   -11.901 1.00 101.14 ? 11   GLU A OE2    1 
ATOM   476  H H      . GLU C 2 11 ? 13.618  3.953   -7.558  1.00 0.00   ? 11   GLU A H      1 
ATOM   477  N N      . GLU C 2 12 ? 10.289  6.098   -7.350  1.00 53.64  ? 12   GLU A N      1 
ATOM   478  C CA     . GLU C 2 12 ? 9.150   6.414   -6.522  1.00 58.44  ? 12   GLU A CA     1 
ATOM   479  C C      . GLU C 2 12 ? 7.832   6.341   -7.285  1.00 45.17  ? 12   GLU A C      1 
ATOM   480  O O      . GLU C 2 12 ? 7.682   6.756   -8.426  1.00 40.39  ? 12   GLU A O      1 
ATOM   481  C CB     . GLU C 2 12 ? 9.286   7.815   -5.901  1.00 64.47  ? 12   GLU A CB     1 
ATOM   482  C CG     . GLU C 2 12 ? 9.396   7.794   -4.383  1.00 63.34  ? 12   GLU A CG     1 
ATOM   483  C CD     . GLU C 2 12 ? 10.696  7.149   -3.934  1.00 75.58  ? 12   GLU A CD     1 
ATOM   484  O OE1    . GLU C 2 12 ? 11.635  7.043   -4.754  1.00 74.65  ? 12   GLU A OE1    1 
ATOM   485  O OE2    . GLU C 2 12 ? 10.770  6.743   -2.754  1.00 103.23 ? 12   GLU A OE2    1 
ATOM   486  H H      . GLU C 2 12 ? 10.801  6.851   -7.710  1.00 0.00   ? 12   GLU A H      1 
ATOM   487  N N      . LYS C 2 13 ? 6.851   5.797   -6.579  1.00 23.77  ? 13   LYS A N      1 
ATOM   488  C CA     . LYS C 2 13 ? 5.491   5.715   -7.094  1.00 22.20  ? 13   LYS A CA     1 
ATOM   489  C C      . LYS C 2 13 ? 4.626   6.447   -6.081  1.00 19.62  ? 13   LYS A C      1 
ATOM   490  O O      . LYS C 2 13 ? 5.061   6.464   -4.930  1.00 18.92  ? 13   LYS A O      1 
ATOM   491  C CB     . LYS C 2 13 ? 5.098   4.244   -7.240  1.00 24.85  ? 13   LYS A CB     1 
ATOM   492  C CG     . LYS C 2 13 ? 6.300   3.367   -7.599  1.00 40.13  ? 13   LYS A CG     1 
ATOM   493  C CD     . LYS C 2 13 ? 5.956   2.241   -8.547  1.00 54.28  ? 13   LYS A CD     1 
ATOM   494  C CE     . LYS C 2 13 ? 6.843   2.173   -9.777  1.00 50.46  ? 13   LYS A CE     1 
ATOM   495  N NZ     . LYS C 2 13 ? 6.081   1.672   -10.967 1.00 37.28  ? 13   LYS A NZ     1 
ATOM   496  H H      . LYS C 2 13 ? 7.045   5.441   -5.687  1.00 0.00   ? 13   LYS A H      1 
ATOM   497  H HZ1    . LYS C 2 13 ? 5.715   0.718   -10.768 1.00 0.00   ? 13   LYS A HZ1    1 
ATOM   498  H HZ2    . LYS C 2 13 ? 5.286   2.313   -11.166 1.00 0.00   ? 13   LYS A HZ2    1 
ATOM   499  H HZ3    . LYS C 2 13 ? 6.712   1.636   -11.793 1.00 0.00   ? 13   LYS A HZ3    1 
ATOM   500  N N      . GLN C 2 14 ? 3.515   7.010   -6.517  1.00 22.74  ? 14   GLN A N      1 
ATOM   501  C CA     . GLN C 2 14 ? 2.511   7.531   -5.607  1.00 17.56  ? 14   GLN A CA     1 
ATOM   502  C C      . GLN C 2 14 ? 1.125   7.038   -6.037  1.00 27.57  ? 14   GLN A C      1 
ATOM   503  O O      . GLN C 2 14 ? 0.751   7.367   -7.173  1.00 28.53  ? 14   GLN A O      1 
ATOM   504  C CB     . GLN C 2 14 ? 2.522   9.052   -5.602  1.00 15.11  ? 14   GLN A CB     1 
ATOM   505  C CG     . GLN C 2 14 ? 1.424   9.673   -4.770  1.00 17.53  ? 14   GLN A CG     1 
ATOM   506  C CD     . GLN C 2 14 ? 1.709   11.142  -4.503  1.00 20.68  ? 14   GLN A CD     1 
ATOM   507  O OE1    . GLN C 2 14 ? 2.576   11.713  -5.195  1.00 35.81  ? 14   GLN A OE1    1 
ATOM   508  N NE2    . GLN C 2 14 ? 1.088   11.709  -3.587  1.00 22.55  ? 14   GLN A NE2    1 
ATOM   509  H H      . GLN C 2 14 ? 3.362   7.077   -7.483  1.00 0.00   ? 14   GLN A H      1 
ATOM   510  N N      . VAL C 2 15 ? 0.430   6.323   -5.176  1.00 21.64  ? 15   VAL A N      1 
ATOM   511  C CA     . VAL C 2 15 ? -0.848  5.661   -5.503  1.00 16.65  ? 15   VAL A CA     1 
ATOM   512  C C      . VAL C 2 15 ? -1.953  6.187   -4.627  1.00 15.95  ? 15   VAL A C      1 
ATOM   513  O O      . VAL C 2 15 ? -1.691  6.404   -3.441  1.00 16.34  ? 15   VAL A O      1 
ATOM   514  C CB     . VAL C 2 15 ? -0.676  4.143   -5.270  1.00 23.49  ? 15   VAL A CB     1 
ATOM   515  C CG1    . VAL C 2 15 ? -1.998  3.396   -5.268  1.00 34.18  ? 15   VAL A CG1    1 
ATOM   516  C CG2    . VAL C 2 15 ? 0.248   3.523   -6.320  1.00 31.08  ? 15   VAL A CG2    1 
ATOM   517  H H      . VAL C 2 15 ? 0.781   6.225   -4.267  1.00 0.00   ? 15   VAL A H      1 
ATOM   518  N N      . ASP C 2 16 ? -3.157  6.407   -5.183  1.00 15.58  ? 16   ASP A N      1 
ATOM   519  C CA     . ASP C 2 16 ? -4.285  6.782   -4.331  1.00 14.77  ? 16   ASP A CA     1 
ATOM   520  C C      . ASP C 2 16 ? -4.610  5.588   -3.431  1.00 17.86  ? 16   ASP A C      1 
ATOM   521  O O      . ASP C 2 16 ? -4.673  4.483   -4.004  1.00 14.54  ? 16   ASP A O      1 
ATOM   522  C CB     . ASP C 2 16 ? -5.503  7.185   -5.169  1.00 15.54  ? 16   ASP A CB     1 
ATOM   523  C CG     . ASP C 2 16 ? -6.442  8.020   -4.332  1.00 17.30  ? 16   ASP A CG     1 
ATOM   524  O OD1    . ASP C 2 16 ? -7.103  7.498   -3.405  1.00 23.94  ? 16   ASP A OD1    1 
ATOM   525  O OD2    . ASP C 2 16 ? -6.513  9.250   -4.556  1.00 38.21  ? 16   ASP A OD2    1 
ATOM   526  H H      . ASP C 2 16 ? -3.278  6.316   -6.151  1.00 0.00   ? 16   ASP A H      1 
ATOM   527  N N      . ILE C 2 17 ? -4.800  5.803   -2.139  1.00 16.10  ? 17   ILE A N      1 
ATOM   528  C CA     . ILE C 2 17 ? -5.054  4.697   -1.199  1.00 17.41  ? 17   ILE A CA     1 
ATOM   529  C C      . ILE C 2 17 ? -6.403  4.056   -1.517  1.00 15.73  ? 17   ILE A C      1 
ATOM   530  O O      . ILE C 2 17 ? -6.651  2.893   -1.192  1.00 18.41  ? 17   ILE A O      1 
ATOM   531  C CB     . ILE C 2 17 ? -4.904  5.173   0.254   1.00 19.22  ? 17   ILE A CB     1 
ATOM   532  C CG1    . ILE C 2 17 ? -3.444  5.600   0.584   1.00 19.89  ? 17   ILE A CG1    1 
ATOM   533  C CG2    . ILE C 2 17 ? -5.339  4.176   1.300   1.00 14.29  ? 17   ILE A CG2    1 
ATOM   534  C CD1    . ILE C 2 17 ? -3.248  6.086   2.003   1.00 20.36  ? 17   ILE A CD1    1 
ATOM   535  H H      . ILE C 2 17 ? -4.771  6.722   -1.798  1.00 0.00   ? 17   ILE A H      1 
ATOM   536  N N      . SER C 2 18 ? -7.301  4.733   -2.207  1.00 14.56  ? 18   SER A N      1 
ATOM   537  C CA     . SER C 2 18 ? -8.483  4.045   -2.736  1.00 22.08  ? 18   SER A CA     1 
ATOM   538  C C      . SER C 2 18 ? -8.183  2.900   -3.702  1.00 13.67  ? 18   SER A C      1 
ATOM   539  O O      . SER C 2 18 ? -9.025  2.005   -3.855  1.00 16.17  ? 18   SER A O      1 
ATOM   540  C CB     . SER C 2 18 ? -9.381  5.068   -3.456  1.00 20.97  ? 18   SER A CB     1 
ATOM   541  O OG     . SER C 2 18 ? -8.803  5.421   -4.706  1.00 23.74  ? 18   SER A OG     1 
ATOM   542  H H      . SER C 2 18 ? -7.179  5.692   -2.366  1.00 0.00   ? 18   SER A H      1 
ATOM   543  H HG     . SER C 2 18 ? -8.716  4.636   -5.253  1.00 0.00   ? 18   SER A HG     1 
ATOM   544  N N      . LYS C 2 19 ? -7.051  2.851   -4.389  1.00 16.63  ? 19   LYS A N      1 
ATOM   545  C CA     . LYS C 2 19 ? -6.687  1.737   -5.254  1.00 12.16  ? 19   LYS A CA     1 
ATOM   546  C C      . LYS C 2 19 ? -6.103  0.551   -4.494  1.00 15.93  ? 19   LYS A C      1 
ATOM   547  O O      . LYS C 2 19 ? -5.941  -0.484  -5.142  1.00 13.93  ? 19   LYS A O      1 
ATOM   548  C CB     . LYS C 2 19 ? -5.640  2.157   -6.313  1.00 13.41  ? 19   LYS A CB     1 
ATOM   549  C CG     . LYS C 2 19 ? -6.096  3.319   -7.179  1.00 13.19  ? 19   LYS A CG     1 
ATOM   550  C CD     . LYS C 2 19 ? -7.202  2.896   -8.147  1.00 25.07  ? 19   LYS A CD     1 
ATOM   551  C CE     . LYS C 2 19 ? -7.866  4.068   -8.846  1.00 24.17  ? 19   LYS A CE     1 
ATOM   552  N NZ     . LYS C 2 19 ? -9.190  3.689   -9.414  1.00 23.94  ? 19   LYS A NZ     1 
ATOM   553  H H      . LYS C 2 19 ? -6.427  3.602   -4.311  1.00 0.00   ? 19   LYS A H      1 
ATOM   554  H HZ1    . LYS C 2 19 ? -9.816  3.367   -8.648  1.00 0.00   ? 19   LYS A HZ1    1 
ATOM   555  H HZ2    . LYS C 2 19 ? -9.615  4.513   -9.884  1.00 0.00   ? 19   LYS A HZ2    1 
ATOM   556  H HZ3    . LYS C 2 19 ? -9.065  2.922   -10.105 1.00 0.00   ? 19   LYS A HZ3    1 
ATOM   557  N N      . ILE C 2 20 ? -5.771  0.680   -3.217  1.00 12.68  ? 20   ILE A N      1 
ATOM   558  C CA     . ILE C 2 20 ? -5.118  -0.415  -2.504  1.00 12.23  ? 20   ILE A CA     1 
ATOM   559  C C      . ILE C 2 20 ? -6.040  -1.601  -2.368  1.00 10.44  ? 20   ILE A C      1 
ATOM   560  O O      . ILE C 2 20 ? -7.188  -1.442  -1.954  1.00 13.01  ? 20   ILE A O      1 
ATOM   561  C CB     . ILE C 2 20 ? -4.717  0.055   -1.083  1.00 13.98  ? 20   ILE A CB     1 
ATOM   562  C CG1    . ILE C 2 20 ? -3.614  1.097   -1.104  1.00 18.69  ? 20   ILE A CG1    1 
ATOM   563  C CG2    . ILE C 2 20 ? -4.385  -1.141  -0.200  1.00 14.70  ? 20   ILE A CG2    1 
ATOM   564  C CD1    . ILE C 2 20 ? -2.264  0.594   -1.517  1.00 21.48  ? 20   ILE A CD1    1 
ATOM   565  H H      . ILE C 2 20 ? -5.966  1.517   -2.747  1.00 0.00   ? 20   ILE A H      1 
ATOM   566  N N      . LYS C 2 21 ? -5.598  -2.817  -2.664  1.00 10.86  ? 21   LYS A N      1 
ATOM   567  C CA     . LYS C 2 21 ? -6.525  -3.955  -2.689  1.00 16.60  ? 21   LYS A CA     1 
ATOM   568  C C      . LYS C 2 21 ? -6.435  -4.773  -1.396  1.00 17.93  ? 21   LYS A C      1 
ATOM   569  O O      . LYS C 2 21 ? -7.465  -5.141  -0.810  1.00 14.60  ? 21   LYS A O      1 
ATOM   570  C CB     . LYS C 2 21 ? -6.265  -4.785  -3.941  1.00 17.48  ? 21   LYS A CB     1 
ATOM   571  C CG     . LYS C 2 21 ? -6.985  -6.117  -4.085  1.00 11.17  ? 21   LYS A CG     1 
ATOM   572  C CD     . LYS C 2 21 ? -6.774  -6.686  -5.496  1.00 16.69  ? 21   LYS A CD     1 
ATOM   573  C CE     . LYS C 2 21 ? -7.702  -7.885  -5.706  1.00 33.87  ? 21   LYS A CE     1 
ATOM   574  N NZ     . LYS C 2 21 ? -7.247  -8.831  -6.775  1.00 26.40  ? 21   LYS A NZ     1 
ATOM   575  H H      . LYS C 2 21 ? -4.649  -2.954  -2.867  1.00 0.00   ? 21   LYS A H      1 
ATOM   576  H HZ1    . LYS C 2 21 ? -7.188  -8.326  -7.683  1.00 0.00   ? 21   LYS A HZ1    1 
ATOM   577  H HZ2    . LYS C 2 21 ? -6.310  -9.209  -6.528  1.00 0.00   ? 21   LYS A HZ2    1 
ATOM   578  H HZ3    . LYS C 2 21 ? -7.926  -9.614  -6.857  1.00 0.00   ? 21   LYS A HZ3    1 
ATOM   579  N N      . LYS C 2 22 ? -5.211  -5.051  -0.983  1.00 11.65  ? 22   LYS A N      1 
ATOM   580  C CA     . LYS C 2 22 ? -4.869  -5.865  0.158   1.00 16.48  ? 22   LYS A CA     1 
ATOM   581  C C      . LYS C 2 22 ? -3.678  -5.240  0.875   1.00 18.35  ? 22   LYS A C      1 
ATOM   582  O O      . LYS C 2 22 ? -2.780  -4.725  0.216   1.00 13.34  ? 22   LYS A O      1 
ATOM   583  C CB     . LYS C 2 22 ? -4.521  -7.289  -0.310  1.00 18.09  ? 22   LYS A CB     1 
ATOM   584  C CG     . LYS C 2 22 ? -4.520  -8.318  0.812   1.00 22.07  ? 22   LYS A CG     1 
ATOM   585  C CD     . LYS C 2 22 ? -4.280  -9.733  0.299   1.00 35.23  ? 22   LYS A CD     1 
ATOM   586  C CE     . LYS C 2 22 ? -4.732  -10.736 1.361   1.00 47.07  ? 22   LYS A CE     1 
ATOM   587  N NZ     . LYS C 2 22 ? -4.944  -12.100 0.809   1.00 38.65  ? 22   LYS A NZ     1 
ATOM   588  H H      . LYS C 2 22 ? -4.470  -4.670  -1.497  1.00 0.00   ? 22   LYS A H      1 
ATOM   589  H HZ1    . LYS C 2 22 ? -5.676  -12.066 0.071   1.00 0.00   ? 22   LYS A HZ1    1 
ATOM   590  H HZ2    . LYS C 2 22 ? -4.054  -12.451 0.399   1.00 0.00   ? 22   LYS A HZ2    1 
ATOM   591  H HZ3    . LYS C 2 22 ? -5.249  -12.739 1.571   1.00 0.00   ? 22   LYS A HZ3    1 
ATOM   592  N N      . VAL C 2 23 ? -3.644  -5.248  2.206   1.00 10.47  ? 23   VAL A N      1 
ATOM   593  C CA     . VAL C 2 23 ? -2.446  -4.785  2.907   1.00 7.91   ? 23   VAL A CA     1 
ATOM   594  C C      . VAL C 2 23 ? -2.172  -5.773  4.015   1.00 13.11  ? 23   VAL A C      1 
ATOM   595  O O      . VAL C 2 23 ? -3.081  -6.407  4.559   1.00 13.17  ? 23   VAL A O      1 
ATOM   596  C CB     . VAL C 2 23 ? -2.623  -3.317  3.351   1.00 17.48  ? 23   VAL A CB     1 
ATOM   597  C CG1    . VAL C 2 23 ? -4.046  -3.003  3.775   1.00 25.90  ? 23   VAL A CG1    1 
ATOM   598  C CG2    . VAL C 2 23 ? -1.672  -2.916  4.481   1.00 19.94  ? 23   VAL A CG2    1 
ATOM   599  H H      . VAL C 2 23 ? -4.420  -5.562  2.715   1.00 0.00   ? 23   VAL A H      1 
ATOM   600  N N      . TRP C 2 24 ? -0.885  -5.974  4.341   1.00 11.86  ? 24   TRP A N      1 
ATOM   601  C CA     . TRP C 2 24 ? -0.515  -6.903  5.394   1.00 9.36   ? 24   TRP A CA     1 
ATOM   602  C C      . TRP C 2 24 ? 0.750   -6.372  6.064   1.00 12.80  ? 24   TRP A C      1 
ATOM   603  O O      . TRP C 2 24 ? 1.414   -5.496  5.486   1.00 12.99  ? 24   TRP A O      1 
ATOM   604  C CB     . TRP C 2 24 ? -0.266  -8.317  4.900   1.00 9.68   ? 24   TRP A CB     1 
ATOM   605  C CG     . TRP C 2 24 ? 0.772   -8.551  3.849   1.00 11.45  ? 24   TRP A CG     1 
ATOM   606  C CD1    . TRP C 2 24 ? 2.061   -8.968  4.103   1.00 13.03  ? 24   TRP A CD1    1 
ATOM   607  C CD2    . TRP C 2 24 ? 0.666   -8.412  2.426   1.00 7.30   ? 24   TRP A CD2    1 
ATOM   608  N NE1    . TRP C 2 24 ? 2.753   -9.090  2.910   1.00 12.60  ? 24   TRP A NE1    1 
ATOM   609  C CE2    . TRP C 2 24 ? 1.912   -8.752  1.878   1.00 14.85  ? 24   TRP A CE2    1 
ATOM   610  C CE3    . TRP C 2 24 ? -0.385  -8.027  1.593   1.00 8.66   ? 24   TRP A CE3    1 
ATOM   611  C CZ2    . TRP C 2 24 ? 2.123   -8.712  0.503   1.00 16.07  ? 24   TRP A CZ2    1 
ATOM   612  C CZ3    . TRP C 2 24 ? -0.182  -7.986  0.227   1.00 11.45  ? 24   TRP A CZ3    1 
ATOM   613  C CH2    . TRP C 2 24 ? 1.071   -8.331  -0.297  1.00 14.90  ? 24   TRP A CH2    1 
ATOM   614  H H      . TRP C 2 24 ? -0.184  -5.486  3.860   1.00 0.00   ? 24   TRP A H      1 
ATOM   615  H HE1    . TRP C 2 24 ? 3.682   -9.369  2.818   1.00 0.00   ? 24   TRP A HE1    1 
ATOM   616  N N      . ARG C 2 25 ? 1.038   -6.872  7.257   1.00 11.56  ? 25   ARG A N      1 
ATOM   617  C CA     . ARG C 2 25 ? 2.226   -6.420  7.999   1.00 10.70  ? 25   ARG A CA     1 
ATOM   618  C C      . ARG C 2 25 ? 3.273   -7.505  7.960   1.00 10.24  ? 25   ARG A C      1 
ATOM   619  O O      . ARG C 2 25 ? 2.989   -8.694  8.073   1.00 15.43  ? 25   ARG A O      1 
ATOM   620  C CB     . ARG C 2 25 ? 1.844   -6.042  9.440   1.00 13.96  ? 25   ARG A CB     1 
ATOM   621  C CG     . ARG C 2 25 ? 3.051   -5.703  10.314  1.00 11.78  ? 25   ARG A CG     1 
ATOM   622  C CD     . ARG C 2 25 ? 2.682   -5.307  11.729  1.00 14.72  ? 25   ARG A CD     1 
ATOM   623  N NE     . ARG C 2 25 ? 1.946   -4.065  11.896  1.00 17.15  ? 25   ARG A NE     1 
ATOM   624  C CZ     . ARG C 2 25 ? 2.505   -2.866  11.914  1.00 18.23  ? 25   ARG A CZ     1 
ATOM   625  N NH1    . ARG C 2 25 ? 3.839   -2.790  11.759  1.00 16.97  ? 25   ARG A NH1    1 
ATOM   626  N NH2    . ARG C 2 25 ? 1.753   -1.791  12.077  1.00 18.03  ? 25   ARG A NH2    1 
ATOM   627  H H      . ARG C 2 25 ? 0.452   -7.552  7.650   1.00 0.00   ? 25   ARG A H      1 
ATOM   628  H HE     . ARG C 2 25 ? 0.974   -4.119  12.003  1.00 0.00   ? 25   ARG A HE     1 
ATOM   629  H HH11   . ARG C 2 25 ? 4.376   -3.624  11.636  1.00 0.00   ? 25   ARG A HH11   1 
ATOM   630  H HH12   . ARG C 2 25 ? 4.293   -1.899  11.767  1.00 0.00   ? 25   ARG A HH12   1 
ATOM   631  H HH21   . ARG C 2 25 ? 0.764   -1.885  12.188  1.00 0.00   ? 25   ARG A HH21   1 
ATOM   632  H HH22   . ARG C 2 25 ? 2.175   -0.884  12.091  1.00 0.00   ? 25   ARG A HH22   1 
ATOM   633  N N      . VAL C 2 26 ? 4.522   -7.107  7.736   1.00 12.04  ? 26   VAL A N      1 
ATOM   634  C CA     . VAL C 2 26 ? 5.672   -7.966  7.878   1.00 9.32   ? 26   VAL A CA     1 
ATOM   635  C C      . VAL C 2 26 ? 6.617   -7.270  8.852   1.00 13.98  ? 26   VAL A C      1 
ATOM   636  O O      . VAL C 2 26 ? 7.463   -6.468  8.476   1.00 12.69  ? 26   VAL A O      1 
ATOM   637  C CB     . VAL C 2 26 ? 6.402   -8.244  6.563   1.00 11.92  ? 26   VAL A CB     1 
ATOM   638  C CG1    . VAL C 2 26 ? 7.285   -9.472  6.777   1.00 10.42  ? 26   VAL A CG1    1 
ATOM   639  C CG2    . VAL C 2 26 ? 5.437   -8.481  5.415   1.00 13.35  ? 26   VAL A CG2    1 
ATOM   640  H H      . VAL C 2 26 ? 4.669   -6.179  7.460   1.00 0.00   ? 26   VAL A H      1 
ATOM   641  N N      . GLY C 2 27 ? 6.450   -7.520  10.149  1.00 11.75  ? 27   GLY A N      1 
ATOM   642  C CA     . GLY C 2 27 ? 7.227   -6.775  11.145  1.00 13.33  ? 27   GLY A CA     1 
ATOM   643  C C      . GLY C 2 27 ? 7.015   -5.269  11.052  1.00 15.15  ? 27   GLY A C      1 
ATOM   644  O O      . GLY C 2 27 ? 5.876   -4.866  11.242  1.00 15.14  ? 27   GLY A O      1 
ATOM   645  H H      . GLY C 2 27 ? 5.808   -8.202  10.438  1.00 0.00   ? 27   GLY A H      1 
ATOM   646  N N      . LYS C 2 28 ? 8.019   -4.435  10.762  1.00 13.54  ? 28   LYS A N      1 
ATOM   647  C CA     . LYS C 2 28 ? 7.828   -2.992  10.626  1.00 13.39  ? 28   LYS A CA     1 
ATOM   648  C C      . LYS C 2 28 ? 7.476   -2.581  9.205   1.00 13.00  ? 28   LYS A C      1 
ATOM   649  O O      . LYS C 2 28 ? 7.267   -1.405  8.926   1.00 13.11  ? 28   LYS A O      1 
ATOM   650  C CB     . LYS C 2 28 ? 9.097   -2.199  11.015  1.00 15.51  ? 28   LYS A CB     1 
ATOM   651  C CG     . LYS C 2 28 ? 9.564   -2.511  12.450  1.00 16.12  ? 28   LYS A CG     1 
ATOM   652  C CD     . LYS C 2 28 ? 10.980  -1.959  12.589  1.00 16.37  ? 28   LYS A CD     1 
ATOM   653  C CE     . LYS C 2 28 ? 11.559  -2.213  13.961  1.00 19.14  ? 28   LYS A CE     1 
ATOM   654  N NZ     . LYS C 2 28 ? 10.807  -1.695  15.102  1.00 17.73  ? 28   LYS A NZ     1 
ATOM   655  H H      . LYS C 2 28 ? 8.917   -4.805  10.634  1.00 0.00   ? 28   LYS A H      1 
ATOM   656  H HZ1    . LYS C 2 28 ? 9.858   -2.121  15.116  1.00 0.00   ? 28   LYS A HZ1    1 
ATOM   657  H HZ2    . LYS C 2 28 ? 11.307  -1.933  15.983  1.00 0.00   ? 28   LYS A HZ2    1 
ATOM   658  H HZ3    . LYS C 2 28 ? 10.722  -0.662  15.021  1.00 0.00   ? 28   LYS A HZ3    1 
ATOM   659  N N      . MET C 2 29 ? 7.422   -3.561  8.286   1.00 13.33  ? 29   MET A N      1 
ATOM   660  C CA     . MET C 2 29 ? 7.051   -3.274  6.906   1.00 9.15   ? 29   MET A CA     1 
ATOM   661  C C      . MET C 2 29 ? 5.549   -3.385  6.684   1.00 12.00  ? 29   MET A C      1 
ATOM   662  O O      . MET C 2 29 ? 4.896   -4.354  7.112   1.00 14.04  ? 29   MET A O      1 
ATOM   663  C CB     . MET C 2 29 ? 7.790   -4.241  5.974   1.00 9.86   ? 29   MET A CB     1 
ATOM   664  C CG     . MET C 2 29 ? 7.490   -4.035  4.476   1.00 8.54   ? 29   MET A CG     1 
ATOM   665  S SD     . MET C 2 29 ? 8.623   -5.007  3.446   1.00 14.74  ? 29   MET A SD     1 
ATOM   666  C CE     . MET C 2 29 ? 7.821   -6.618  3.670   1.00 17.48  ? 29   MET A CE     1 
ATOM   667  H H      . MET C 2 29 ? 7.635   -4.481  8.548   1.00 0.00   ? 29   MET A H      1 
ATOM   668  N N      . ILE C 2 30 ? 4.963   -2.408  5.991   1.00 10.36  ? 30   ILE A N      1 
ATOM   669  C CA     . ILE C 2 30 ? 3.570   -2.463  5.549   1.00 8.74   ? 30   ILE A CA     1 
ATOM   670  C C      . ILE C 2 30 ? 3.565   -2.724  4.049   1.00 9.20   ? 30   ILE A C      1 
ATOM   671  O O      . ILE C 2 30 ? 3.945   -1.902  3.244   1.00 9.53   ? 30   ILE A O      1 
ATOM   672  C CB     . ILE C 2 30 ? 2.824   -1.167  5.879   1.00 7.70   ? 30   ILE A CB     1 
ATOM   673  C CG1    . ILE C 2 30 ? 3.065   -0.719  7.327   1.00 10.22  ? 30   ILE A CG1    1 
ATOM   674  C CG2    . ILE C 2 30 ? 1.326   -1.257  5.590   1.00 9.57   ? 30   ILE A CG2    1 
ATOM   675  C CD1    . ILE C 2 30 ? 2.585   -1.700  8.401   1.00 13.23  ? 30   ILE A CD1    1 
ATOM   676  H H      . ILE C 2 30 ? 5.491   -1.614  5.768   1.00 0.00   ? 30   ILE A H      1 
ATOM   677  N N      . SER C 2 31 ? 3.153   -3.925  3.652   1.00 8.95   ? 31   SER A N      1 
ATOM   678  C CA     . SER C 2 31 ? 3.152   -4.431  2.295   1.00 7.41   ? 31   SER A CA     1 
ATOM   679  C C      . SER C 2 31 ? 1.735   -4.445  1.728   1.00 8.61   ? 31   SER A C      1 
ATOM   680  O O      . SER C 2 31 ? 0.775   -4.673  2.479   1.00 8.55   ? 31   SER A O      1 
ATOM   681  C CB     . SER C 2 31 ? 3.717   -5.847  2.387   1.00 8.95   ? 31   SER A CB     1 
ATOM   682  O OG     . SER C 2 31 ? 4.239   -6.314  1.189   1.00 11.04  ? 31   SER A OG     1 
ATOM   683  H H      . SER C 2 31 ? 2.816   -4.526  4.347   1.00 0.00   ? 31   SER A H      1 
ATOM   684  H HG     . SER C 2 31 ? 4.952   -5.738  0.904   1.00 0.00   ? 31   SER A HG     1 
ATOM   685  N N      . PHE C 2 32 ? 1.572   -4.201  0.430   1.00 11.36  ? 32   PHE A N      1 
ATOM   686  C CA     . PHE C 2 32 ? 0.235   -4.137  -0.160  1.00 8.25   ? 32   PHE A CA     1 
ATOM   687  C C      . PHE C 2 32 ? 0.267   -4.453  -1.636  1.00 9.64   ? 32   PHE A C      1 
ATOM   688  O O      . PHE C 2 32 ? 1.319   -4.514  -2.286  1.00 12.97  ? 32   PHE A O      1 
ATOM   689  C CB     . PHE C 2 32 ? -0.334  -2.735  0.109   1.00 11.10  ? 32   PHE A CB     1 
ATOM   690  C CG     . PHE C 2 32 ? 0.596   -1.577  -0.271  1.00 11.70  ? 32   PHE A CG     1 
ATOM   691  C CD1    . PHE C 2 32 ? 0.621   -1.113  -1.575  1.00 11.33  ? 32   PHE A CD1    1 
ATOM   692  C CD2    . PHE C 2 32 ? 1.417   -0.983  0.663   1.00 12.29  ? 32   PHE A CD2    1 
ATOM   693  C CE1    . PHE C 2 32 ? 1.453   -0.072  -1.926  1.00 10.44  ? 32   PHE A CE1    1 
ATOM   694  C CE2    . PHE C 2 32 ? 2.252   0.081   0.324   1.00 12.19  ? 32   PHE A CE2    1 
ATOM   695  C CZ     . PHE C 2 32 ? 2.264   0.533   -0.983  1.00 9.13   ? 32   PHE A CZ     1 
ATOM   696  H H      . PHE C 2 32 ? 2.358   -4.062  -0.139  1.00 0.00   ? 32   PHE A H      1 
ATOM   697  N N      . THR C 2 33 ? -0.936  -4.656  -2.144  1.00 10.00  ? 33   THR A N      1 
ATOM   698  C CA     . THR C 2 33 ? -1.194  -4.639  -3.559  1.00 11.67  ? 33   THR A CA     1 
ATOM   699  C C      . THR C 2 33 ? -2.201  -3.541  -3.888  1.00 11.81  ? 33   THR A C      1 
ATOM   700  O O      . THR C 2 33 ? -2.902  -2.992  -3.048  1.00 12.27  ? 33   THR A O      1 
ATOM   701  C CB     . THR C 2 33 ? -1.738  -5.965  -4.088  1.00 11.61  ? 33   THR A CB     1 
ATOM   702  O OG1    . THR C 2 33 ? -2.937  -6.297  -3.344  1.00 13.07  ? 33   THR A OG1    1 
ATOM   703  C CG2    . THR C 2 33 ? -0.737  -7.069  -3.862  1.00 11.27  ? 33   THR A CG2    1 
ATOM   704  H H      . THR C 2 33 ? -1.683  -4.824  -1.532  1.00 0.00   ? 33   THR A H      1 
ATOM   705  H HG1    . THR C 2 33 ? -3.590  -5.604  -3.463  1.00 0.00   ? 33   THR A HG1    1 
ATOM   706  N N      . TYR C 2 34 ? -2.219  -3.166  -5.164  1.00 11.75  ? 34   TYR A N      1 
ATOM   707  C CA     . TYR C 2 34 ? -3.078  -2.068  -5.581  1.00 14.55  ? 34   TYR A CA     1 
ATOM   708  C C      . TYR C 2 34 ? -3.510  -2.313  -7.026  1.00 18.54  ? 34   TYR A C      1 
ATOM   709  O O      . TYR C 2 34 ? -2.806  -2.961  -7.799  1.00 13.85  ? 34   TYR A O      1 
ATOM   710  C CB     . TYR C 2 34 ? -2.403  -0.718  -5.458  1.00 12.96  ? 34   TYR A CB     1 
ATOM   711  C CG     . TYR C 2 34 ? -1.153  -0.458  -6.271  1.00 12.72  ? 34   TYR A CG     1 
ATOM   712  C CD1    . TYR C 2 34 ? 0.074   -0.867  -5.754  1.00 11.94  ? 34   TYR A CD1    1 
ATOM   713  C CD2    . TYR C 2 34 ? -1.221  0.194   -7.509  1.00 18.67  ? 34   TYR A CD2    1 
ATOM   714  C CE1    . TYR C 2 34 ? 1.229   -0.623  -6.492  1.00 13.61  ? 34   TYR A CE1    1 
ATOM   715  C CE2    . TYR C 2 34 ? -0.059  0.432   -8.247  1.00 11.49  ? 34   TYR A CE2    1 
ATOM   716  C CZ     . TYR C 2 34 ? 1.133   0.017   -7.709  1.00 14.94  ? 34   TYR A CZ     1 
ATOM   717  O OH     . TYR C 2 34 ? 2.293   0.235   -8.432  1.00 17.89  ? 34   TYR A OH     1 
ATOM   718  H H      . TYR C 2 34 ? -1.657  -3.628  -5.820  1.00 0.00   ? 34   TYR A H      1 
ATOM   719  H HH     . TYR C 2 34 ? 3.046   -0.103  -7.941  1.00 0.00   ? 34   TYR A HH     1 
ATOM   720  N N      . ASP C 2 35 ? -4.678  -1.781  -7.364  1.00 13.71  ? 35   ASP A N      1 
ATOM   721  C CA     . ASP C 2 35 ? -5.190  -1.946  -8.719  1.00 9.19   ? 35   ASP A CA     1 
ATOM   722  C C      . ASP C 2 35 ? -4.541  -0.951  -9.683  1.00 12.74  ? 35   ASP A C      1 
ATOM   723  O O      . ASP C 2 35 ? -4.527  0.234   -9.314  1.00 15.03  ? 35   ASP A O      1 
ATOM   724  C CB     . ASP C 2 35 ? -6.700  -1.679  -8.652  1.00 12.21  ? 35   ASP A CB     1 
ATOM   725  C CG     . ASP C 2 35 ? -7.504  -2.799  -8.008  1.00 13.61  ? 35   ASP A CG     1 
ATOM   726  O OD1    . ASP C 2 35 ? -6.953  -3.855  -7.683  1.00 16.94  ? 35   ASP A OD1    1 
ATOM   727  O OD2    . ASP C 2 35 ? -8.709  -2.561  -7.829  1.00 18.22  ? 35   ASP A OD2    1 
ATOM   728  H H      . ASP C 2 35 ? -5.196  -1.276  -6.702  1.00 0.00   ? 35   ASP A H      1 
ATOM   729  N N      . GLU C 2 36 ? -4.067  -1.424  -10.825 1.00 13.88  ? 36   GLU A N      1 
ATOM   730  C CA     . GLU C 2 36 ? -3.602  -0.564  -11.911 1.00 21.97  ? 36   GLU A CA     1 
ATOM   731  C C      . GLU C 2 36 ? -4.457  -0.737  -13.180 1.00 22.86  ? 36   GLU A C      1 
ATOM   732  O O      . GLU C 2 36 ? -5.413  -1.501  -13.200 1.00 22.78  ? 36   GLU A O      1 
ATOM   733  C CB     . GLU C 2 36 ? -2.173  -0.895  -12.330 1.00 19.65  ? 36   GLU A CB     1 
ATOM   734  C CG     . GLU C 2 36 ? -1.211  -1.001  -11.154 1.00 19.92  ? 36   GLU A CG     1 
ATOM   735  C CD     . GLU C 2 36 ? 0.010   -1.787  -11.586 1.00 19.52  ? 36   GLU A CD     1 
ATOM   736  O OE1    . GLU C 2 36 ? -0.104  -2.782  -12.318 1.00 33.15  ? 36   GLU A OE1    1 
ATOM   737  O OE2    . GLU C 2 36 ? 1.089   -1.361  -11.164 1.00 25.24  ? 36   GLU A OE2    1 
ATOM   738  H H      . GLU C 2 36 ? -4.026  -2.395  -10.948 1.00 0.00   ? 36   GLU A H      1 
ATOM   739  N N      . GLY C 2 37 ? -4.053  -0.039  -14.241 1.00 18.44  ? 37   GLY A N      1 
ATOM   740  C CA     . GLY C 2 37 ? -4.735  -0.130  -15.517 1.00 19.37  ? 37   GLY A CA     1 
ATOM   741  C C      . GLY C 2 37 ? -4.626  -1.517  -16.098 1.00 21.86  ? 37   GLY A C      1 
ATOM   742  O O      . GLY C 2 37 ? -3.769  -2.281  -15.631 1.00 19.20  ? 37   GLY A O      1 
ATOM   743  H H      . GLY C 2 37 ? -3.274  0.550   -14.156 1.00 0.00   ? 37   GLY A H      1 
ATOM   744  N N      . GLY C 2 38 ? -5.444  -1.844  -17.097 1.00 20.51  ? 38   GLY A N      1 
ATOM   745  C CA     . GLY C 2 38 ? -5.217  -3.071  -17.840 1.00 20.84  ? 38   GLY A CA     1 
ATOM   746  C C      . GLY C 2 38 ? -5.582  -4.321  -17.088 1.00 22.50  ? 38   GLY A C      1 
ATOM   747  O O      . GLY C 2 38 ? -5.266  -5.434  -17.526 1.00 27.84  ? 38   GLY A O      1 
ATOM   748  H H      . GLY C 2 38 ? -6.195  -1.260  -17.330 1.00 0.00   ? 38   GLY A H      1 
ATOM   749  N N      . GLY C 2 39 ? -6.230  -4.168  -15.934 1.00 24.49  ? 39   GLY A N      1 
ATOM   750  C CA     . GLY C 2 39 ? -6.592  -5.361  -15.167 1.00 27.31  ? 39   GLY A CA     1 
ATOM   751  C C      . GLY C 2 39 ? -5.437  -5.906  -14.343 1.00 22.97  ? 39   GLY A C      1 
ATOM   752  O O      . GLY C 2 39 ? -5.507  -7.006  -13.810 1.00 24.08  ? 39   GLY A O      1 
ATOM   753  H H      . GLY C 2 39 ? -6.459  -3.275  -15.604 1.00 0.00   ? 39   GLY A H      1 
ATOM   754  N N      . LYS C 2 40 ? -4.357  -5.152  -14.210 1.00 16.95  ? 40   LYS A N      1 
ATOM   755  C CA     . LYS C 2 40 ? -3.161  -5.562  -13.511 1.00 17.46  ? 40   LYS A CA     1 
ATOM   756  C C      . LYS C 2 40 ? -3.187  -5.091  -12.056 1.00 16.63  ? 40   LYS A C      1 
ATOM   757  O O      . LYS C 2 40 ? -3.914  -4.170  -11.682 1.00 15.04  ? 40   LYS A O      1 
ATOM   758  C CB     . LYS C 2 40 ? -1.914  -4.985  -14.187 1.00 25.60  ? 40   LYS A CB     1 
ATOM   759  C CG     . LYS C 2 40 ? -1.498  -5.584  -15.516 1.00 32.49  ? 40   LYS A CG     1 
ATOM   760  C CD     . LYS C 2 40 ? -0.928  -4.519  -16.444 1.00 50.73  ? 40   LYS A CD     1 
ATOM   761  C CE     . LYS C 2 40 ? -0.481  -3.265  -15.710 1.00 54.12  ? 40   LYS A CE     1 
ATOM   762  N NZ     . LYS C 2 40 ? -1.118  -2.016  -16.225 1.00 30.01  ? 40   LYS A NZ     1 
ATOM   763  H H      . LYS C 2 40 ? -4.369  -4.259  -14.612 1.00 0.00   ? 40   LYS A H      1 
ATOM   764  H HZ1    . LYS C 2 40 ? -0.877  -1.893  -17.230 1.00 0.00   ? 40   LYS A HZ1    1 
ATOM   765  H HZ2    . LYS C 2 40 ? -2.151  -2.085  -16.123 1.00 0.00   ? 40   LYS A HZ2    1 
ATOM   766  H HZ3    . LYS C 2 40 ? -0.770  -1.200  -15.682 1.00 0.00   ? 40   LYS A HZ3    1 
ATOM   767  N N      . THR C 2 41 ? -2.369  -5.784  -11.280 1.00 13.32  ? 41   THR A N      1 
ATOM   768  C CA     . THR C 2 41 ? -2.190  -5.618  -9.845  1.00 15.93  ? 41   THR A CA     1 
ATOM   769  C C      . THR C 2 41 ? -0.730  -5.255  -9.575  1.00 14.73  ? 41   THR A C      1 
ATOM   770  O O      . THR C 2 41 ? 0.178   -6.000  -9.965  1.00 18.69  ? 41   THR A O      1 
ATOM   771  C CB     . THR C 2 41 ? -2.577  -6.892  -9.081  1.00 16.75  ? 41   THR A CB     1 
ATOM   772  O OG1    . THR C 2 41 ? -4.005  -7.114  -9.223  1.00 16.79  ? 41   THR A OG1    1 
ATOM   773  C CG2    . THR C 2 41 ? -2.361  -6.783  -7.576  1.00 20.01  ? 41   THR A CG2    1 
ATOM   774  H H      . THR C 2 41 ? -1.830  -6.476  -11.714 1.00 0.00   ? 41   THR A H      1 
ATOM   775  H HG1    . THR C 2 41 ? -4.222  -7.217  -10.153 1.00 0.00   ? 41   THR A HG1    1 
ATOM   776  N N      . GLY C 2 42 ? -0.538  -4.111  -8.935  1.00 10.88  ? 42   GLY A N      1 
ATOM   777  C CA     . GLY C 2 42 ? 0.778   -3.697  -8.492  1.00 13.80  ? 42   GLY A CA     1 
ATOM   778  C C      . GLY C 2 42 ? 1.098   -4.060  -7.069  1.00 9.76   ? 42   GLY A C      1 
ATOM   779  O O      . GLY C 2 42 ? 0.186   -4.322  -6.270  1.00 14.98  ? 42   GLY A O      1 
ATOM   780  H H      . GLY C 2 42 ? -1.306  -3.529  -8.757  1.00 0.00   ? 42   GLY A H      1 
ATOM   781  N N      . ARG C 2 43 ? 2.378   -4.076  -6.732  1.00 9.02   ? 43   ARG A N      1 
ATOM   782  C CA     . ARG C 2 43 ? 2.888   -4.339  -5.388  1.00 10.88  ? 43   ARG A CA     1 
ATOM   783  C C      . ARG C 2 43 ? 3.707   -3.146  -4.884  1.00 11.39  ? 43   ARG A C      1 
ATOM   784  O O      . ARG C 2 43 ? 4.344   -2.396  -5.643  1.00 10.89  ? 43   ARG A O      1 
ATOM   785  C CB     . ARG C 2 43 ? 3.741   -5.614  -5.363  1.00 11.64  ? 43   ARG A CB     1 
ATOM   786  C CG     . ARG C 2 43 ? 3.004   -6.912  -5.671  1.00 9.68   ? 43   ARG A CG     1 
ATOM   787  C CD     . ARG C 2 43 ? 4.033   -8.009  -6.047  1.00 8.80   ? 43   ARG A CD     1 
ATOM   788  N NE     . ARG C 2 43 ? 4.612   -7.727  -7.368  1.00 12.77  ? 43   ARG A NE     1 
ATOM   789  C CZ     . ARG C 2 43 ? 5.453   -8.564  -7.974  1.00 13.65  ? 43   ARG A CZ     1 
ATOM   790  N NH1    . ARG C 2 43 ? 5.804   -9.718  -7.437  1.00 12.97  ? 43   ARG A NH1    1 
ATOM   791  N NH2    . ARG C 2 43 ? 5.943   -8.253  -9.165  1.00 19.19  ? 43   ARG A NH2    1 
ATOM   792  H H      . ARG C 2 43 ? 3.033   -3.898  -7.437  1.00 0.00   ? 43   ARG A H      1 
ATOM   793  H HE     . ARG C 2 43 ? 4.371   -6.892  -7.819  1.00 0.00   ? 43   ARG A HE     1 
ATOM   794  H HH11   . ARG C 2 43 ? 5.436   -9.988  -6.547  1.00 0.00   ? 43   ARG A HH11   1 
ATOM   795  H HH12   . ARG C 2 43 ? 6.437   -10.323 -7.920  1.00 0.00   ? 43   ARG A HH12   1 
ATOM   796  H HH21   . ARG C 2 43 ? 5.683   -7.394  -9.605  1.00 0.00   ? 43   ARG A HH21   1 
ATOM   797  H HH22   . ARG C 2 43 ? 6.575   -8.878  -9.625  1.00 0.00   ? 43   ARG A HH22   1 
ATOM   798  N N      . GLY C 2 44 ? 3.669   -2.942  -3.569  1.00 10.76  ? 44   GLY A N      1 
ATOM   799  C CA     . GLY C 2 44 ? 4.494   -1.909  -2.942  1.00 11.08  ? 44   GLY A CA     1 
ATOM   800  C C      . GLY C 2 44 ? 4.587   -2.146  -1.444  1.00 9.05   ? 44   GLY A C      1 
ATOM   801  O O      . GLY C 2 44 ? 3.861   -2.960  -0.886  1.00 11.63  ? 44   GLY A O      1 
ATOM   802  H H      . GLY C 2 44 ? 3.079   -3.493  -3.012  1.00 0.00   ? 44   GLY A H      1 
ATOM   803  N N      . ALA C 2 45 ? 5.478   -1.375  -0.806  1.00 9.82   ? 45   ALA A N      1 
ATOM   804  C CA     . ALA C 2 45 ? 5.626   -1.534  0.626   1.00 7.83   ? 45   ALA A CA     1 
ATOM   805  C C      . ALA C 2 45 ? 6.245   -0.235  1.172   1.00 12.69  ? 45   ALA A C      1 
ATOM   806  O O      . ALA C 2 45 ? 6.995   0.412   0.411   1.00 12.80  ? 45   ALA A O      1 
ATOM   807  C CB     . ALA C 2 45 ? 6.532   -2.697  0.974   1.00 11.28  ? 45   ALA A CB     1 
ATOM   808  H H      . ALA C 2 45 ? 6.018   -0.721  -1.297  1.00 0.00   ? 45   ALA A H      1 
ATOM   809  N N      . VAL C 2 46 ? 5.917   0.042   2.423   1.00 8.16   ? 46   VAL A N      1 
ATOM   810  C CA     . VAL C 2 46 ? 6.465   1.204   3.103   1.00 13.79  ? 46   VAL A CA     1 
ATOM   811  C C      . VAL C 2 46 ? 6.829   0.834   4.543   1.00 15.47  ? 46   VAL A C      1 
ATOM   812  O O      . VAL C 2 46 ? 6.325   -0.141  5.082   1.00 12.80  ? 46   VAL A O      1 
ATOM   813  C CB     . VAL C 2 46 ? 5.514   2.397   3.139   1.00 10.19  ? 46   VAL A CB     1 
ATOM   814  C CG1    . VAL C 2 46 ? 5.278   2.925   1.731   1.00 16.26  ? 46   VAL A CG1    1 
ATOM   815  C CG2    . VAL C 2 46 ? 4.167   2.038   3.790   1.00 11.31  ? 46   VAL A CG2    1 
ATOM   816  H H      . VAL C 2 46 ? 5.294   -0.545  2.899   1.00 0.00   ? 46   VAL A H      1 
ATOM   817  N N      . SER C 2 47 ? 7.702   1.631   5.155   1.00 11.43  ? 47   SER A N      1 
ATOM   818  C CA     . SER C 2 47 ? 7.965   1.552   6.571   1.00 9.89   ? 47   SER A CA     1 
ATOM   819  C C      . SER C 2 47 ? 6.745   1.859   7.388   1.00 11.41  ? 47   SER A C      1 
ATOM   820  O O      . SER C 2 47 ? 5.991   2.742   6.928   1.00 14.40  ? 47   SER A O      1 
ATOM   821  C CB     . SER C 2 47 ? 9.015   2.641   6.918   1.00 10.66  ? 47   SER A CB     1 
ATOM   822  O OG     . SER C 2 47 ? 9.080   2.614   8.339   1.00 20.97  ? 47   SER A OG     1 
ATOM   823  H H      . SER C 2 47 ? 8.184   2.297   4.622   1.00 0.00   ? 47   SER A H      1 
ATOM   824  H HG     . SER C 2 47 ? 8.215   2.816   8.703   1.00 0.00   ? 47   SER A HG     1 
ATOM   825  N N      . GLU C 2 48 ? 6.484   1.227   8.525   1.00 11.36  ? 48   GLU A N      1 
ATOM   826  C CA     . GLU C 2 48 ? 5.336   1.692   9.304   1.00 11.46  ? 48   GLU A CA     1 
ATOM   827  C C      . GLU C 2 48 ? 5.481   3.123   9.792   1.00 24.80  ? 48   GLU A C      1 
ATOM   828  O O      . GLU C 2 48 ? 4.459   3.769   10.019  1.00 20.31  ? 48   GLU A O      1 
ATOM   829  C CB     . GLU C 2 48 ? 5.226   0.792   10.552  1.00 11.03  ? 48   GLU A CB     1 
ATOM   830  C CG     . GLU C 2 48 ? 6.473   0.869   11.427  1.00 15.87  ? 48   GLU A CG     1 
ATOM   831  C CD     . GLU C 2 48 ? 6.397   -0.011  12.657  1.00 18.80  ? 48   GLU A CD     1 
ATOM   832  O OE1    . GLU C 2 48 ? 5.416   -0.756  12.819  1.00 16.01  ? 48   GLU A OE1    1 
ATOM   833  O OE2    . GLU C 2 48 ? 7.337   -0.001  13.485  1.00 13.04  ? 48   GLU A OE2    1 
ATOM   834  H H      . GLU C 2 48 ? 7.037   0.478   8.831   1.00 0.00   ? 48   GLU A H      1 
ATOM   835  N N      . LYS C 2 49 ? 6.732   3.538   9.943   1.00 18.53  ? 49   LYS A N      1 
ATOM   836  C CA     . LYS C 2 49 ? 7.127   4.740   10.657  1.00 26.85  ? 49   LYS A CA     1 
ATOM   837  C C      . LYS C 2 49 ? 6.256   5.898   10.245  1.00 26.90  ? 49   LYS A C      1 
ATOM   838  O O      . LYS C 2 49 ? 5.558   6.509   11.053  1.00 51.73  ? 49   LYS A O      1 
ATOM   839  C CB     . LYS C 2 49 ? 8.598   5.097   10.399  1.00 44.44  ? 49   LYS A CB     1 
ATOM   840  C CG     . LYS C 2 49 ? 9.565   4.862   11.543  1.00 47.50  ? 49   LYS A CG     1 
ATOM   841  C CD     . LYS C 2 49 ? 11.012  4.854   11.086  1.00 53.84  ? 49   LYS A CD     1 
ATOM   842  C CE     . LYS C 2 49 ? 11.870  3.839   11.828  1.00 55.75  ? 49   LYS A CE     1 
ATOM   843  N NZ     . LYS C 2 49 ? 11.578  2.432   11.410  1.00 35.68  ? 49   LYS A NZ     1 
ATOM   844  H H      . LYS C 2 49 ? 7.442   2.995   9.543   1.00 0.00   ? 49   LYS A H      1 
ATOM   845  H HZ1    . LYS C 2 49 ? 11.764  2.326   10.392  1.00 0.00   ? 49   LYS A HZ1    1 
ATOM   846  H HZ2    . LYS C 2 49 ? 12.187  1.779   11.943  1.00 0.00   ? 49   LYS A HZ2    1 
ATOM   847  H HZ3    . LYS C 2 49 ? 10.580  2.212   11.605  1.00 0.00   ? 49   LYS A HZ3    1 
ATOM   848  N N      . ASP C 2 50 ? 6.277   6.222   8.947   1.00 24.46  ? 50   ASP A N      1 
ATOM   849  C CA     . ASP C 2 50 ? 5.340   7.329   8.657   1.00 32.92  ? 50   ASP A CA     1 
ATOM   850  C C      . ASP C 2 50 ? 4.246   6.945   7.679   1.00 47.61  ? 50   ASP A C      1 
ATOM   851  O O      . ASP C 2 50 ? 3.782   7.770   6.879   1.00 36.30  ? 50   ASP A O      1 
ATOM   852  C CB     . ASP C 2 50 ? 6.243   8.502   8.240   1.00 43.63  ? 50   ASP A CB     1 
ATOM   853  C CG     . ASP C 2 50 ? 7.071   8.980   9.429   1.00 37.28  ? 50   ASP A CG     1 
ATOM   854  O OD1    . ASP C 2 50 ? 6.465   9.441   10.424  1.00 50.33  ? 50   ASP A OD1    1 
ATOM   855  O OD2    . ASP C 2 50 ? 8.311   8.878   9.393   1.00 52.71  ? 50   ASP A OD2    1 
ATOM   856  H H      . ASP C 2 50 ? 6.838   5.785   8.277   1.00 0.00   ? 50   ASP A H      1 
ATOM   857  N N      . ALA C 2 51 ? 3.762   5.697   7.712   1.00 42.20  ? 51   ALA A N      1 
ATOM   858  C CA     . ALA C 2 51 ? 2.701   5.204   6.840   1.00 19.35  ? 51   ALA A CA     1 
ATOM   859  C C      . ALA C 2 51 ? 1.373   5.940   7.036   1.00 15.10  ? 51   ALA A C      1 
ATOM   860  O O      . ALA C 2 51 ? 1.005   6.260   8.162   1.00 24.06  ? 51   ALA A O      1 
ATOM   861  C CB     . ALA C 2 51 ? 2.454   3.723   7.071   1.00 35.40  ? 51   ALA A CB     1 
ATOM   862  H H      . ALA C 2 51 ? 4.146   5.074   8.362   1.00 0.00   ? 51   ALA A H      1 
ATOM   863  N N      . PRO C 2 52 ? 0.599   6.190   5.986   1.00 23.39  ? 52   PRO A N      1 
ATOM   864  C CA     . PRO C 2 52 ? -0.659  6.947   6.122   1.00 18.79  ? 52   PRO A CA     1 
ATOM   865  C C      . PRO C 2 52 ? -1.655  6.212   7.003   1.00 22.76  ? 52   PRO A C      1 
ATOM   866  O O      . PRO C 2 52 ? -1.787  4.988   6.892   1.00 19.55  ? 52   PRO A O      1 
ATOM   867  C CB     . PRO C 2 52 ? -1.190  7.042   4.694   1.00 21.38  ? 52   PRO A CB     1 
ATOM   868  C CG     . PRO C 2 52 ? -0.045  6.702   3.803   1.00 24.91  ? 52   PRO A CG     1 
ATOM   869  C CD     . PRO C 2 52 ? 0.841   5.776   4.595   1.00 31.59  ? 52   PRO A CD     1 
ATOM   870  N N      . LYS C 2 53 ? -2.331  6.962   7.874   1.00 21.43  ? 53   LYS A N      1 
ATOM   871  C CA     . LYS C 2 53 ? -3.230  6.285   8.796   1.00 24.68  ? 53   LYS A CA     1 
ATOM   872  C C      . LYS C 2 53 ? -4.298  5.520   8.005   1.00 21.89  ? 53   LYS A C      1 
ATOM   873  O O      . LYS C 2 53 ? -4.722  4.483   8.494   1.00 24.37  ? 53   LYS A O      1 
ATOM   874  C CB     . LYS C 2 53 ? -3.910  7.238   9.777   1.00 30.99  ? 53   LYS A CB     1 
ATOM   875  C CG     . LYS C 2 53 ? -3.456  7.132   11.213  1.00 47.00  ? 53   LYS A CG     1 
ATOM   876  C CD     . LYS C 2 53 ? -4.392  7.804   12.208  1.00 53.31  ? 53   LYS A CD     1 
ATOM   877  C CE     . LYS C 2 53 ? -5.790  7.218   12.194  1.00 57.48  ? 53   LYS A CE     1 
ATOM   878  N NZ     . LYS C 2 53 ? -6.133  6.468   13.437  1.00 58.18  ? 53   LYS A NZ     1 
ATOM   879  H H      . LYS C 2 53 ? -2.226  7.936   7.893   1.00 0.00   ? 53   LYS A H      1 
ATOM   880  H HZ1    . LYS C 2 53 ? -6.071  7.106   14.257  1.00 0.00   ? 53   LYS A HZ1    1 
ATOM   881  H HZ2    . LYS C 2 53 ? -7.100  6.094   13.361  1.00 0.00   ? 53   LYS A HZ2    1 
ATOM   882  H HZ3    . LYS C 2 53 ? -5.466  5.679   13.562  1.00 0.00   ? 53   LYS A HZ3    1 
ATOM   883  N N      . GLU C 2 54 ? -4.695  6.036   6.852   1.00 21.32  ? 54   GLU A N      1 
ATOM   884  C CA     . GLU C 2 54 ? -5.760  5.418   6.055   1.00 29.96  ? 54   GLU A CA     1 
ATOM   885  C C      . GLU C 2 54 ? -5.384  3.985   5.700   1.00 22.16  ? 54   GLU A C      1 
ATOM   886  O O      . GLU C 2 54 ? -6.195  3.070   5.635   1.00 23.46  ? 54   GLU A O      1 
ATOM   887  C CB     . GLU C 2 54 ? -6.032  6.225   4.785   1.00 25.82  ? 54   GLU A CB     1 
ATOM   888  C CG     . GLU C 2 54 ? -7.085  5.659   3.855   1.00 36.57  ? 54   GLU A CG     1 
ATOM   889  C CD     . GLU C 2 54 ? -7.419  6.499   2.639   1.00 42.54  ? 54   GLU A CD     1 
ATOM   890  O OE1    . GLU C 2 54 ? -6.871  7.608   2.450   1.00 21.12  ? 54   GLU A OE1    1 
ATOM   891  O OE2    . GLU C 2 54 ? -8.262  6.071   1.811   1.00 26.21  ? 54   GLU A OE2    1 
ATOM   892  H H      . GLU C 2 54 ? -4.266  6.852   6.522   1.00 0.00   ? 54   GLU A H      1 
ATOM   893  N N      . LEU C 2 55 ? -4.087  3.838   5.446   1.00 16.28  ? 55   LEU A N      1 
ATOM   894  C CA     . LEU C 2 55 ? -3.550  2.526   5.062   1.00 15.14  ? 55   LEU A CA     1 
ATOM   895  C C      . LEU C 2 55 ? -3.426  1.590   6.258   1.00 14.43  ? 55   LEU A C      1 
ATOM   896  O O      . LEU C 2 55 ? -3.758  0.396   6.162   1.00 13.77  ? 55   LEU A O      1 
ATOM   897  C CB     . LEU C 2 55 ? -2.200  2.734   4.370   1.00 16.28  ? 55   LEU A CB     1 
ATOM   898  C CG     . LEU C 2 55 ? -1.440  1.483   3.915   1.00 16.94  ? 55   LEU A CG     1 
ATOM   899  C CD1    . LEU C 2 55 ? -2.199  0.740   2.826   1.00 17.25  ? 55   LEU A CD1    1 
ATOM   900  C CD2    . LEU C 2 55 ? -0.051  1.882   3.439   1.00 12.98  ? 55   LEU A CD2    1 
ATOM   901  H H      . LEU C 2 55 ? -3.486  4.609   5.515   1.00 0.00   ? 55   LEU A H      1 
ATOM   902  N N      . LEU C 2 56 ? -2.929  2.118   7.387   1.00 15.89  ? 56   LEU A N      1 
ATOM   903  C CA     . LEU C 2 56 ? -2.803  1.338   8.601   1.00 18.35  ? 56   LEU A CA     1 
ATOM   904  C C      . LEU C 2 56 ? -4.155  0.865   9.107   1.00 26.36  ? 56   LEU A C      1 
ATOM   905  O O      . LEU C 2 56 ? -4.269  -0.274  9.558   1.00 23.47  ? 56   LEU A O      1 
ATOM   906  C CB     . LEU C 2 56 ? -2.153  2.132   9.746   1.00 17.95  ? 56   LEU A CB     1 
ATOM   907  C CG     . LEU C 2 56 ? -0.664  2.407   9.493   1.00 21.93  ? 56   LEU A CG     1 
ATOM   908  C CD1    . LEU C 2 56 ? -0.069  3.160   10.660  1.00 20.53  ? 56   LEU A CD1    1 
ATOM   909  C CD2    . LEU C 2 56 ? 0.097   1.099   9.265   1.00 20.00  ? 56   LEU A CD2    1 
ATOM   910  H H      . LEU C 2 56 ? -2.643  3.055   7.391   1.00 0.00   ? 56   LEU A H      1 
ATOM   911  N N      . GLN C 2 57 ? -5.168  1.731   9.026   1.00 27.83  ? 57   GLN A N      1 
ATOM   912  C CA     . GLN C 2 57 ? -6.473  1.230   9.487   1.00 21.88  ? 57   GLN A CA     1 
ATOM   913  C C      . GLN C 2 57 ? -7.021  0.172   8.552   1.00 22.68  ? 57   GLN A C      1 
ATOM   914  O O      . GLN C 2 57 ? -7.780  -0.720  8.968   1.00 31.94  ? 57   GLN A O      1 
ATOM   915  C CB     . GLN C 2 57 ? -7.451  2.388   9.690   1.00 31.72  ? 57   GLN A CB     1 
ATOM   916  C CG     . GLN C 2 57 ? -7.877  3.192   8.498   1.00 38.65  ? 57   GLN A CG     1 
ATOM   917  C CD     . GLN C 2 57 ? -8.545  4.518   8.827   1.00 51.90  ? 57   GLN A CD     1 
ATOM   918  O OE1    . GLN C 2 57 ? -8.398  5.112   9.899   1.00 53.96  ? 57   GLN A OE1    1 
ATOM   919  N NE2    . GLN C 2 57 ? -9.298  5.013   7.843   1.00 25.74  ? 57   GLN A NE2    1 
ATOM   920  H H      . GLN C 2 57 ? -5.049  2.641   8.682   1.00 0.00   ? 57   GLN A H      1 
ATOM   921  H HE21   . GLN C 2 57 ? -9.750  5.866   8.005   1.00 0.00   ? 57   GLN A HE21   1 
ATOM   922  H HE22   . GLN C 2 57 ? -9.381  4.525   6.998   1.00 0.00   ? 57   GLN A HE22   1 
ATOM   923  N N      . MET C 2 58 ? -6.672  0.205   7.270   1.00 22.52  ? 58   MET A N      1 
ATOM   924  C CA     . MET C 2 58 ? -7.182  -0.854  6.374   1.00 21.88  ? 58   MET A CA     1 
ATOM   925  C C      . MET C 2 58 ? -6.679  -2.196  6.860   1.00 25.99  ? 58   MET A C      1 
ATOM   926  O O      . MET C 2 58 ? -7.358  -3.219  6.903   1.00 32.17  ? 58   MET A O      1 
ATOM   927  C CB     . MET C 2 58 ? -6.756  -0.556  4.940   1.00 26.90  ? 58   MET A CB     1 
ATOM   928  C CG     . MET C 2 58 ? -7.696  -1.005  3.840   1.00 36.21  ? 58   MET A CG     1 
ATOM   929  S SD     . MET C 2 58 ? -7.129  -0.400  2.236   1.00 46.22  ? 58   MET A SD     1 
ATOM   930  C CE     . MET C 2 58 ? -7.295  1.374   2.430   1.00 18.09  ? 58   MET A CE     1 
ATOM   931  H H      . MET C 2 58 ? -6.090  0.915   6.927   1.00 0.00   ? 58   MET A H      1 
ATOM   932  N N      . LEU C 2 59 ? -5.421  -2.188  7.263   1.00 31.60  ? 59   LEU A N      1 
ATOM   933  C CA     . LEU C 2 59 ? -4.713  -3.326  7.817   1.00 33.40  ? 59   LEU A CA     1 
ATOM   934  C C      . LEU C 2 59 ? -5.484  -3.943  8.976   1.00 37.80  ? 59   LEU A C      1 
ATOM   935  O O      . LEU C 2 59 ? -5.716  -5.155  9.013   1.00 28.71  ? 59   LEU A O      1 
ATOM   936  C CB     . LEU C 2 59 ? -3.337  -2.827  8.263   1.00 30.53  ? 59   LEU A CB     1 
ATOM   937  C CG     . LEU C 2 59 ? -2.361  -3.848  8.815   1.00 27.13  ? 59   LEU A CG     1 
ATOM   938  C CD1    . LEU C 2 59 ? -1.857  -4.758  7.717   1.00 21.52  ? 59   LEU A CD1    1 
ATOM   939  C CD2    . LEU C 2 59 ? -1.200  -3.146  9.512   1.00 32.06  ? 59   LEU A CD2    1 
ATOM   940  H H      . LEU C 2 59 ? -4.928  -1.346  7.182   1.00 0.00   ? 59   LEU A H      1 
ATOM   941  N N      . ALA C 2 60 ? -5.878  -3.082  9.912   1.00 33.94  ? 60   ALA A N      1 
ATOM   942  C CA     . ALA C 2 60 ? -6.578  -3.499  11.117  1.00 30.10  ? 60   ALA A CA     1 
ATOM   943  C C      . ALA C 2 60 ? -7.999  -3.952  10.850  1.00 31.79  ? 60   ALA A C      1 
ATOM   944  O O      . ALA C 2 60 ? -8.610  -4.636  11.668  1.00 55.63  ? 60   ALA A O      1 
ATOM   945  C CB     . ALA C 2 60 ? -6.587  -2.342  12.128  1.00 27.07  ? 60   ALA A CB     1 
ATOM   946  H H      . ALA C 2 60 ? -5.689  -2.129  9.785   1.00 0.00   ? 60   ALA A H      1 
ATOM   947  N N      . LYS C 2 61 ? -8.566  -3.590  9.703   1.00 39.78  ? 61   LYS A N      1 
ATOM   948  C CA     . LYS C 2 61 ? -9.914  -3.992  9.349   1.00 40.70  ? 61   LYS A CA     1 
ATOM   949  C C      . LYS C 2 61 ? -10.014 -5.073  8.284   1.00 49.16  ? 61   LYS A C      1 
ATOM   950  O O      . LYS C 2 61 ? -11.120 -5.248  7.745   1.00 67.05  ? 61   LYS A O      1 
ATOM   951  C CB     . LYS C 2 61 ? -10.709 -2.795  8.810   1.00 41.55  ? 61   LYS A CB     1 
ATOM   952  C CG     . LYS C 2 61 ? -10.631 -1.537  9.654   1.00 49.88  ? 61   LYS A CG     1 
ATOM   953  C CD     . LYS C 2 61 ? -11.410 -0.414  8.970   1.00 38.51  ? 61   LYS A CD     1 
ATOM   954  C CE     . LYS C 2 61 ? -12.814 -0.917  8.639   1.00 30.21  ? 61   LYS A CE     1 
ATOM   955  N NZ     . LYS C 2 61 ? -13.293 -0.330  7.361   1.00 63.48  ? 61   LYS A NZ     1 
ATOM   956  H H      . LYS C 2 61 ? -8.057  -3.035  9.077   1.00 0.00   ? 61   LYS A H      1 
ATOM   957  H HZ1    . LYS C 2 61 ? -12.649 -0.601  6.591   1.00 0.00   ? 61   LYS A HZ1    1 
ATOM   958  H HZ2    . LYS C 2 61 ? -14.249 -0.683  7.154   1.00 0.00   ? 61   LYS A HZ2    1 
ATOM   959  H HZ3    . LYS C 2 61 ? -13.318 0.707   7.444   1.00 0.00   ? 61   LYS A HZ3    1 
ATOM   960  N N      . GLN C 2 62 ? -8.977  -5.821  7.910   1.00 49.20  ? 62   GLN A N      1 
ATOM   961  C CA     . GLN C 2 62 ? -9.254  -6.854  6.899   1.00 58.42  ? 62   GLN A CA     1 
ATOM   962  C C      . GLN C 2 62 ? -8.810  -8.245  7.340   1.00 66.28  ? 62   GLN A C      1 
ATOM   963  O O      . GLN C 2 62 ? -7.665  -8.445  7.741   1.00 73.71  ? 62   GLN A O      1 
ATOM   964  C CB     . GLN C 2 62 ? -8.598  -6.514  5.567   1.00 62.91  ? 62   GLN A CB     1 
ATOM   965  C CG     . GLN C 2 62 ? -7.082  -6.640  5.510   1.00 56.35  ? 62   GLN A CG     1 
ATOM   966  C CD     . GLN C 2 62 ? -6.565  -5.713  4.413   1.00 51.62  ? 62   GLN A CD     1 
ATOM   967  O OE1    . GLN C 2 62 ? -6.265  -6.151  3.308   1.00 30.36  ? 62   GLN A OE1    1 
ATOM   968  N NE2    . GLN C 2 62 ? -6.493  -4.434  4.753   1.00 48.12  ? 62   GLN A NE2    1 
ATOM   969  H H      . GLN C 2 62 ? -8.081  -5.691  8.286   1.00 0.00   ? 62   GLN A H      1 
ATOM   970  H HE21   . GLN C 2 62 ? -6.166  -3.805  4.078   1.00 0.00   ? 62   GLN A HE21   1 
ATOM   971  H HE22   . GLN C 2 62 ? -6.762  -4.149  5.651   1.00 0.00   ? 62   GLN A HE22   1 
ATOM   972  N N      . LYS C 2 63 ? -9.736  -9.198  7.248   1.00 69.62  ? 63   LYS A N      1 
ATOM   973  C CA     . LYS C 2 63 ? -10.665 -9.815  7.131   1.00 69.68  ? 63   LYS A CA     1 
ATOM   974  C C      . LYS C 2 63 ? -7.754  -12.115 6.629   1.00 91.28  ? 63   LYS A C      1 
ATOM   975  O O      . LYS C 2 63 ? -8.099  -11.429 5.442   1.00 101.65 ? 63   LYS A O      1 
ATOM   976  C CB     . LYS C 2 63 ? -11.413 -8.494  4.202   1.00 31.04  ? 63   LYS A CB     1 
ATOM   977  C CG     . LYS C 2 63 ? -10.910 -12.971 6.208   1.00 55.39  ? 63   LYS A CG     1 
ATOM   978  C CD     . LYS C 2 63 ? -9.581  -12.848 2.863   1.00 48.32  ? 63   LYS A CD     1 
ATOM   979  C CE     . LYS C 2 63 ? -10.460 -16.384 3.284   1.00 140.56 ? 63   LYS A CE     1 
ATOM   980  N NZ     . LYS C 2 63 ? -12.311 -15.604 6.495   1.00 47.57  ? 63   LYS A NZ     1 
ATOM   981  H H      . LYS C 2 63 ? -9.181  -9.886  7.393   1.00 0.00   ? 63   LYS A H      1 
ATOM   982  H HZ1    . LYS C 2 63 ? -13.081 -14.933 6.298   1.00 0.00   ? 63   LYS A HZ1    1 
ATOM   983  H HZ2    . LYS C 2 63 ? -12.707 -16.481 6.889   1.00 0.00   ? 63   LYS A HZ2    1 
ATOM   984  H HZ3    . LYS C 2 63 ? -11.653 -15.183 7.182   1.00 0.00   ? 63   LYS A HZ3    1 
ATOM   985  N N      . LYS C 2 64 ? -8.567  -11.737 7.613   1.00 81.05  ? 64   LYS A N      1 
ATOM   986  C CA     . LYS C 2 64 ? -5.605  -13.275 4.674   1.00 61.79  ? 64   LYS A CA     1 
ATOM   987  C C      . LYS C 2 64 ? -4.529  -14.817 7.385   1.00 138.86 ? 64   LYS A C      1 
ATOM   988  O O      . LYS C 2 64 ? -3.988  -15.318 6.379   1.00 138.99 ? 64   LYS A O      1 
ATOM   989  C CB     . LYS C 2 64 ? -3.937  -11.683 8.224   1.00 35.26  ? 64   LYS A CB     1 
ATOM   990  C CG     . LYS C 2 64 ? -3.772  -8.808  6.600   1.00 29.49  ? 64   LYS A CG     1 
ATOM   991  C CD     . LYS C 2 64 ? -4.553  -9.122  5.110   1.00 42.84  ? 64   LYS A CD     1 
ATOM   992  C CE     . LYS C 2 64 ? -1.261  -11.815 12.040  1.00 48.10  ? 64   LYS A CE     1 
ATOM   993  N NZ     . LYS C 2 64 ? -6.105  -6.958  12.414  1.00 51.70  ? 64   LYS A NZ     1 
ATOM   994  O OXT    . LYS C 2 64 ? -5.748  -14.584 7.496   1.00 138.51 ? 64   LYS A OXT    1 
ATOM   995  H H      . LYS C 2 64 ? -8.911  -11.568 7.991   1.00 0.00   ? 64   LYS A H      1 
ATOM   996  H HZ1    . LYS C 2 64 ? -6.987  -7.314  11.995  1.00 0.00   ? 64   LYS A HZ1    1 
ATOM   997  H HZ2    . LYS C 2 64 ? -6.271  -6.709  13.410  1.00 0.00   ? 64   LYS A HZ2    1 
ATOM   998  H HZ3    . LYS C 2 64 ? -5.791  -6.114  11.894  1.00 0.00   ? 64   LYS A HZ3    1 
HETATM 999  O O      . HOH D 3 .  ? 3.682   -8.697  -2.720  1.00 13.10  ? 1002 HOH B O      1 
HETATM 1000 H H1     . HOH D 3 .  ? 3.261   -7.856  -2.538  1.00 0.00   ? 1002 HOH B H1     1 
HETATM 1001 H H2     . HOH D 3 .  ? 3.749   -8.730  -3.675  1.00 0.00   ? 1002 HOH B H2     1 
HETATM 1002 O O      . HOH D 3 .  ? -1.341  -8.314  -12.510 1.00 21.63  ? 1004 HOH B O      1 
HETATM 1003 H H1     . HOH D 3 .  ? -0.897  -8.877  -13.144 1.00 0.00   ? 1004 HOH B H1     1 
HETATM 1004 H H2     . HOH D 3 .  ? -2.273  -8.469  -12.663 1.00 0.00   ? 1004 HOH B H2     1 
HETATM 1005 O O      . HOH D 3 .  ? 2.437   -18.079 -8.352  1.00 21.84  ? 1015 HOH B O      1 
HETATM 1006 H H1     . HOH D 3 .  ? 1.628   -18.405 -7.959  1.00 0.00   ? 1015 HOH B H1     1 
HETATM 1007 H H2     . HOH D 3 .  ? 3.134   -18.498 -7.846  1.00 0.00   ? 1015 HOH B H2     1 
HETATM 1008 O O      . HOH D 3 .  ? 1.269   -15.942 -10.114 1.00 19.14  ? 1017 HOH B O      1 
HETATM 1009 H H1     . HOH D 3 .  ? 1.903   -15.701 -9.438  1.00 0.00   ? 1017 HOH B H1     1 
HETATM 1010 H H2     . HOH D 3 .  ? 1.715   -16.613 -10.632 1.00 0.00   ? 1017 HOH B H2     1 
HETATM 1011 O O      . HOH D 3 .  ? 12.695  -13.459 0.239   1.00 23.41  ? 1019 HOH B O      1 
HETATM 1012 H H1     . HOH D 3 .  ? 12.119  -12.748 0.523   1.00 0.00   ? 1019 HOH B H1     1 
HETATM 1013 H H2     . HOH D 3 .  ? 13.236  -13.650 1.005   1.00 0.00   ? 1019 HOH B H2     1 
HETATM 1014 O O      . HOH D 3 .  ? 5.955   -16.665 1.323   1.00 24.49  ? 1020 HOH B O      1 
HETATM 1015 H H1     . HOH D 3 .  ? 5.707   -17.589 1.299   1.00 0.00   ? 1020 HOH B H1     1 
HETATM 1016 H H2     . HOH D 3 .  ? 6.065   -16.470 2.253   1.00 0.00   ? 1020 HOH B H2     1 
HETATM 1017 O O      . HOH D 3 .  ? -2.339  -10.210 -10.779 1.00 27.93  ? 1022 HOH B O      1 
HETATM 1018 H H1     . HOH D 3 .  ? -2.313  -10.196 -9.822  1.00 0.00   ? 1022 HOH B H1     1 
HETATM 1019 H H2     . HOH D 3 .  ? -1.895  -11.024 -11.019 1.00 0.00   ? 1022 HOH B H2     1 
HETATM 1020 O O      . HOH D 3 .  ? 18.129  -10.684 2.762   1.00 28.65  ? 1033 HOH B O      1 
HETATM 1021 H H1     . HOH D 3 .  ? 17.197  -10.902 2.774   1.00 0.00   ? 1033 HOH B H1     1 
HETATM 1022 H H2     . HOH D 3 .  ? 18.271  -10.192 3.570   1.00 0.00   ? 1033 HOH B H2     1 
HETATM 1023 O O      . HOH D 3 .  ? 17.837  -16.139 5.522   1.00 27.96  ? 1034 HOH B O      1 
HETATM 1024 H H1     . HOH D 3 .  ? 17.448  -15.274 5.387   1.00 0.00   ? 1034 HOH B H1     1 
HETATM 1025 H H2     . HOH D 3 .  ? 17.323  -16.525 6.232   1.00 0.00   ? 1034 HOH B H2     1 
HETATM 1026 O O      . HOH D 3 .  ? 0.228   -17.591 -12.307 1.00 27.25  ? 1038 HOH B O      1 
HETATM 1027 H H1     . HOH D 3 .  ? 0.426   -16.955 -12.993 1.00 0.00   ? 1038 HOH B H1     1 
HETATM 1028 H H2     . HOH D 3 .  ? 1.072   -17.996 -12.105 1.00 0.00   ? 1038 HOH B H2     1 
HETATM 1029 O O      . HOH D 3 .  ? 8.319   -15.787 2.237   1.00 23.55  ? 1043 HOH B O      1 
HETATM 1030 H H1     . HOH D 3 .  ? 7.399   -15.615 2.034   1.00 0.00   ? 1043 HOH B H1     1 
HETATM 1031 H H2     . HOH D 3 .  ? 8.361   -16.733 2.378   1.00 0.00   ? 1043 HOH B H2     1 
HETATM 1032 O O      . HOH D 3 .  ? 2.645   -17.462 -5.967  1.00 20.85  ? 1055 HOH B O      1 
HETATM 1033 H H1     . HOH D 3 .  ? 2.347   -16.643 -6.362  1.00 0.00   ? 1055 HOH B H1     1 
HETATM 1034 H H2     . HOH D 3 .  ? 3.341   -17.770 -6.549  1.00 0.00   ? 1055 HOH B H2     1 
HETATM 1035 O O      . HOH D 3 .  ? 15.689  -12.423 0.085   1.00 35.72  ? 1056 HOH B O      1 
HETATM 1036 H H1     . HOH D 3 .  ? 16.497  -12.029 0.412   1.00 0.00   ? 1056 HOH B H1     1 
HETATM 1037 H H2     . HOH D 3 .  ? 15.050  -12.272 0.781   1.00 0.00   ? 1056 HOH B H2     1 
HETATM 1038 O O      . HOH D 3 .  ? -4.280  -9.957  -6.361  1.00 25.75  ? 1058 HOH B O      1 
HETATM 1039 H H1     . HOH D 3 .  ? -5.089  -9.665  -5.942  1.00 0.00   ? 1058 HOH B H1     1 
HETATM 1040 H H2     . HOH D 3 .  ? -4.135  -9.327  -7.067  1.00 0.00   ? 1058 HOH B H2     1 
HETATM 1041 O O      . HOH D 3 .  ? 11.053  -11.697 9.810   1.00 18.51  ? 1059 HOH B O      1 
HETATM 1042 H H1     . HOH D 3 .  ? 11.891  -12.065 9.529   1.00 0.00   ? 1059 HOH B H1     1 
HETATM 1043 H H2     . HOH D 3 .  ? 10.990  -11.926 10.737  1.00 0.00   ? 1059 HOH B H2     1 
HETATM 1044 O O      . HOH D 3 .  ? 0.194   -15.360 -5.756  1.00 42.51  ? 1063 HOH B O      1 
HETATM 1045 H H1     . HOH D 3 .  ? 0.767   -15.942 -6.254  1.00 0.00   ? 1063 HOH B H1     1 
HETATM 1046 H H2     . HOH D 3 .  ? 0.180   -15.734 -4.875  1.00 0.00   ? 1063 HOH B H2     1 
HETATM 1047 O O      . HOH D 3 .  ? 16.583  -22.842 4.406   1.00 49.56  ? 1064 HOH B O      1 
HETATM 1048 H H1     . HOH D 3 .  ? 17.174  -22.523 5.089   1.00 0.00   ? 1064 HOH B H1     1 
HETATM 1049 H H2     . HOH D 3 .  ? 15.791  -22.313 4.508   1.00 0.00   ? 1064 HOH B H2     1 
HETATM 1050 O O      . HOH D 3 .  ? -0.175  -15.398 -3.254  1.00 28.66  ? 1066 HOH B O      1 
HETATM 1051 H H1     . HOH D 3 .  ? 0.005   -16.103 -2.633  1.00 0.00   ? 1066 HOH B H1     1 
HETATM 1052 H H2     . HOH D 3 .  ? 0.376   -15.599 -4.010  1.00 0.00   ? 1066 HOH B H2     1 
HETATM 1053 O O      . HOH D 3 .  ? 6.575   -17.562 -3.246  1.00 30.35  ? 1067 HOH B O      1 
HETATM 1054 H H1     . HOH D 3 .  ? 6.575   -18.443 -2.873  1.00 0.00   ? 1067 HOH B H1     1 
HETATM 1055 H H2     . HOH D 3 .  ? 6.942   -17.673 -4.123  1.00 0.00   ? 1067 HOH B H2     1 
HETATM 1056 O O      . HOH D 3 .  ? 3.930   -11.653 -20.503 1.00 26.95  ? 1075 HOH B O      1 
HETATM 1057 H H1     . HOH D 3 .  ? 4.735   -11.609 -19.987 1.00 0.00   ? 1075 HOH B H1     1 
HETATM 1058 H H2     . HOH D 3 .  ? 3.227   -11.574 -19.859 1.00 0.00   ? 1075 HOH B H2     1 
HETATM 1059 O O      . HOH D 3 .  ? 9.282   -12.818 -13.275 1.00 34.71  ? 1082 HOH B O      1 
HETATM 1060 H H1     . HOH D 3 .  ? 8.645   -12.913 -13.983 1.00 0.00   ? 1082 HOH B H1     1 
HETATM 1061 H H2     . HOH D 3 .  ? 9.939   -12.215 -13.622 1.00 0.00   ? 1082 HOH B H2     1 
HETATM 1062 O O      . HOH D 3 .  ? -0.761  -12.783 -11.452 1.00 41.68  ? 1093 HOH B O      1 
HETATM 1063 H H1     . HOH D 3 .  ? -0.771  -12.478 -10.545 1.00 0.00   ? 1093 HOH B H1     1 
HETATM 1064 H H2     . HOH D 3 .  ? -1.137  -13.662 -11.414 1.00 0.00   ? 1093 HOH B H2     1 
HETATM 1065 O O      . HOH D 3 .  ? 1.189   -16.295 1.510   1.00 33.65  ? 1098 HOH B O      1 
HETATM 1066 H H1     . HOH D 3 .  ? 0.649   -15.986 0.783   1.00 0.00   ? 1098 HOH B H1     1 
HETATM 1067 H H2     . HOH D 3 .  ? 0.802   -15.889 2.286   1.00 0.00   ? 1098 HOH B H2     1 
HETATM 1068 O O      . HOH D 3 .  ? 9.634   -18.682 -14.065 1.00 36.52  ? 1100 HOH B O      1 
HETATM 1069 H H1     . HOH D 3 .  ? 10.036  -17.875 -13.743 1.00 0.00   ? 1100 HOH B H1     1 
HETATM 1070 H H2     . HOH D 3 .  ? 10.350  -19.155 -14.489 1.00 0.00   ? 1100 HOH B H2     1 
HETATM 1071 O O      . HOH D 3 .  ? 15.942  -15.954 -15.503 1.00 31.68  ? 1101 HOH B O      1 
HETATM 1072 H H1     . HOH D 3 .  ? 16.212  -15.614 -14.650 1.00 0.00   ? 1101 HOH B H1     1 
HETATM 1073 H H2     . HOH D 3 .  ? 15.913  -16.904 -15.384 1.00 0.00   ? 1101 HOH B H2     1 
HETATM 1074 O O      . HOH D 3 .  ? 3.373   -6.804  -16.014 1.00 38.49  ? 1103 HOH B O      1 
HETATM 1075 H H1     . HOH D 3 .  ? 3.053   -7.051  -16.882 1.00 0.00   ? 1103 HOH B H1     1 
HETATM 1076 H H2     . HOH D 3 .  ? 2.839   -7.316  -15.407 1.00 0.00   ? 1103 HOH B H2     1 
HETATM 1077 O O      . HOH D 3 .  ? 19.452  -19.557 7.937   1.00 29.16  ? 1106 HOH B O      1 
HETATM 1078 H H1     . HOH D 3 .  ? 20.043  -19.238 8.620   1.00 0.00   ? 1106 HOH B H1     1 
HETATM 1079 H H2     . HOH D 3 .  ? 18.660  -19.028 8.039   1.00 0.00   ? 1106 HOH B H2     1 
HETATM 1080 O O      . HOH D 3 .  ? 16.880  -13.790 2.099   1.00 43.63  ? 1113 HOH B O      1 
HETATM 1081 H H1     . HOH D 3 .  ? 16.311  -14.353 1.574   1.00 0.00   ? 1113 HOH B H1     1 
HETATM 1082 H H2     . HOH D 3 .  ? 16.289  -13.142 2.483   1.00 0.00   ? 1113 HOH B H2     1 
HETATM 1083 O O      . HOH D 3 .  ? 4.826   -6.454  -11.995 1.00 49.11  ? 1127 HOH B O      1 
HETATM 1084 H H1     . HOH D 3 .  ? 4.279   -7.186  -11.711 1.00 0.00   ? 1127 HOH B H1     1 
HETATM 1085 H H2     . HOH D 3 .  ? 4.447   -6.180  -12.830 1.00 0.00   ? 1127 HOH B H2     1 
HETATM 1086 O O      . HOH D 3 .  ? 5.724   -22.410 15.862  1.00 31.98  ? 1130 HOH B O      1 
HETATM 1087 H H1     . HOH D 3 .  ? 6.461   -22.457 16.470  1.00 0.00   ? 1130 HOH B H1     1 
HETATM 1088 H H2     . HOH D 3 .  ? 5.888   -21.620 15.347  1.00 0.00   ? 1130 HOH B H2     1 
HETATM 1089 O O      . HOH D 3 .  ? 10.894  -16.553 -14.090 1.00 32.46  ? 1133 HOH B O      1 
HETATM 1090 H H1     . HOH D 3 .  ? 10.943  -15.653 -13.769 1.00 0.00   ? 1133 HOH B H1     1 
HETATM 1091 H H2     . HOH D 3 .  ? 10.021  -16.851 -13.838 1.00 0.00   ? 1133 HOH B H2     1 
HETATM 1092 O O      . HOH D 3 .  ? 8.310   -17.218 5.130   1.00 39.18  ? 1137 HOH B O      1 
HETATM 1093 H H1     . HOH D 3 .  ? 9.054   -17.694 5.499   1.00 0.00   ? 1137 HOH B H1     1 
HETATM 1094 H H2     . HOH D 3 .  ? 8.508   -17.150 4.196   1.00 0.00   ? 1137 HOH B H2     1 
HETATM 1095 O O      . HOH D 3 .  ? 11.101  -25.381 9.219   1.00 37.61  ? 1144 HOH B O      1 
HETATM 1096 H H1     . HOH D 3 .  ? 11.233  -26.272 9.543   1.00 0.00   ? 1144 HOH B H1     1 
HETATM 1097 H H2     . HOH D 3 .  ? 11.180  -25.458 8.268   1.00 0.00   ? 1144 HOH B H2     1 
HETATM 1098 O O      . HOH D 3 .  ? 4.803   -15.369 11.770  1.00 43.14  ? 1149 HOH B O      1 
HETATM 1099 H H1     . HOH D 3 .  ? 4.065   -14.828 11.489  1.00 0.00   ? 1149 HOH B H1     1 
HETATM 1100 H H2     . HOH D 3 .  ? 4.788   -15.317 12.726  1.00 0.00   ? 1149 HOH B H2     1 
HETATM 1101 O O      . HOH D 3 .  ? 9.687   -13.021 11.965  1.00 45.48  ? 1151 HOH B O      1 
HETATM 1102 H H1     . HOH D 3 .  ? 9.075   -13.350 12.624  1.00 0.00   ? 1151 HOH B H1     1 
HETATM 1103 H H2     . HOH D 3 .  ? 9.794   -12.094 12.178  1.00 0.00   ? 1151 HOH B H2     1 
HETATM 1104 O O      . HOH D 3 .  ? -1.126  -16.190 -0.249  1.00 44.93  ? 1153 HOH B O      1 
HETATM 1105 H H1     . HOH D 3 .  ? -0.915  -15.907 -1.138  1.00 0.00   ? 1153 HOH B H1     1 
HETATM 1106 H H2     . HOH D 3 .  ? -0.608  -16.986 -0.120  1.00 0.00   ? 1153 HOH B H2     1 
HETATM 1107 O O      . HOH E 3 .  ? 6.283   -7.535  -3.512  1.00 18.48  ? 1003 HOH C O      1 
HETATM 1108 H H1     . HOH E 3 .  ? 5.495   -7.402  -2.985  1.00 0.00   ? 1003 HOH C H1     1 
HETATM 1109 H H2     . HOH E 3 .  ? 6.209   -6.893  -4.219  1.00 0.00   ? 1003 HOH C H2     1 
HETATM 1110 O O      . HOH E 3 .  ? 6.277   -5.503  -1.736  1.00 14.87  ? 1006 HOH C O      1 
HETATM 1111 H H1     . HOH E 3 .  ? 6.957   -6.162  -1.593  1.00 0.00   ? 1006 HOH C H1     1 
HETATM 1112 H H2     . HOH E 3 .  ? 6.137   -5.505  -2.683  1.00 0.00   ? 1006 HOH C H2     1 
HETATM 1113 O O      . HOH E 3 .  ? 14.222  -9.407  1.940   1.00 16.41  ? 1007 HOH C O      1 
HETATM 1114 H H1     . HOH E 3 .  ? 13.785  -9.071  1.157   1.00 0.00   ? 1007 HOH C H1     1 
HETATM 1115 H H2     . HOH E 3 .  ? 15.001  -9.854  1.606   1.00 0.00   ? 1007 HOH C H2     1 
HETATM 1116 O O      . HOH E 3 .  ? 9.331   -17.950 -3.554  1.00 25.19  ? 1010 HOH C O      1 
HETATM 1117 H H1     . HOH E 3 .  ? 9.148   -17.758 -4.474  1.00 0.00   ? 1010 HOH C H1     1 
HETATM 1118 H H2     . HOH E 3 .  ? 10.046  -18.586 -3.580  1.00 0.00   ? 1010 HOH C H2     1 
HETATM 1119 O O      . HOH E 3 .  ? 9.045   -22.831 -3.252  1.00 29.76  ? 1012 HOH C O      1 
HETATM 1120 H H1     . HOH E 3 .  ? 8.373   -23.219 -2.693  1.00 0.00   ? 1012 HOH C H1     1 
HETATM 1121 H H2     . HOH E 3 .  ? 8.924   -21.887 -3.152  1.00 0.00   ? 1012 HOH C H2     1 
HETATM 1122 O O      . HOH E 3 .  ? 11.173  -17.894 -10.265 1.00 26.30  ? 1013 HOH C O      1 
HETATM 1123 H H1     . HOH E 3 .  ? 10.554  -17.471 -9.670  1.00 0.00   ? 1013 HOH C H1     1 
HETATM 1124 H H2     . HOH E 3 .  ? 10.827  -18.779 -10.383 1.00 0.00   ? 1013 HOH C H2     1 
HETATM 1125 O O      . HOH E 3 .  ? 15.169  1.147   3.854   1.00 27.54  ? 1024 HOH C O      1 
HETATM 1126 H H1     . HOH E 3 .  ? 14.389  0.875   4.336   1.00 0.00   ? 1024 HOH C H1     1 
HETATM 1127 H H2     . HOH E 3 .  ? 15.682  1.646   4.490   1.00 0.00   ? 1024 HOH C H2     1 
HETATM 1128 O O      . HOH E 3 .  ? 17.544  -16.539 -5.194  1.00 30.92  ? 1028 HOH C O      1 
HETATM 1129 H H1     . HOH E 3 .  ? 17.737  -15.712 -5.635  1.00 0.00   ? 1028 HOH C H1     1 
HETATM 1130 H H2     . HOH E 3 .  ? 18.293  -16.683 -4.616  1.00 0.00   ? 1028 HOH C H2     1 
HETATM 1131 O O      . HOH E 3 .  ? 9.662   -9.524  9.600   1.00 20.15  ? 1029 HOH C O      1 
HETATM 1132 H H1     . HOH E 3 .  ? 9.833   -9.676  8.670   1.00 0.00   ? 1029 HOH C H1     1 
HETATM 1133 H H2     . HOH E 3 .  ? 10.148  -10.215 10.049  1.00 0.00   ? 1029 HOH C H2     1 
HETATM 1134 O O      . HOH E 3 .  ? 15.939  -13.062 -4.516  1.00 21.22  ? 1030 HOH C O      1 
HETATM 1135 H H1     . HOH E 3 .  ? 15.820  -13.672 -3.788  1.00 0.00   ? 1030 HOH C H1     1 
HETATM 1136 H H2     . HOH E 3 .  ? 15.577  -12.236 -4.197  1.00 0.00   ? 1030 HOH C H2     1 
HETATM 1137 O O      . HOH E 3 .  ? 10.707  -20.356 -10.950 1.00 30.41  ? 1031 HOH C O      1 
HETATM 1138 H H1     . HOH E 3 .  ? 11.556  -20.131 -11.331 1.00 0.00   ? 1031 HOH C H1     1 
HETATM 1139 H H2     . HOH E 3 .  ? 10.511  -21.226 -11.297 1.00 0.00   ? 1031 HOH C H2     1 
HETATM 1140 O O      . HOH E 3 .  ? 12.903  -15.804 -2.935  1.00 24.75  ? 1035 HOH C O      1 
HETATM 1141 H H1     . HOH E 3 .  ? 12.520  -16.341 -3.630  1.00 0.00   ? 1035 HOH C H1     1 
HETATM 1142 H H2     . HOH E 3 .  ? 12.261  -15.111 -2.786  1.00 0.00   ? 1035 HOH C H2     1 
HETATM 1143 O O      . HOH E 3 .  ? 11.774  -7.542  10.611  1.00 25.71  ? 1045 HOH C O      1 
HETATM 1144 H H1     . HOH E 3 .  ? 11.475  -7.118  9.807   1.00 0.00   ? 1045 HOH C H1     1 
HETATM 1145 H H2     . HOH E 3 .  ? 12.674  -7.808  10.421  1.00 0.00   ? 1045 HOH C H2     1 
HETATM 1146 O O      . HOH E 3 .  ? 18.289  -8.872  -7.295  1.00 45.78  ? 1049 HOH C O      1 
HETATM 1147 H H1     . HOH E 3 .  ? 17.441  -8.450  -7.159  1.00 0.00   ? 1049 HOH C H1     1 
HETATM 1148 H H2     . HOH E 3 .  ? 18.472  -9.316  -6.467  1.00 0.00   ? 1049 HOH C H2     1 
HETATM 1149 O O      . HOH E 3 .  ? 14.780  0.230   11.749  1.00 25.11  ? 1050 HOH C O      1 
HETATM 1150 H H1     . HOH E 3 .  ? 14.083  0.469   11.138  1.00 0.00   ? 1050 HOH C H1     1 
HETATM 1151 H H2     . HOH E 3 .  ? 14.356  0.223   12.607  1.00 0.00   ? 1050 HOH C H2     1 
HETATM 1152 O O      . HOH E 3 .  ? 1.469   -21.637 -6.036  1.00 48.05  ? 1051 HOH C O      1 
HETATM 1153 H H1     . HOH E 3 .  ? 1.302   -21.815 -6.962  1.00 0.00   ? 1051 HOH C H1     1 
HETATM 1154 H H2     . HOH E 3 .  ? 2.266   -21.107 -6.034  1.00 0.00   ? 1051 HOH C H2     1 
HETATM 1155 O O      . HOH E 3 .  ? 15.863  -3.243  -6.299  1.00 32.01  ? 1057 HOH C O      1 
HETATM 1156 H H1     . HOH E 3 .  ? 15.225  -3.766  -5.815  1.00 0.00   ? 1057 HOH C H1     1 
HETATM 1157 H H2     . HOH E 3 .  ? 16.713  -3.524  -5.958  1.00 0.00   ? 1057 HOH C H2     1 
HETATM 1158 O O      . HOH E 3 .  ? 10.992  -11.938 -10.835 1.00 44.67  ? 1068 HOH C O      1 
HETATM 1159 H H1     . HOH E 3 .  ? 11.193  -11.257 -11.478 1.00 0.00   ? 1068 HOH C H1     1 
HETATM 1160 H H2     . HOH E 3 .  ? 10.240  -12.401 -11.204 1.00 0.00   ? 1068 HOH C H2     1 
HETATM 1161 O O      . HOH E 3 .  ? 9.272   -9.598  -8.204  1.00 29.54  ? 1069 HOH C O      1 
HETATM 1162 H H1     . HOH E 3 .  ? 9.056   -9.063  -8.967  1.00 0.00   ? 1069 HOH C H1     1 
HETATM 1163 H H2     . HOH E 3 .  ? 8.612   -10.292 -8.203  1.00 0.00   ? 1069 HOH C H2     1 
HETATM 1164 O O      . HOH E 3 .  ? 5.826   -27.380 -3.822  1.00 34.87  ? 1090 HOH C O      1 
HETATM 1165 H H1     . HOH E 3 .  ? 6.070   -26.616 -3.300  1.00 0.00   ? 1090 HOH C H1     1 
HETATM 1166 H H2     . HOH E 3 .  ? 4.930   -27.580 -3.550  1.00 0.00   ? 1090 HOH C H2     1 
HETATM 1167 O O      . HOH E 3 .  ? 0.858   -20.040 -8.748  1.00 48.79  ? 1091 HOH C O      1 
HETATM 1168 H H1     . HOH E 3 .  ? 0.742   -20.296 -9.662  1.00 0.00   ? 1091 HOH C H1     1 
HETATM 1169 H H2     . HOH E 3 .  ? -0.033  -19.924 -8.417  1.00 0.00   ? 1091 HOH C H2     1 
HETATM 1170 O O      . HOH E 3 .  ? 10.811  -16.379 -2.195  1.00 40.66  ? 1097 HOH C O      1 
HETATM 1171 H H1     . HOH E 3 .  ? 11.552  -16.981 -2.123  1.00 0.00   ? 1097 HOH C H1     1 
HETATM 1172 H H2     . HOH E 3 .  ? 10.081  -16.929 -2.477  1.00 0.00   ? 1097 HOH C H2     1 
HETATM 1173 O O      . HOH E 3 .  ? 2.992   -19.301 -4.135  1.00 42.97  ? 1099 HOH C O      1 
HETATM 1174 H H1     . HOH E 3 .  ? 2.746   -18.875 -3.314  1.00 0.00   ? 1099 HOH C H1     1 
HETATM 1175 H H2     . HOH E 3 .  ? 3.726   -18.782 -4.464  1.00 0.00   ? 1099 HOH C H2     1 
HETATM 1176 O O      . HOH E 3 .  ? 14.991  -5.465  1.649   1.00 21.23  ? 1104 HOH C O      1 
HETATM 1177 H H1     . HOH E 3 .  ? 15.563  -4.851  1.186   1.00 0.00   ? 1104 HOH C H1     1 
HETATM 1178 H H2     . HOH E 3 .  ? 14.173  -4.984  1.774   1.00 0.00   ? 1104 HOH C H2     1 
HETATM 1179 O O      . HOH E 3 .  ? 14.264  -3.603  -8.561  1.00 58.04  ? 1108 HOH C O      1 
HETATM 1180 H H1     . HOH E 3 .  ? 13.744  -4.403  -8.656  1.00 0.00   ? 1108 HOH C H1     1 
HETATM 1181 H H2     . HOH E 3 .  ? 14.436  -3.321  -9.458  1.00 0.00   ? 1108 HOH C H2     1 
HETATM 1182 O O      . HOH E 3 .  ? 16.874  -0.498  -2.864  1.00 29.26  ? 1114 HOH C O      1 
HETATM 1183 H H1     . HOH E 3 .  ? 17.681  -0.121  -3.213  1.00 0.00   ? 1114 HOH C H1     1 
HETATM 1184 H H2     . HOH E 3 .  ? 16.750  -0.060  -2.021  1.00 0.00   ? 1114 HOH C H2     1 
HETATM 1185 O O      . HOH E 3 .  ? 18.776  4.691   8.114   1.00 58.09  ? 1118 HOH C O      1 
HETATM 1186 H H1     . HOH E 3 .  ? 18.186  4.372   7.431   1.00 0.00   ? 1118 HOH C H1     1 
HETATM 1187 H H2     . HOH E 3 .  ? 19.568  4.162   8.012   1.00 0.00   ? 1118 HOH C H2     1 
HETATM 1188 O O      . HOH E 3 .  ? 15.289  0.889   -1.224  1.00 53.66  ? 1123 HOH C O      1 
HETATM 1189 H H1     . HOH E 3 .  ? 16.103  1.026   -1.708  1.00 0.00   ? 1123 HOH C H1     1 
HETATM 1190 H H2     . HOH E 3 .  ? 14.831  1.727   -1.283  1.00 0.00   ? 1123 HOH C H2     1 
HETATM 1191 O O      . HOH E 3 .  ? 17.087  -10.890 -4.157  1.00 27.89  ? 1126 HOH C O      1 
HETATM 1192 H H1     . HOH E 3 .  ? 16.258  -11.264 -3.857  1.00 0.00   ? 1126 HOH C H1     1 
HETATM 1193 H H2     . HOH E 3 .  ? 17.758  -11.393 -3.696  1.00 0.00   ? 1126 HOH C H2     1 
HETATM 1194 O O      . HOH E 3 .  ? 10.588  -4.709  8.859   1.00 33.59  ? 1128 HOH C O      1 
HETATM 1195 H H1     . HOH E 3 .  ? 9.931   -5.245  8.416   1.00 0.00   ? 1128 HOH C H1     1 
HETATM 1196 H H2     . HOH E 3 .  ? 11.304  -4.634  8.228   1.00 0.00   ? 1128 HOH C H2     1 
HETATM 1197 O O      . HOH E 3 .  ? 10.645  -20.406 -2.733  1.00 31.96  ? 1129 HOH C O      1 
HETATM 1198 H H1     . HOH E 3 .  ? 10.652  -21.302 -3.069  1.00 0.00   ? 1129 HOH C H1     1 
HETATM 1199 H H2     . HOH E 3 .  ? 11.398  -19.987 -3.150  1.00 0.00   ? 1129 HOH C H2     1 
HETATM 1200 O O      . HOH E 3 .  ? 15.684  -14.479 -2.425  1.00 28.38  ? 1131 HOH C O      1 
HETATM 1201 H H1     . HOH E 3 .  ? 16.069  -14.824 -1.619  1.00 0.00   ? 1131 HOH C H1     1 
HETATM 1202 H H2     . HOH E 3 .  ? 14.838  -14.124 -2.155  1.00 0.00   ? 1131 HOH C H2     1 
HETATM 1203 O O      . HOH E 3 .  ? 14.854  -17.963 -3.713  1.00 41.69  ? 1132 HOH C O      1 
HETATM 1204 H H1     . HOH E 3 .  ? 15.722  -17.581 -3.842  1.00 0.00   ? 1132 HOH C H1     1 
HETATM 1205 H H2     . HOH E 3 .  ? 14.778  -18.621 -4.404  1.00 0.00   ? 1132 HOH C H2     1 
HETATM 1206 O O      . HOH E 3 .  ? 15.499  3.069   0.260   1.00 31.94  ? 1135 HOH C O      1 
HETATM 1207 H H1     . HOH E 3 .  ? 16.137  2.360   0.185   1.00 0.00   ? 1135 HOH C H1     1 
HETATM 1208 H H2     . HOH E 3 .  ? 14.658  2.625   0.375   1.00 0.00   ? 1135 HOH C H2     1 
HETATM 1209 O O      . HOH E 3 .  ? 14.095  -19.380 -0.681  1.00 49.18  ? 1138 HOH C O      1 
HETATM 1210 H H1     . HOH E 3 .  ? 13.504  -19.699 -1.363  1.00 0.00   ? 1138 HOH C H1     1 
HETATM 1211 H H2     . HOH E 3 .  ? 14.886  -19.909 -0.782  1.00 0.00   ? 1138 HOH C H2     1 
HETATM 1212 O O      . HOH E 3 .  ? 11.467  3.145   2.591   1.00 34.54  ? 1145 HOH C O      1 
HETATM 1213 H H1     . HOH E 3 .  ? 11.991  2.368   2.393   1.00 0.00   ? 1145 HOH C H1     1 
HETATM 1214 H H2     . HOH E 3 .  ? 10.736  3.105   1.974   1.00 0.00   ? 1145 HOH C H2     1 
HETATM 1215 O O      . HOH F 3 .  ? 3.446   -6.220  -1.554  1.00 12.37  ? 1001 HOH A O      1 
HETATM 1216 H H1     . HOH F 3 .  ? 2.737   -5.581  -1.475  1.00 0.00   ? 1001 HOH A H1     1 
HETATM 1217 H H2     . HOH F 3 .  ? 3.466   -6.442  -2.485  1.00 0.00   ? 1001 HOH A H2     1 
HETATM 1218 O O      . HOH F 3 .  ? 4.304   -5.450  -9.059  1.00 22.94  ? 1005 HOH A O      1 
HETATM 1219 H H1     . HOH F 3 .  ? 5.153   -5.123  -9.358  1.00 0.00   ? 1005 HOH A H1     1 
HETATM 1220 H H2     . HOH F 3 .  ? 3.707   -5.268  -9.784  1.00 0.00   ? 1005 HOH A H2     1 
HETATM 1221 O O      . HOH F 3 .  ? 6.737   -5.480  14.751  1.00 35.52  ? 1008 HOH A O      1 
HETATM 1222 H H1     . HOH F 3 .  ? 5.873   -5.550  14.344  1.00 0.00   ? 1008 HOH A H1     1 
HETATM 1223 H H2     . HOH F 3 .  ? 7.109   -6.358  14.677  1.00 0.00   ? 1008 HOH A H2     1 
HETATM 1224 O O      . HOH F 3 .  ? 8.126   -1.670  15.472  1.00 14.61  ? 1009 HOH A O      1 
HETATM 1225 H H1     . HOH F 3 .  ? 7.545   -1.340  14.786  1.00 0.00   ? 1009 HOH A H1     1 
HETATM 1226 H H2     . HOH F 3 .  ? 8.872   -1.070  15.464  1.00 0.00   ? 1009 HOH A H2     1 
HETATM 1227 O O      . HOH F 3 .  ? 7.545   -10.070 -10.685 1.00 19.86  ? 1011 HOH A O      1 
HETATM 1228 H H1     . HOH F 3 .  ? 8.057   -10.076 -11.493 1.00 0.00   ? 1011 HOH A H1     1 
HETATM 1229 H H2     . HOH F 3 .  ? 7.266   -10.978 -10.571 1.00 0.00   ? 1011 HOH A H2     1 
HETATM 1230 O O      . HOH F 3 .  ? 9.133   3.624   3.571   1.00 21.05  ? 1014 HOH A O      1 
HETATM 1231 H H1     . HOH F 3 .  ? 8.846   2.744   3.817   1.00 0.00   ? 1014 HOH A H1     1 
HETATM 1232 H H2     . HOH F 3 .  ? 9.768   3.481   2.868   1.00 0.00   ? 1014 HOH A H2     1 
HETATM 1233 O O      . HOH F 3 .  ? 2.458   0.623   13.204  1.00 26.79  ? 1016 HOH A O      1 
HETATM 1234 H H1     . HOH F 3 .  ? 2.956   1.159   12.587  1.00 0.00   ? 1016 HOH A H1     1 
HETATM 1235 H H2     . HOH F 3 .  ? 3.053   -0.090  13.438  1.00 0.00   ? 1016 HOH A H2     1 
HETATM 1236 O O      . HOH F 3 .  ? 8.972   2.082   0.114   1.00 16.76  ? 1018 HOH A O      1 
HETATM 1237 H H1     . HOH F 3 .  ? 8.438   2.816   -0.191  1.00 0.00   ? 1018 HOH A H1     1 
HETATM 1238 H H2     . HOH F 3 .  ? 9.867   2.421   0.115   1.00 0.00   ? 1018 HOH A H2     1 
HETATM 1239 O O      . HOH F 3 .  ? -7.948  1.882   -11.845 1.00 34.36  ? 1021 HOH A O      1 
HETATM 1240 H H1     . HOH F 3 .  ? -7.518  1.158   -12.300 1.00 0.00   ? 1021 HOH A H1     1 
HETATM 1241 H H2     . HOH F 3 .  ? -8.643  2.162   -12.442 1.00 0.00   ? 1021 HOH A H2     1 
HETATM 1242 O O      . HOH F 3 .  ? 7.078   13.668  -4.006  1.00 25.12  ? 1023 HOH A O      1 
HETATM 1243 H H1     . HOH F 3 .  ? 7.932   14.038  -3.780  1.00 0.00   ? 1023 HOH A H1     1 
HETATM 1244 H H2     . HOH F 3 .  ? 6.563   13.746  -3.202  1.00 0.00   ? 1023 HOH A H2     1 
HETATM 1245 O O      . HOH F 3 .  ? 2.655   -5.515  -11.067 1.00 24.04  ? 1025 HOH A O      1 
HETATM 1246 H H1     . HOH F 3 .  ? 3.066   -5.955  -11.811 1.00 0.00   ? 1025 HOH A H1     1 
HETATM 1247 H H2     . HOH F 3 .  ? 1.806   -5.944  -10.973 1.00 0.00   ? 1025 HOH A H2     1 
HETATM 1248 O O      . HOH F 3 .  ? -7.827  -3.393  1.462   1.00 45.29  ? 1026 HOH A O      1 
HETATM 1249 H H1     . HOH F 3 .  ? -6.954  -3.117  1.741   1.00 0.00   ? 1026 HOH A H1     1 
HETATM 1250 H H2     . HOH F 3 .  ? -8.297  -3.562  2.277   1.00 0.00   ? 1026 HOH A H2     1 
HETATM 1251 O O      . HOH F 3 .  ? -8.576  1.430   -0.585  1.00 18.23  ? 1027 HOH A O      1 
HETATM 1252 H H1     . HOH F 3 .  ? -9.292  0.868   -0.288  1.00 0.00   ? 1027 HOH A H1     1 
HETATM 1253 H H2     . HOH F 3 .  ? -8.747  1.566   -1.517  1.00 0.00   ? 1027 HOH A H2     1 
HETATM 1254 O O      . HOH F 3 .  ? 5.817   -8.656  14.039  1.00 33.88  ? 1032 HOH A O      1 
HETATM 1255 H H1     . HOH F 3 .  ? 6.265   -9.485  14.207  1.00 0.00   ? 1032 HOH A H1     1 
HETATM 1256 H H2     . HOH F 3 .  ? 6.292   -8.014  14.568  1.00 0.00   ? 1032 HOH A H2     1 
HETATM 1257 O O      . HOH F 3 .  ? 3.322   14.526  -1.611  1.00 23.30  ? 1036 HOH A O      1 
HETATM 1258 H H1     . HOH F 3 .  ? 4.059   15.122  -1.478  1.00 0.00   ? 1036 HOH A H1     1 
HETATM 1259 H H2     . HOH F 3 .  ? 3.500   14.108  -2.454  1.00 0.00   ? 1036 HOH A H2     1 
HETATM 1260 O O      . HOH F 3 .  ? 7.814   13.710  -1.183  1.00 25.42  ? 1037 HOH A O      1 
HETATM 1261 H H1     . HOH F 3 .  ? 8.402   13.986  -0.481  1.00 0.00   ? 1037 HOH A H1     1 
HETATM 1262 H H2     . HOH F 3 .  ? 6.963   13.607  -0.757  1.00 0.00   ? 1037 HOH A H2     1 
HETATM 1263 O O      . HOH F 3 .  ? 7.830   -0.367  -2.218  1.00 19.68  ? 1039 HOH A O      1 
HETATM 1264 H H1     . HOH F 3 .  ? 7.124   -0.913  -1.873  1.00 0.00   ? 1039 HOH A H1     1 
HETATM 1265 H H2     . HOH F 3 .  ? 8.003   0.268   -1.523  1.00 0.00   ? 1039 HOH A H2     1 
HETATM 1266 O O      . HOH F 3 .  ? 4.339   -1.368  -8.087  1.00 29.86  ? 1040 HOH A O      1 
HETATM 1267 H H1     . HOH F 3 .  ? 5.095   -1.706  -8.567  1.00 0.00   ? 1040 HOH A H1     1 
HETATM 1268 H H2     . HOH F 3 .  ? 4.401   -1.775  -7.223  1.00 0.00   ? 1040 HOH A H2     1 
HETATM 1269 O O      . HOH F 3 .  ? -11.475 4.350   -6.984  1.00 40.85  ? 1041 HOH A O      1 
HETATM 1270 H H1     . HOH F 3 .  ? -10.850 4.115   -6.299  1.00 0.00   ? 1041 HOH A H1     1 
HETATM 1271 H H2     . HOH F 3 .  ? -11.328 5.284   -7.132  1.00 0.00   ? 1041 HOH A H2     1 
HETATM 1272 O O      . HOH F 3 .  ? -8.287  11.044  -15.839 1.00 45.47  ? 1042 HOH A O      1 
HETATM 1273 H H1     . HOH F 3 .  ? -7.696  11.363  -15.157 1.00 0.00   ? 1042 HOH A H1     1 
HETATM 1274 H H2     . HOH F 3 .  ? -7.792  10.356  -16.283 1.00 0.00   ? 1042 HOH A H2     1 
HETATM 1275 O O      . HOH F 3 .  ? -4.953  -8.173  -11.414 1.00 32.00  ? 1044 HOH A O      1 
HETATM 1276 H H1     . HOH F 3 .  ? -5.027  -7.479  -12.069 1.00 0.00   ? 1044 HOH A H1     1 
HETATM 1277 H H2     . HOH F 3 .  ? -4.604  -7.733  -10.638 1.00 0.00   ? 1044 HOH A H2     1 
HETATM 1278 O O      . HOH F 3 .  ? -3.931  -8.631  -4.465  1.00 23.15  ? 1046 HOH A O      1 
HETATM 1279 H H1     . HOH F 3 .  ? -3.682  -7.841  -3.985  1.00 0.00   ? 1046 HOH A H1     1 
HETATM 1280 H H2     . HOH F 3 .  ? -4.666  -8.992  -3.969  1.00 0.00   ? 1046 HOH A H2     1 
HETATM 1281 O O      . HOH F 3 .  ? 4.641   11.490  -6.827  1.00 33.57  ? 1047 HOH A O      1 
HETATM 1282 H H1     . HOH F 3 .  ? 3.906   11.947  -7.238  1.00 0.00   ? 1047 HOH A H1     1 
HETATM 1283 H H2     . HOH F 3 .  ? 5.319   11.470  -7.503  1.00 0.00   ? 1047 HOH A H2     1 
HETATM 1284 O O      . HOH F 3 .  ? -10.601 1.464   6.653   1.00 40.74  ? 1048 HOH A O      1 
HETATM 1285 H H1     . HOH F 3 .  ? -10.771 0.763   7.283   1.00 0.00   ? 1048 HOH A H1     1 
HETATM 1286 H H2     . HOH F 3 .  ? -11.468 1.714   6.331   1.00 0.00   ? 1048 HOH A H2     1 
HETATM 1287 O O      . HOH F 3 .  ? -1.968  1.560   -14.063 1.00 38.59  ? 1052 HOH A O      1 
HETATM 1288 H H1     . HOH F 3 .  ? -1.423  2.337   -13.937 1.00 0.00   ? 1052 HOH A H1     1 
HETATM 1289 H H2     . HOH F 3 .  ? -2.609  1.600   -13.353 1.00 0.00   ? 1052 HOH A H2     1 
HETATM 1290 O O      . HOH F 3 .  ? -6.628  7.597   18.459  1.00 29.19  ? 1053 HOH A O      1 
HETATM 1291 H H1     . HOH F 3 .  ? -6.037  7.916   19.141  1.00 0.00   ? 1053 HOH A H1     1 
HETATM 1292 H H2     . HOH F 3 .  ? -7.420  8.125   18.561  1.00 0.00   ? 1053 HOH A H2     1 
HETATM 1293 O O      . HOH F 3 .  ? -10.588 -0.910  1.975   1.00 35.13  ? 1054 HOH A O      1 
HETATM 1294 H H1     . HOH F 3 .  ? -10.015 -0.679  1.243   1.00 0.00   ? 1054 HOH A H1     1 
HETATM 1295 H H2     . HOH F 3 .  ? -10.973 -0.078  2.250   1.00 0.00   ? 1054 HOH A H2     1 
HETATM 1296 O O      . HOH F 3 .  ? 3.507   5.348   -9.258  1.00 54.14  ? 1060 HOH A O      1 
HETATM 1297 H H1     . HOH F 3 .  ? 4.456   5.318   -9.382  1.00 0.00   ? 1060 HOH A H1     1 
HETATM 1298 H H2     . HOH F 3 .  ? 3.371   6.048   -8.619  1.00 0.00   ? 1060 HOH A H2     1 
HETATM 1299 O O      . HOH F 3 .  ? -0.411  -7.277  16.106  1.00 46.69  ? 1061 HOH A O      1 
HETATM 1300 H H1     . HOH F 3 .  ? 0.521   -7.321  16.318  1.00 0.00   ? 1061 HOH A H1     1 
HETATM 1301 H H2     . HOH F 3 .  ? -0.840  -7.769  16.807  1.00 0.00   ? 1061 HOH A H2     1 
HETATM 1302 O O      . HOH F 3 .  ? 4.543   -9.872  10.614  1.00 35.90  ? 1062 HOH A O      1 
HETATM 1303 H H1     . HOH F 3 .  ? 3.893   -10.499 10.929  1.00 0.00   ? 1062 HOH A H1     1 
HETATM 1304 H H2     . HOH F 3 .  ? 5.273   -9.953  11.227  1.00 0.00   ? 1062 HOH A H2     1 
HETATM 1305 O O      . HOH F 3 .  ? -5.423  -4.500  13.461  1.00 35.99  ? 1065 HOH A O      1 
HETATM 1306 H H1     . HOH F 3 .  ? -4.931  -3.679  13.426  1.00 0.00   ? 1065 HOH A H1     1 
HETATM 1307 H H2     . HOH F 3 .  ? -5.027  -4.987  14.184  1.00 0.00   ? 1065 HOH A H2     1 
HETATM 1308 O O      . HOH F 3 .  ? -6.307  6.226   -11.291 1.00 53.38  ? 1070 HOH A O      1 
HETATM 1309 H H1     . HOH F 3 .  ? -5.978  6.354   -12.181 1.00 0.00   ? 1070 HOH A H1     1 
HETATM 1310 H H2     . HOH F 3 .  ? -6.757  7.045   -11.082 1.00 0.00   ? 1070 HOH A H2     1 
HETATM 1311 O O      . HOH F 3 .  ? -13.654 7.446   12.329  1.00 51.19  ? 1071 HOH A O      1 
HETATM 1312 H H1     . HOH F 3 .  ? -14.245 7.127   11.647  1.00 0.00   ? 1071 HOH A H1     1 
HETATM 1313 H H2     . HOH F 3 .  ? -12.863 6.917   12.228  1.00 0.00   ? 1071 HOH A H2     1 
HETATM 1314 O O      . HOH F 3 .  ? 0.507   1.990   -12.132 1.00 38.00  ? 1072 HOH A O      1 
HETATM 1315 H H1     . HOH F 3 .  ? 0.500   1.038   -12.230 1.00 0.00   ? 1072 HOH A H1     1 
HETATM 1316 H H2     . HOH F 3 .  ? 0.118   2.317   -12.943 1.00 0.00   ? 1072 HOH A H2     1 
HETATM 1317 O O      . HOH F 3 .  ? 2.220   2.054   -10.599 1.00 29.15  ? 1073 HOH A O      1 
HETATM 1318 H H1     . HOH F 3 .  ? 1.629   1.735   -11.281 1.00 0.00   ? 1073 HOH A H1     1 
HETATM 1319 H H2     . HOH F 3 .  ? 3.011   1.525   -10.700 1.00 0.00   ? 1073 HOH A H2     1 
HETATM 1320 O O      . HOH F 3 .  ? -1.405  -4.997  15.530  1.00 32.69  ? 1074 HOH A O      1 
HETATM 1321 H H1     . HOH F 3 .  ? -0.815  -4.678  16.213  1.00 0.00   ? 1074 HOH A H1     1 
HETATM 1322 H H2     . HOH F 3 .  ? -2.197  -4.468  15.632  1.00 0.00   ? 1074 HOH A H2     1 
HETATM 1323 O O      . HOH F 3 .  ? -5.608  -10.965 -10.748 1.00 32.21  ? 1076 HOH A O      1 
HETATM 1324 H H1     . HOH F 3 .  ? -5.626  -11.222 -11.670 1.00 0.00   ? 1076 HOH A H1     1 
HETATM 1325 H H2     . HOH F 3 .  ? -4.870  -10.358 -10.683 1.00 0.00   ? 1076 HOH A H2     1 
HETATM 1326 O O      . HOH F 3 .  ? -4.542  2.948   12.901  1.00 49.38  ? 1077 HOH A O      1 
HETATM 1327 H H1     . HOH F 3 .  ? -3.746  3.143   13.395  1.00 0.00   ? 1077 HOH A H1     1 
HETATM 1328 H H2     . HOH F 3 .  ? -4.765  2.051   13.148  1.00 0.00   ? 1077 HOH A H2     1 
HETATM 1329 O O      . HOH F 3 .  ? -4.461  -8.201  -16.817 1.00 48.23  ? 1078 HOH A O      1 
HETATM 1330 H H1     . HOH F 3 .  ? -4.158  -8.574  -17.645 1.00 0.00   ? 1078 HOH A H1     1 
HETATM 1331 H H2     . HOH F 3 .  ? -4.351  -8.908  -16.182 1.00 0.00   ? 1078 HOH A H2     1 
HETATM 1332 O O      . HOH F 3 .  ? -3.374  6.035   -8.073  1.00 26.82  ? 1079 HOH A O      1 
HETATM 1333 H H1     . HOH F 3 .  ? -2.492  6.303   -7.816  1.00 0.00   ? 1079 HOH A H1     1 
HETATM 1334 H H2     . HOH F 3 .  ? -3.430  6.255   -9.003  1.00 0.00   ? 1079 HOH A H2     1 
HETATM 1335 O O      . HOH F 3 .  ? -6.777  7.635   -21.553 1.00 47.59  ? 1080 HOH A O      1 
HETATM 1336 H H1     . HOH F 3 .  ? -7.098  8.477   -21.229 1.00 0.00   ? 1080 HOH A H1     1 
HETATM 1337 H H2     . HOH F 3 .  ? -7.211  6.985   -21.000 1.00 0.00   ? 1080 HOH A H2     1 
HETATM 1338 O O      . HOH F 3 .  ? 11.087  -10.181 24.747  1.00 33.94  ? 1081 HOH A O      1 
HETATM 1339 H H1     . HOH F 3 .  ? 11.587  -10.737 25.344  1.00 0.00   ? 1081 HOH A H1     1 
HETATM 1340 H H2     . HOH F 3 .  ? 11.747  -9.781  24.184  1.00 0.00   ? 1081 HOH A H2     1 
HETATM 1341 O O      . HOH F 3 .  ? -0.805  -1.638  12.540  1.00 30.37  ? 1083 HOH A O      1 
HETATM 1342 H H1     . HOH F 3 .  ? -0.769  -1.443  13.476  1.00 0.00   ? 1083 HOH A H1     1 
HETATM 1343 H H2     . HOH F 3 .  ? -1.664  -1.323  12.262  1.00 0.00   ? 1083 HOH A H2     1 
HETATM 1344 O O      . HOH F 3 .  ? 2.491   -3.405  -12.777 1.00 55.76  ? 1084 HOH A O      1 
HETATM 1345 H H1     . HOH F 3 .  ? 3.032   -3.430  -13.566 1.00 0.00   ? 1084 HOH A H1     1 
HETATM 1346 H H2     . HOH F 3 .  ? 2.864   -4.079  -12.209 1.00 0.00   ? 1084 HOH A H2     1 
HETATM 1347 O O      . HOH F 3 .  ? -0.875  -4.625  12.648  1.00 32.70  ? 1085 HOH A O      1 
HETATM 1348 H H1     . HOH F 3 .  ? -1.173  -3.776  12.322  1.00 0.00   ? 1085 HOH A H1     1 
HETATM 1349 H H2     . HOH F 3 .  ? -1.479  -5.257  12.259  1.00 0.00   ? 1085 HOH A H2     1 
HETATM 1350 O O      . HOH F 3 .  ? -9.387  0.404   -9.833  1.00 20.92  ? 1086 HOH A O      1 
HETATM 1351 H H1     . HOH F 3 .  ? -8.453  0.581   -9.946  1.00 0.00   ? 1086 HOH A H1     1 
HETATM 1352 H H2     . HOH F 3 .  ? -9.417  -0.415  -9.339  1.00 0.00   ? 1086 HOH A H2     1 
HETATM 1353 O O      . HOH F 3 .  ? 10.224  3.295   -12.591 1.00 36.61  ? 1087 HOH A O      1 
HETATM 1354 H H1     . HOH F 3 .  ? 10.738  3.072   -11.815 1.00 0.00   ? 1087 HOH A H1     1 
HETATM 1355 H H2     . HOH F 3 .  ? 10.473  4.197   -12.793 1.00 0.00   ? 1087 HOH A H2     1 
HETATM 1356 O O      . HOH F 3 .  ? 0.354   14.276  -3.346  1.00 31.16  ? 1088 HOH A O      1 
HETATM 1357 H H1     . HOH F 3 .  ? 0.440   13.329  -3.235  1.00 0.00   ? 1088 HOH A H1     1 
HETATM 1358 H H2     . HOH F 3 .  ? -0.298  14.536  -2.697  1.00 0.00   ? 1088 HOH A H2     1 
HETATM 1359 O O      . HOH F 3 .  ? 11.049  -5.434  11.175  1.00 30.55  ? 1089 HOH A O      1 
HETATM 1360 H H1     . HOH F 3 .  ? 10.114  -5.427  10.971  1.00 0.00   ? 1089 HOH A H1     1 
HETATM 1361 H H2     . HOH F 3 .  ? 11.452  -5.893  10.437  1.00 0.00   ? 1089 HOH A H2     1 
HETATM 1362 O O      . HOH F 3 .  ? -2.919  2.905   -9.715  1.00 34.76  ? 1092 HOH A O      1 
HETATM 1363 H H1     . HOH F 3 .  ? -3.517  2.163   -9.624  1.00 0.00   ? 1092 HOH A H1     1 
HETATM 1364 H H2     . HOH F 3 .  ? -3.483  3.640   -9.956  1.00 0.00   ? 1092 HOH A H2     1 
HETATM 1365 O O      . HOH F 3 .  ? -3.988  8.780   5.365   1.00 39.31  ? 1094 HOH A O      1 
HETATM 1366 H H1     . HOH F 3 .  ? -4.505  9.488   4.979   1.00 0.00   ? 1094 HOH A H1     1 
HETATM 1367 H H2     . HOH F 3 .  ? -3.405  9.220   5.984   1.00 0.00   ? 1094 HOH A H2     1 
HETATM 1368 O O      . HOH F 3 .  ? -6.914  -3.772  -11.493 1.00 36.22  ? 1095 HOH A O      1 
HETATM 1369 H H1     . HOH F 3 .  ? -6.049  -4.162  -11.368 1.00 0.00   ? 1095 HOH A H1     1 
HETATM 1370 H H2     . HOH F 3 .  ? -7.510  -4.355  -11.023 1.00 0.00   ? 1095 HOH A H2     1 
HETATM 1371 O O      . HOH F 3 .  ? -9.219  0.096   11.432  1.00 34.75  ? 1096 HOH A O      1 
HETATM 1372 H H1     . HOH F 3 .  ? -9.566  0.884   11.852  1.00 0.00   ? 1096 HOH A H1     1 
HETATM 1373 H H2     . HOH F 3 .  ? -9.433  -0.613  12.039  1.00 0.00   ? 1096 HOH A H2     1 
HETATM 1374 O O      . HOH F 3 .  ? -9.000  5.540   -12.100 1.00 40.51  ? 1102 HOH A O      1 
HETATM 1375 H H1     . HOH F 3 .  ? -9.608  6.266   -12.238 1.00 0.00   ? 1102 HOH A H1     1 
HETATM 1376 H H2     . HOH F 3 .  ? -8.769  5.249   -12.982 1.00 0.00   ? 1102 HOH A H2     1 
HETATM 1377 O O      . HOH F 3 .  ? -1.326  -8.367  8.629   1.00 26.72  ? 1105 HOH A O      1 
HETATM 1378 H H1     . HOH F 3 .  ? -1.539  -8.709  9.497   1.00 0.00   ? 1105 HOH A H1     1 
HETATM 1379 H H2     . HOH F 3 .  ? -2.169  -8.102  8.262   1.00 0.00   ? 1105 HOH A H2     1 
HETATM 1380 O O      . HOH F 3 .  ? -10.692 3.316   0.407   1.00 29.19  ? 1107 HOH A O      1 
HETATM 1381 H H1     . HOH F 3 .  ? -10.139 2.795   -0.175  1.00 0.00   ? 1107 HOH A H1     1 
HETATM 1382 H H2     . HOH F 3 .  ? -10.107 3.989   0.753   1.00 0.00   ? 1107 HOH A H2     1 
HETATM 1383 O O      . HOH F 3 .  ? 7.207   11.114  -5.392  1.00 52.49  ? 1109 HOH A O      1 
HETATM 1384 H H1     . HOH F 3 .  ? 7.856   10.411  -5.373  1.00 0.00   ? 1109 HOH A H1     1 
HETATM 1385 H H2     . HOH F 3 .  ? 6.365   10.664  -5.315  1.00 0.00   ? 1109 HOH A H2     1 
HETATM 1386 O O      . HOH F 3 .  ? 7.450   -10.395 11.784  1.00 29.86  ? 1110 HOH A O      1 
HETATM 1387 H H1     . HOH F 3 .  ? 7.020   -9.818  12.416  1.00 0.00   ? 1110 HOH A H1     1 
HETATM 1388 H H2     . HOH F 3 .  ? 7.575   -9.849  11.007  1.00 0.00   ? 1110 HOH A H2     1 
HETATM 1389 O O      . HOH F 3 .  ? 1.902   4.443   -13.510 1.00 41.39  ? 1111 HOH A O      1 
HETATM 1390 H H1     . HOH F 3 .  ? 1.786   4.191   -12.593 1.00 0.00   ? 1111 HOH A H1     1 
HETATM 1391 H H2     . HOH F 3 .  ? 2.145   5.369   -13.477 1.00 0.00   ? 1111 HOH A H2     1 
HETATM 1392 O O      . HOH F 3 .  ? -0.215  1.572   -16.431 1.00 28.89  ? 1112 HOH A O      1 
HETATM 1393 H H1     . HOH F 3 .  ? 0.156   2.344   -16.857 1.00 0.00   ? 1112 HOH A H1     1 
HETATM 1394 H H2     . HOH F 3 .  ? 0.412   1.354   -15.742 1.00 0.00   ? 1112 HOH A H2     1 
HETATM 1395 O O      . HOH F 3 .  ? 2.758   5.853   11.316  1.00 40.87  ? 1115 HOH A O      1 
HETATM 1396 H H1     . HOH F 3 .  ? 2.698   5.029   11.801  1.00 0.00   ? 1115 HOH A H1     1 
HETATM 1397 H H2     . HOH F 3 .  ? 2.200   6.459   11.806  1.00 0.00   ? 1115 HOH A H2     1 
HETATM 1398 O O      . HOH F 3 .  ? 9.530   1.741   12.850  1.00 20.72  ? 1116 HOH A O      1 
HETATM 1399 H H1     . HOH F 3 .  ? 10.117  2.297   12.340  1.00 0.00   ? 1116 HOH A H1     1 
HETATM 1400 H H2     . HOH F 3 .  ? 8.876   1.439   12.219  1.00 0.00   ? 1116 HOH A H2     1 
HETATM 1401 O O      . HOH F 3 .  ? 11.191  10.444  -8.607  1.00 48.25  ? 1117 HOH A O      1 
HETATM 1402 H H1     . HOH F 3 .  ? 10.891  9.695   -9.120  1.00 0.00   ? 1117 HOH A H1     1 
HETATM 1403 H H2     . HOH F 3 .  ? 11.911  10.813  -9.118  1.00 0.00   ? 1117 HOH A H2     1 
HETATM 1404 O O      . HOH F 3 .  ? -9.441  -3.606  4.245   1.00 45.53  ? 1119 HOH A O      1 
HETATM 1405 H H1     . HOH F 3 .  ? -10.113 -3.858  3.612   1.00 0.00   ? 1119 HOH A H1     1 
HETATM 1406 H H2     . HOH F 3 .  ? -9.929  -3.210  4.968   1.00 0.00   ? 1119 HOH A H2     1 
HETATM 1407 O O      . HOH F 3 .  ? 6.334   5.447   5.812   1.00 25.38  ? 1120 HOH A O      1 
HETATM 1408 H H1     . HOH F 3 .  ? 5.962   6.328   5.791   1.00 0.00   ? 1120 HOH A H1     1 
HETATM 1409 H H2     . HOH F 3 .  ? 5.750   4.954   6.387   1.00 0.00   ? 1120 HOH A H2     1 
HETATM 1410 O O      . HOH F 3 .  ? -9.832  6.562   -7.437  1.00 62.04  ? 1121 HOH A O      1 
HETATM 1411 H H1     . HOH F 3 .  ? -9.486  6.272   -6.593  1.00 0.00   ? 1121 HOH A H1     1 
HETATM 1412 H H2     . HOH F 3 .  ? -10.352 5.823   -7.750  1.00 0.00   ? 1121 HOH A H2     1 
HETATM 1413 O O      . HOH F 3 .  ? -11.468 -0.920  5.138   1.00 29.54  ? 1122 HOH A O      1 
HETATM 1414 H H1     . HOH F 3 .  ? -11.350 -1.731  5.632   1.00 0.00   ? 1122 HOH A H1     1 
HETATM 1415 H H2     . HOH F 3 .  ? -10.580 -0.579  5.022   1.00 0.00   ? 1122 HOH A H2     1 
HETATM 1416 O O      . HOH F 3 .  ? -15.815 7.944   11.722  1.00 35.59  ? 1124 HOH A O      1 
HETATM 1417 H H1     . HOH F 3 .  ? -15.225 8.262   12.405  1.00 0.00   ? 1124 HOH A H1     1 
HETATM 1418 H H2     . HOH F 3 .  ? -16.607 8.472   11.824  1.00 0.00   ? 1124 HOH A H2     1 
HETATM 1419 O O      . HOH F 3 .  ? -5.467  6.519   -8.940  1.00 44.95  ? 1125 HOH A O      1 
HETATM 1420 H H1     . HOH F 3 .  ? -5.405  6.360   -7.998  1.00 0.00   ? 1125 HOH A H1     1 
HETATM 1421 H H2     . HOH F 3 .  ? -5.811  7.409   -9.010  1.00 0.00   ? 1125 HOH A H2     1 
HETATM 1422 O O      . HOH F 3 .  ? 9.947   4.702   -0.476  1.00 48.21  ? 1134 HOH A O      1 
HETATM 1423 H H1     . HOH F 3 .  ? 10.605  4.021   -0.618  1.00 0.00   ? 1134 HOH A H1     1 
HETATM 1424 H H2     . HOH F 3 .  ? 10.139  5.363   -1.142  1.00 0.00   ? 1134 HOH A H2     1 
HETATM 1425 O O      . HOH F 3 .  ? 7.173   6.403   1.816   1.00 35.97  ? 1136 HOH A O      1 
HETATM 1426 H H1     . HOH F 3 .  ? 7.990   6.554   1.340   1.00 0.00   ? 1136 HOH A H1     1 
HETATM 1427 H H2     . HOH F 3 .  ? 6.544   6.149   1.140   1.00 0.00   ? 1136 HOH A H2     1 
HETATM 1428 O O      . HOH F 3 .  ? 9.250   -6.753  -7.968  1.00 50.70  ? 1139 HOH A O      1 
HETATM 1429 H H1     . HOH F 3 .  ? 8.692   -6.991  -7.228  1.00 0.00   ? 1139 HOH A H1     1 
HETATM 1430 H H2     . HOH F 3 .  ? 9.000   -5.853  -8.178  1.00 0.00   ? 1139 HOH A H2     1 
HETATM 1431 O O      . HOH F 3 .  ? -13.155 2.361   -0.265  1.00 25.04  ? 1140 HOH A O      1 
HETATM 1432 H H1     . HOH F 3 .  ? -13.603 2.661   0.527   1.00 0.00   ? 1140 HOH A H1     1 
HETATM 1433 H H2     . HOH F 3 .  ? -12.300 2.792   -0.235  1.00 0.00   ? 1140 HOH A H2     1 
HETATM 1434 O O      . HOH F 3 .  ? -1.442  -7.437  10.926  1.00 39.59  ? 1141 HOH A O      1 
HETATM 1435 H H1     . HOH F 3 .  ? -0.687  -7.858  11.336  1.00 0.00   ? 1141 HOH A H1     1 
HETATM 1436 H H2     . HOH F 3 .  ? -1.191  -7.336  10.008  1.00 0.00   ? 1141 HOH A H2     1 
HETATM 1437 O O      . HOH F 3 .  ? -4.252  3.704   -15.443 1.00 32.57  ? 1142 HOH A O      1 
HETATM 1438 H H1     . HOH F 3 .  ? -4.049  2.797   -15.669 1.00 0.00   ? 1142 HOH A H1     1 
HETATM 1439 H H2     . HOH F 3 .  ? -4.774  3.641   -14.642 1.00 0.00   ? 1142 HOH A H2     1 
HETATM 1440 O O      . HOH F 3 .  ? 6.781   6.551   13.184  1.00 47.69  ? 1143 HOH A O      1 
HETATM 1441 H H1     . HOH F 3 .  ? 6.827   7.349   12.658  1.00 0.00   ? 1143 HOH A H1     1 
HETATM 1442 H H2     . HOH F 3 .  ? 6.234   5.956   12.670  1.00 0.00   ? 1143 HOH A H2     1 
HETATM 1443 O O      . HOH F 3 .  ? 3.799   7.062   2.200   1.00 44.27  ? 1146 HOH A O      1 
HETATM 1444 H H1     . HOH F 3 .  ? 4.190   6.711   1.400   1.00 0.00   ? 1146 HOH A H1     1 
HETATM 1445 H H2     . HOH F 3 .  ? 2.996   7.492   1.907   1.00 0.00   ? 1146 HOH A H2     1 
HETATM 1446 O O      . HOH F 3 .  ? -7.138  -15.176 3.319   1.00 38.22  ? 1147 HOH A O      1 
HETATM 1447 H H1     . HOH F 3 .  ? -7.723  -14.419 3.353   1.00 0.00   ? 1147 HOH A H1     1 
HETATM 1448 H H2     . HOH F 3 .  ? -6.528  -15.041 4.044   1.00 0.00   ? 1147 HOH A H2     1 
HETATM 1449 O O      . HOH F 3 .  ? -5.599  3.594   -11.675 1.00 36.25  ? 1148 HOH A O      1 
HETATM 1450 H H1     . HOH F 3 .  ? -5.326  3.448   -10.770 1.00 0.00   ? 1148 HOH A H1     1 
HETATM 1451 H H2     . HOH F 3 .  ? -5.731  4.540   -11.736 1.00 0.00   ? 1148 HOH A H2     1 
HETATM 1452 O O      . HOH F 3 .  ? 0.243   -8.816  11.772  1.00 42.39  ? 1150 HOH A O      1 
HETATM 1453 H H1     . HOH F 3 .  ? -0.423  -8.708  12.449  1.00 0.00   ? 1150 HOH A H1     1 
HETATM 1454 H H2     . HOH F 3 .  ? 0.303   -7.957  11.355  1.00 0.00   ? 1150 HOH A H2     1 
HETATM 1455 O O      . HOH F 3 .  ? -12.672 4.876   -3.658  1.00 53.90  ? 1152 HOH A O      1 
HETATM 1456 H H1     . HOH F 3 .  ? -12.850 3.971   -3.405  1.00 0.00   ? 1152 HOH A H1     1 
HETATM 1457 H H2     . HOH F 3 .  ? -11.741 4.884   -3.881  1.00 0.00   ? 1152 HOH A H2     1 
HETATM 1458 O O      . HOH F 3 .  ? -3.654  -13.937 2.563   1.00 59.93  ? 1154 HOH A O      1 
HETATM 1459 H H1     . HOH F 3 .  ? -2.958  -13.279 2.538   1.00 0.00   ? 1154 HOH A H1     1 
HETATM 1460 H H2     . HOH F 3 .  ? -3.973  -13.984 1.662   1.00 0.00   ? 1154 HOH A H2     1 
HETATM 1461 O O      . HOH F 3 .  ? -9.930  -6.168  -16.497 1.00 69.66  ? 1155 HOH A O      1 
HETATM 1462 H H1     . HOH F 3 .  ? -9.545  -5.386  -16.893 1.00 0.00   ? 1155 HOH A H1     1 
HETATM 1463 H H2     . HOH F 3 .  ? -9.608  -6.892  -17.034 1.00 0.00   ? 1155 HOH A H2     1 
HETATM 1464 O O      . HOH F 3 .  ? 12.633  9.076   -5.494  1.00 73.14  ? 1156 HOH A O      1 
HETATM 1465 H H1     . HOH F 3 .  ? 13.072  9.707   -6.065  1.00 0.00   ? 1156 HOH A H1     1 
HETATM 1466 H H2     . HOH F 3 .  ? 12.491  9.551   -4.676  1.00 0.00   ? 1156 HOH A H2     1 
HETATM 1467 O O      . HOH F 3 .  ? -10.899 -4.868  13.820  1.00 139.53 ? 1157 HOH A O      1 
HETATM 1468 H H1     . HOH F 3 .  ? -10.086 -4.770  13.326  1.00 0.00   ? 1157 HOH A H1     1 
HETATM 1469 H H2     . HOH F 3 .  ? -10.636 -4.776  14.736  1.00 0.00   ? 1157 HOH A H2     1 
# 
loop_
_pdbx_poly_seq_scheme.asym_id 
_pdbx_poly_seq_scheme.entity_id 
_pdbx_poly_seq_scheme.seq_id 
_pdbx_poly_seq_scheme.mon_id 
_pdbx_poly_seq_scheme.ndb_seq_num 
_pdbx_poly_seq_scheme.pdb_seq_num 
_pdbx_poly_seq_scheme.auth_seq_num 
_pdbx_poly_seq_scheme.pdb_mon_id 
_pdbx_poly_seq_scheme.auth_mon_id 
_pdbx_poly_seq_scheme.pdb_strand_id 
_pdbx_poly_seq_scheme.pdb_ins_code 
_pdbx_poly_seq_scheme.hetero 
A 1 1  DG  1  101 101 DG  G   B . n 
A 1 2  DT  2  102 102 DT  T   B . n 
A 1 3  DG  3  103 103 DG  G   B . n 
A 1 4  DA  4  104 104 DA  A   B . n 
A 1 5  DT  5  105 105 DT  T   B . n 
A 1 6  DC  6  106 106 DC  C   B . n 
A 1 7  DG  7  107 107 DG  G   B . n 
A 1 8  DC  8  108 108 DC  C   B . n 
B 1 1  DG  1  109 109 DG  G   C . n 
B 1 2  DT  2  110 110 DT  T   C . n 
B 1 3  DG  3  111 111 DG  G   C . n 
B 1 4  DA  4  112 112 DA  A   C . n 
B 1 5  DT  5  113 113 DT  T   C . n 
B 1 6  DC  6  114 114 DC  C   C . n 
B 1 7  DG  7  115 115 DG  G   C . n 
B 1 8  DC  8  116 116 DC  C   C . n 
C 2 1  MET 1  1   1   MET MET A . n 
C 2 2  ALA 2  2   2   ALA ALA A . n 
C 2 3  THR 3  3   3   THR THR A . n 
C 2 4  VAL 4  4   4   VAL VAL A . n 
C 2 5  LYS 5  5   5   LYS LYS A . n 
C 2 6  PHE 6  6   6   PHE PHE A . n 
C 2 7  LYS 7  7   7   LYS LYS A . n 
C 2 8  TYR 8  8   8   TYR TYR A . n 
C 2 9  LYS 9  9   9   LYS LYS A . n 
C 2 10 GLY 10 10  10  GLY GLY A . n 
C 2 11 GLU 11 11  11  GLU GLU A . n 
C 2 12 GLU 12 12  12  GLU GLU A . n 
C 2 13 LYS 13 13  13  LYS LYS A . n 
C 2 14 GLN 14 14  14  GLN GLN A . n 
C 2 15 VAL 15 15  15  VAL VAL A . n 
C 2 16 ASP 16 16  16  ASP ASP A . n 
C 2 17 ILE 17 17  17  ILE ILE A . n 
C 2 18 SER 18 18  18  SER SER A . n 
C 2 19 LYS 19 19  19  LYS LYS A . n 
C 2 20 ILE 20 20  20  ILE ILE A . n 
C 2 21 LYS 21 21  21  LYS LYS A . n 
C 2 22 LYS 22 22  22  LYS LYS A . n 
C 2 23 VAL 23 23  23  VAL VAL A . n 
C 2 24 TRP 24 24  24  TRP TRP A . n 
C 2 25 ARG 25 25  25  ARG ARG A . n 
C 2 26 VAL 26 26  26  VAL VAL A . n 
C 2 27 GLY 27 27  27  GLY GLY A . n 
C 2 28 LYS 28 28  28  LYS LYS A . n 
C 2 29 MET 29 29  29  MET MET A . n 
C 2 30 ILE 30 30  30  ILE ILE A . n 
C 2 31 SER 31 31  31  SER SER A . n 
C 2 32 PHE 32 32  32  PHE PHE A . n 
C 2 33 THR 33 33  33  THR THR A . n 
C 2 34 TYR 34 34  34  TYR TYR A . n 
C 2 35 ASP 35 35  35  ASP ASP A . n 
C 2 36 GLU 36 36  36  GLU GLU A . n 
C 2 37 GLY 37 37  37  GLY GLY A . n 
C 2 38 GLY 38 38  38  GLY GLY A . n 
C 2 39 GLY 39 39  39  GLY GLY A . n 
C 2 40 LYS 40 40  40  LYS LYS A . n 
C 2 41 THR 41 41  41  THR THR A . n 
C 2 42 GLY 42 42  42  GLY GLY A . n 
C 2 43 ARG 43 43  43  ARG ARG A . n 
C 2 44 GLY 44 44  44  GLY GLY A . n 
C 2 45 ALA 45 45  45  ALA ALA A . n 
C 2 46 VAL 46 46  46  VAL VAL A . n 
C 2 47 SER 47 47  47  SER SER A . n 
C 2 48 GLU 48 48  48  GLU GLU A . n 
C 2 49 LYS 49 49  49  LYS LYS A . n 
C 2 50 ASP 50 50  50  ASP ASP A . n 
C 2 51 ALA 51 51  51  ALA ALA A . n 
C 2 52 PRO 52 52  52  PRO PRO A . n 
C 2 53 LYS 53 53  53  LYS LYS A . n 
C 2 54 GLU 54 54  54  GLU GLU A . n 
C 2 55 LEU 55 55  55  LEU LEU A . n 
C 2 56 LEU 56 56  56  LEU LEU A . n 
C 2 57 GLN 57 57  57  GLN GLN A . n 
C 2 58 MET 58 58  58  MET MET A . n 
C 2 59 LEU 59 59  59  LEU LEU A . n 
C 2 60 ALA 60 60  60  ALA ALA A . n 
C 2 61 LYS 61 61  61  LYS LYS A . n 
C 2 62 GLN 62 62  62  GLN GLN A . n 
C 2 63 LYS 63 63  63  LYS LYS A . n 
C 2 64 LYS 64 64  64  LYS LYS A . n 
# 
loop_
_pdbx_nonpoly_scheme.asym_id 
_pdbx_nonpoly_scheme.entity_id 
_pdbx_nonpoly_scheme.mon_id 
_pdbx_nonpoly_scheme.ndb_seq_num 
_pdbx_nonpoly_scheme.pdb_seq_num 
_pdbx_nonpoly_scheme.auth_seq_num 
_pdbx_nonpoly_scheme.pdb_mon_id 
_pdbx_nonpoly_scheme.auth_mon_id 
_pdbx_nonpoly_scheme.pdb_strand_id 
_pdbx_nonpoly_scheme.pdb_ins_code 
D 3 HOH 1  1002 1002 HOH HOH B . 
D 3 HOH 2  1004 1004 HOH HOH B . 
D 3 HOH 3  1015 1015 HOH HOH B . 
D 3 HOH 4  1017 1017 HOH HOH B . 
D 3 HOH 5  1019 1019 HOH HOH B . 
D 3 HOH 6  1020 1020 HOH HOH B . 
D 3 HOH 7  1022 1022 HOH HOH B . 
D 3 HOH 8  1033 1033 HOH HOH B . 
D 3 HOH 9  1034 1034 HOH HOH B . 
D 3 HOH 10 1038 1038 HOH HOH B . 
D 3 HOH 11 1043 1043 HOH HOH B . 
D 3 HOH 12 1055 1055 HOH HOH B . 
D 3 HOH 13 1056 1056 HOH HOH B . 
D 3 HOH 14 1058 1058 HOH HOH B . 
D 3 HOH 15 1059 1059 HOH HOH B . 
D 3 HOH 16 1063 1063 HOH HOH B . 
D 3 HOH 17 1064 1064 HOH HOH B . 
D 3 HOH 18 1066 1066 HOH HOH B . 
D 3 HOH 19 1067 1067 HOH HOH B . 
D 3 HOH 20 1075 1075 HOH HOH B . 
D 3 HOH 21 1082 1082 HOH HOH B . 
D 3 HOH 22 1093 1093 HOH HOH B . 
D 3 HOH 23 1098 1098 HOH HOH B . 
D 3 HOH 24 1100 1100 HOH HOH B . 
D 3 HOH 25 1101 1101 HOH HOH B . 
D 3 HOH 26 1103 1103 HOH HOH B . 
D 3 HOH 27 1106 1106 HOH HOH B . 
D 3 HOH 28 1113 1113 HOH HOH B . 
D 3 HOH 29 1127 1127 HOH HOH B . 
D 3 HOH 30 1130 1130 HOH HOH B . 
D 3 HOH 31 1133 1133 HOH HOH B . 
D 3 HOH 32 1137 1137 HOH HOH B . 
D 3 HOH 33 1144 1144 HOH HOH B . 
D 3 HOH 34 1149 1149 HOH HOH B . 
D 3 HOH 35 1151 1151 HOH HOH B . 
D 3 HOH 36 1153 1153 HOH HOH B . 
E 3 HOH 1  1003 1003 HOH HOH C . 
E 3 HOH 2  1006 1006 HOH HOH C . 
E 3 HOH 3  1007 1007 HOH HOH C . 
E 3 HOH 4  1010 1010 HOH HOH C . 
E 3 HOH 5  1012 1012 HOH HOH C . 
E 3 HOH 6  1013 1013 HOH HOH C . 
E 3 HOH 7  1024 1024 HOH HOH C . 
E 3 HOH 8  1028 1028 HOH HOH C . 
E 3 HOH 9  1029 1029 HOH HOH C . 
E 3 HOH 10 1030 1030 HOH HOH C . 
E 3 HOH 11 1031 1031 HOH HOH C . 
E 3 HOH 12 1035 1035 HOH HOH C . 
E 3 HOH 13 1045 1045 HOH HOH C . 
E 3 HOH 14 1049 1049 HOH HOH C . 
E 3 HOH 15 1050 1050 HOH HOH C . 
E 3 HOH 16 1051 1051 HOH HOH C . 
E 3 HOH 17 1057 1057 HOH HOH C . 
E 3 HOH 18 1068 1068 HOH HOH C . 
E 3 HOH 19 1069 1069 HOH HOH C . 
E 3 HOH 20 1090 1090 HOH HOH C . 
E 3 HOH 21 1091 1091 HOH HOH C . 
E 3 HOH 22 1097 1097 HOH HOH C . 
E 3 HOH 23 1099 1099 HOH HOH C . 
E 3 HOH 24 1104 1104 HOH HOH C . 
E 3 HOH 25 1108 1108 HOH HOH C . 
E 3 HOH 26 1114 1114 HOH HOH C . 
E 3 HOH 27 1118 1118 HOH HOH C . 
E 3 HOH 28 1123 1123 HOH HOH C . 
E 3 HOH 29 1126 1126 HOH HOH C . 
E 3 HOH 30 1128 1128 HOH HOH C . 
E 3 HOH 31 1129 1129 HOH HOH C . 
E 3 HOH 32 1131 1131 HOH HOH C . 
E 3 HOH 33 1132 1132 HOH HOH C . 
E 3 HOH 34 1135 1135 HOH HOH C . 
E 3 HOH 35 1138 1138 HOH HOH C . 
E 3 HOH 36 1145 1145 HOH HOH C . 
F 3 HOH 1  1001 1001 HOH HOH A . 
F 3 HOH 2  1005 1005 HOH HOH A . 
F 3 HOH 3  1008 1008 HOH HOH A . 
F 3 HOH 4  1009 1009 HOH HOH A . 
F 3 HOH 5  1011 1011 HOH HOH A . 
F 3 HOH 6  1014 1014 HOH HOH A . 
F 3 HOH 7  1016 1016 HOH HOH A . 
F 3 HOH 8  1018 1018 HOH HOH A . 
F 3 HOH 9  1021 1021 HOH HOH A . 
F 3 HOH 10 1023 1023 HOH HOH A . 
F 3 HOH 11 1025 1025 HOH HOH A . 
F 3 HOH 12 1026 1026 HOH HOH A . 
F 3 HOH 13 1027 1027 HOH HOH A . 
F 3 HOH 14 1032 1032 HOH HOH A . 
F 3 HOH 15 1036 1036 HOH HOH A . 
F 3 HOH 16 1037 1037 HOH HOH A . 
F 3 HOH 17 1039 1039 HOH HOH A . 
F 3 HOH 18 1040 1040 HOH HOH A . 
F 3 HOH 19 1041 1041 HOH HOH A . 
F 3 HOH 20 1042 1042 HOH HOH A . 
F 3 HOH 21 1044 1044 HOH HOH A . 
F 3 HOH 22 1046 1046 HOH HOH A . 
F 3 HOH 23 1047 1047 HOH HOH A . 
F 3 HOH 24 1048 1048 HOH HOH A . 
F 3 HOH 25 1052 1052 HOH HOH A . 
F 3 HOH 26 1053 1053 HOH HOH A . 
F 3 HOH 27 1054 1054 HOH HOH A . 
F 3 HOH 28 1060 1060 HOH HOH A . 
F 3 HOH 29 1061 1061 HOH HOH A . 
F 3 HOH 30 1062 1062 HOH HOH A . 
F 3 HOH 31 1065 1065 HOH HOH A . 
F 3 HOH 32 1070 1070 HOH HOH A . 
F 3 HOH 33 1071 1071 HOH HOH A . 
F 3 HOH 34 1072 1072 HOH HOH A . 
F 3 HOH 35 1073 1073 HOH HOH A . 
F 3 HOH 36 1074 1074 HOH HOH A . 
F 3 HOH 37 1076 1076 HOH HOH A . 
F 3 HOH 38 1077 1077 HOH HOH A . 
F 3 HOH 39 1078 1078 HOH HOH A . 
F 3 HOH 40 1079 1079 HOH HOH A . 
F 3 HOH 41 1080 1080 HOH HOH A . 
F 3 HOH 42 1081 1081 HOH HOH A . 
F 3 HOH 43 1083 1083 HOH HOH A . 
F 3 HOH 44 1084 1084 HOH HOH A . 
F 3 HOH 45 1085 1085 HOH HOH A . 
F 3 HOH 46 1086 1086 HOH HOH A . 
F 3 HOH 47 1087 1087 HOH HOH A . 
F 3 HOH 48 1088 1088 HOH HOH A . 
F 3 HOH 49 1089 1089 HOH HOH A . 
F 3 HOH 50 1092 1092 HOH HOH A . 
F 3 HOH 51 1094 1094 HOH HOH A . 
F 3 HOH 52 1095 1095 HOH HOH A . 
F 3 HOH 53 1096 1096 HOH HOH A . 
F 3 HOH 54 1102 1102 HOH HOH A . 
F 3 HOH 55 1105 1105 HOH HOH A . 
F 3 HOH 56 1107 1107 HOH HOH A . 
F 3 HOH 57 1109 1109 HOH HOH A . 
F 3 HOH 58 1110 1110 HOH HOH A . 
F 3 HOH 59 1111 1111 HOH HOH A . 
F 3 HOH 60 1112 1112 HOH HOH A . 
F 3 HOH 61 1115 1115 HOH HOH A . 
F 3 HOH 62 1116 1116 HOH HOH A . 
F 3 HOH 63 1117 1117 HOH HOH A . 
F 3 HOH 64 1119 1119 HOH HOH A . 
F 3 HOH 65 1120 1120 HOH HOH A . 
F 3 HOH 66 1121 1121 HOH HOH A . 
F 3 HOH 67 1122 1122 HOH HOH A . 
F 3 HOH 68 1124 1124 HOH HOH A . 
F 3 HOH 69 1125 1125 HOH HOH A . 
F 3 HOH 70 1134 1134 HOH HOH A . 
F 3 HOH 71 1136 1136 HOH HOH A . 
F 3 HOH 72 1139 1139 HOH HOH A . 
F 3 HOH 73 1140 1140 HOH HOH A . 
F 3 HOH 74 1141 1141 HOH HOH A . 
F 3 HOH 75 1142 1142 HOH HOH A . 
F 3 HOH 76 1143 1143 HOH HOH A . 
F 3 HOH 77 1146 1146 HOH HOH A . 
F 3 HOH 78 1147 1147 HOH HOH A . 
F 3 HOH 79 1148 1148 HOH HOH A . 
F 3 HOH 80 1150 1150 HOH HOH A . 
F 3 HOH 81 1152 1152 HOH HOH A . 
F 3 HOH 82 1154 1154 HOH HOH A . 
F 3 HOH 83 1155 1155 HOH HOH A . 
F 3 HOH 84 1156 1156 HOH HOH A . 
F 3 HOH 85 1157 1157 HOH HOH A . 
# 
_pdbx_struct_assembly.id                   1 
_pdbx_struct_assembly.details              author_defined_assembly 
_pdbx_struct_assembly.method_details       ? 
_pdbx_struct_assembly.oligomeric_details   trimeric 
_pdbx_struct_assembly.oligomeric_count     3 
# 
_pdbx_struct_assembly_gen.assembly_id       1 
_pdbx_struct_assembly_gen.oper_expression   1 
_pdbx_struct_assembly_gen.asym_id_list      A,B,C,D,E,F 
# 
_pdbx_struct_oper_list.id                   1 
_pdbx_struct_oper_list.type                 'identity operation' 
_pdbx_struct_oper_list.name                 1_555 
_pdbx_struct_oper_list.symmetry_operation   x,y,z 
_pdbx_struct_oper_list.matrix[1][1]         1.0000000000 
_pdbx_struct_oper_list.matrix[1][2]         0.0000000000 
_pdbx_struct_oper_list.matrix[1][3]         0.0000000000 
_pdbx_struct_oper_list.vector[1]            0.0000000000 
_pdbx_struct_oper_list.matrix[2][1]         0.0000000000 
_pdbx_struct_oper_list.matrix[2][2]         1.0000000000 
_pdbx_struct_oper_list.matrix[2][3]         0.0000000000 
_pdbx_struct_oper_list.vector[2]            0.0000000000 
_pdbx_struct_oper_list.matrix[3][1]         0.0000000000 
_pdbx_struct_oper_list.matrix[3][2]         0.0000000000 
_pdbx_struct_oper_list.matrix[3][3]         1.0000000000 
_pdbx_struct_oper_list.vector[3]            0.0000000000 
# 
loop_
_pdbx_audit_revision_history.ordinal 
_pdbx_audit_revision_history.data_content_type 
_pdbx_audit_revision_history.major_revision 
_pdbx_audit_revision_history.minor_revision 
_pdbx_audit_revision_history.revision_date 
1 'Structure model' 1 0 2001-05-04 
2 'Structure model' 1 1 2008-04-26 
3 'Structure model' 1 2 2011-07-13 
4 'Structure model' 1 3 2017-10-04 
5 'Structure model' 1 4 2023-08-09 
# 
_pdbx_audit_revision_details.ordinal             1 
_pdbx_audit_revision_details.revision_ordinal    1 
_pdbx_audit_revision_details.data_content_type   'Structure model' 
_pdbx_audit_revision_details.provider            repository 
_pdbx_audit_revision_details.type                'Initial release' 
_pdbx_audit_revision_details.description         ? 
_pdbx_audit_revision_details.details             ? 
# 
loop_
_pdbx_audit_revision_group.ordinal 
_pdbx_audit_revision_group.revision_ordinal 
_pdbx_audit_revision_group.data_content_type 
_pdbx_audit_revision_group.group 
1 2 'Structure model' 'Version format compliance' 
2 3 'Structure model' 'Version format compliance' 
3 4 'Structure model' 'Refinement description'    
4 5 'Structure model' 'Data collection'           
5 5 'Structure model' 'Database references'       
6 5 'Structure model' 'Refinement description'    
# 
loop_
_pdbx_audit_revision_category.ordinal 
_pdbx_audit_revision_category.revision_ordinal 
_pdbx_audit_revision_category.data_content_type 
_pdbx_audit_revision_category.category 
1 4 'Structure model' software                      
2 5 'Structure model' chem_comp_atom                
3 5 'Structure model' chem_comp_bond                
4 5 'Structure model' database_2                    
5 5 'Structure model' pdbx_initial_refinement_model 
# 
loop_
_pdbx_audit_revision_item.ordinal 
_pdbx_audit_revision_item.revision_ordinal 
_pdbx_audit_revision_item.data_content_type 
_pdbx_audit_revision_item.item 
1 5 'Structure model' '_database_2.pdbx_DOI'                
2 5 'Structure model' '_database_2.pdbx_database_accession' 
# 
loop_
_software.name 
_software.classification 
_software.version 
_software.citation_id 
_software.pdbx_ordinal 
AMoRE     phasing    . ? 1 
SHELXL-97 refinement . ? 2 
# 
loop_
_pdbx_validate_close_contact.id 
_pdbx_validate_close_contact.PDB_model_num 
_pdbx_validate_close_contact.auth_atom_id_1 
_pdbx_validate_close_contact.auth_asym_id_1 
_pdbx_validate_close_contact.auth_comp_id_1 
_pdbx_validate_close_contact.auth_seq_id_1 
_pdbx_validate_close_contact.PDB_ins_code_1 
_pdbx_validate_close_contact.label_alt_id_1 
_pdbx_validate_close_contact.auth_atom_id_2 
_pdbx_validate_close_contact.auth_asym_id_2 
_pdbx_validate_close_contact.auth_comp_id_2 
_pdbx_validate_close_contact.auth_seq_id_2 
_pdbx_validate_close_contact.PDB_ins_code_2 
_pdbx_validate_close_contact.label_alt_id_2 
_pdbx_validate_close_contact.dist 
1  1 HG1 A THR 41   ? ? H2 A HOH 1044 ? ? 0.80 
2  1 HZ3 A LYS 49   ? ? H1 A HOH 1116 ? ? 0.87 
3  1 H2  B HOH 1063 ? ? H2 B HOH 1066 ? ? 0.90 
4  1 H1  A HOH 1141 ? ? H2 A HOH 1150 ? ? 0.99 
5  1 H1  B HOH 1100 ? ? H2 B HOH 1133 ? ? 1.03 
6  1 H   A SER 47   ? ? H1 A HOH 1014 ? ? 1.13 
7  1 HG  A SER 47   ? ? H  A LYS 49   ? ? 1.16 
8  1 H41 B DC  108  ? ? H2 B HOH 1038 ? ? 1.19 
9  1 HZ1 A LYS 5    ? ? H2 A HOH 1037 ? ? 1.23 
10 1 H2  C HOH 1030 ? ? H1 C HOH 1126 ? ? 1.23 
11 1 H   A ALA 45   ? ? H1 A HOH 1039 ? ? 1.26 
12 1 H2  A HOH 1041 ? ? H2 A HOH 1121 ? ? 1.27 
13 1 H2  C HOH 1114 ? ? H1 C HOH 1123 ? ? 1.30 
14 1 OP2 C DG  111  ? ? H2 C HOH 1132 ? ? 1.37 
15 1 H1  A HOH 1141 ? ? O  A HOH 1150 ? ? 1.40 
16 1 OP2 C DT  113  ? ? H1 C HOH 1049 ? ? 1.43 
17 1 O   A HOH 1072 ? ? H1 A HOH 1073 ? ? 1.43 
18 1 H1  C HOH 1030 ? ? O  C HOH 1131 ? ? 1.59 
# 
loop_
_pdbx_validate_symm_contact.id 
_pdbx_validate_symm_contact.PDB_model_num 
_pdbx_validate_symm_contact.auth_atom_id_1 
_pdbx_validate_symm_contact.auth_asym_id_1 
_pdbx_validate_symm_contact.auth_comp_id_1 
_pdbx_validate_symm_contact.auth_seq_id_1 
_pdbx_validate_symm_contact.PDB_ins_code_1 
_pdbx_validate_symm_contact.label_alt_id_1 
_pdbx_validate_symm_contact.site_symmetry_1 
_pdbx_validate_symm_contact.auth_atom_id_2 
_pdbx_validate_symm_contact.auth_asym_id_2 
_pdbx_validate_symm_contact.auth_comp_id_2 
_pdbx_validate_symm_contact.auth_seq_id_2 
_pdbx_validate_symm_contact.PDB_ins_code_2 
_pdbx_validate_symm_contact.label_alt_id_2 
_pdbx_validate_symm_contact.site_symmetry_2 
_pdbx_validate_symm_contact.dist 
1 1 HZ3 A LYS 21   ? ? 1_555 H1 A HOH 1115 ? ? 3_545 0.93 
2 1 H   A GLY 39   ? ? 1_555 H2 A HOH 1074 ? ? 3_545 0.96 
3 1 H2  B HOH 1020 ? ? 1_555 H1 A HOH 1112 ? ? 4_456 1.29 
4 1 H1  C HOH 1104 ? ? 1_555 H2 A HOH 1036 ? ? 2_565 1.30 
5 1 N   A GLY 39   ? ? 1_555 H2 A HOH 1074 ? ? 3_545 1.56 
# 
loop_
_pdbx_validate_rmsd_bond.id 
_pdbx_validate_rmsd_bond.PDB_model_num 
_pdbx_validate_rmsd_bond.auth_atom_id_1 
_pdbx_validate_rmsd_bond.auth_asym_id_1 
_pdbx_validate_rmsd_bond.auth_comp_id_1 
_pdbx_validate_rmsd_bond.auth_seq_id_1 
_pdbx_validate_rmsd_bond.PDB_ins_code_1 
_pdbx_validate_rmsd_bond.label_alt_id_1 
_pdbx_validate_rmsd_bond.auth_atom_id_2 
_pdbx_validate_rmsd_bond.auth_asym_id_2 
_pdbx_validate_rmsd_bond.auth_comp_id_2 
_pdbx_validate_rmsd_bond.auth_seq_id_2 
_pdbx_validate_rmsd_bond.PDB_ins_code_2 
_pdbx_validate_rmsd_bond.label_alt_id_2 
_pdbx_validate_rmsd_bond.bond_value 
_pdbx_validate_rmsd_bond.bond_target_value 
_pdbx_validate_rmsd_bond.bond_deviation 
_pdbx_validate_rmsd_bond.bond_standard_deviation 
_pdbx_validate_rmsd_bond.linker_flag 
1  1 CG A MET 1  ? ? SD A MET 1  ? ? 2.570 1.807 0.763  0.026 N 
2  1 N  A LYS 63 ? ? CA A LYS 63 ? ? 1.121 1.459 -0.338 0.020 N 
3  1 CA A LYS 63 ? ? CB A LYS 63 ? ? 3.299 1.535 1.764  0.022 N 
4  1 CB A LYS 63 ? ? CG A LYS 63 ? ? 4.932 1.521 3.411  0.027 N 
5  1 CG A LYS 63 ? ? CD A LYS 63 ? ? 3.602 1.520 2.082  0.034 N 
6  1 CD A LYS 63 ? ? CE A LYS 63 ? ? 3.668 1.508 2.160  0.025 N 
7  1 CE A LYS 63 ? ? NZ A LYS 63 ? ? 3.787 1.486 2.301  0.025 N 
8  1 CA A LYS 63 ? ? C  A LYS 63 ? ? 3.743 1.525 2.218  0.026 N 
9  1 C  A LYS 63 ? ? O  A LYS 63 ? ? 1.414 1.229 0.185  0.019 N 
10 1 N  A LYS 64 ? ? CA A LYS 64 ? ? 4.447 1.459 2.988  0.020 N 
11 1 CA A LYS 64 ? ? CB A LYS 64 ? ? 4.233 1.535 2.698  0.022 N 
12 1 CB A LYS 64 ? ? CG A LYS 64 ? ? 3.306 1.521 1.785  0.027 N 
13 1 CD A LYS 64 ? ? CE A LYS 64 ? ? 8.132 1.508 6.624  0.025 N 
14 1 CE A LYS 64 ? ? NZ A LYS 64 ? ? 6.870 1.486 5.384  0.025 N 
15 1 CA A LYS 64 ? ? C  A LYS 64 ? ? 3.299 1.525 1.774  0.026 N 
# 
loop_
_pdbx_validate_rmsd_angle.id 
_pdbx_validate_rmsd_angle.PDB_model_num 
_pdbx_validate_rmsd_angle.auth_atom_id_1 
_pdbx_validate_rmsd_angle.auth_asym_id_1 
_pdbx_validate_rmsd_angle.auth_comp_id_1 
_pdbx_validate_rmsd_angle.auth_seq_id_1 
_pdbx_validate_rmsd_angle.PDB_ins_code_1 
_pdbx_validate_rmsd_angle.label_alt_id_1 
_pdbx_validate_rmsd_angle.auth_atom_id_2 
_pdbx_validate_rmsd_angle.auth_asym_id_2 
_pdbx_validate_rmsd_angle.auth_comp_id_2 
_pdbx_validate_rmsd_angle.auth_seq_id_2 
_pdbx_validate_rmsd_angle.PDB_ins_code_2 
_pdbx_validate_rmsd_angle.label_alt_id_2 
_pdbx_validate_rmsd_angle.auth_atom_id_3 
_pdbx_validate_rmsd_angle.auth_asym_id_3 
_pdbx_validate_rmsd_angle.auth_comp_id_3 
_pdbx_validate_rmsd_angle.auth_seq_id_3 
_pdbx_validate_rmsd_angle.PDB_ins_code_3 
_pdbx_validate_rmsd_angle.label_alt_id_3 
_pdbx_validate_rmsd_angle.angle_value 
_pdbx_validate_rmsd_angle.angle_target_value 
_pdbx_validate_rmsd_angle.angle_deviation 
_pdbx_validate_rmsd_angle.angle_standard_deviation 
_pdbx_validate_rmsd_angle.linker_flag 
1  1 "O4'" B DT  102 ? ? "C4'" B DT  102 ? ? "C3'" B DT  102 ? ? 101.98 104.50 -2.52   0.40 N 
2  1 "O4'" B DT  102 ? ? "C1'" B DT  102 ? ? N1    B DT  102 ? ? 110.78 108.30 2.48    0.30 N 
3  1 N3    B DT  102 ? ? C4    B DT  102 ? ? O4    B DT  102 ? ? 124.54 119.90 4.64    0.60 N 
4  1 C5    B DT  102 ? ? C4    B DT  102 ? ? O4    B DT  102 ? ? 119.63 124.90 -5.27   0.70 N 
5  1 "O5'" B DG  103 ? ? "C5'" B DG  103 ? ? "C4'" B DG  103 ? ? 102.84 109.40 -6.56   0.80 N 
6  1 "O4'" B DA  104 ? ? "C1'" B DA  104 ? ? N9    B DA  104 ? ? 110.11 108.30 1.81    0.30 N 
7  1 N3    C DT  110 ? ? C4    C DT  110 ? ? O4    C DT  110 ? ? 113.91 119.90 -5.99   0.60 N 
8  1 C5    C DT  110 ? ? C4    C DT  110 ? ? O4    C DT  110 ? ? 129.82 124.90 4.92    0.70 N 
9  1 "O5'" C DG  111 ? ? "C5'" C DG  111 ? ? "C4'" C DG  111 ? ? 104.34 109.40 -5.06   0.80 N 
10 1 "O4'" C DA  112 ? ? "C1'" C DA  112 ? ? N9    C DA  112 ? ? 102.97 108.00 -5.03   0.70 N 
11 1 "O4'" C DC  114 ? ? "C4'" C DC  114 ? ? "C3'" C DC  114 ? ? 101.18 104.50 -3.32   0.40 N 
12 1 C5    C DC  114 ? ? C6    C DC  114 ? ? N1    C DC  114 ? ? 124.28 121.00 3.28    0.50 N 
13 1 N3    C DC  114 ? ? C4    C DC  114 ? ? N4    C DC  114 ? ? 122.22 118.00 4.22    0.70 N 
14 1 "O4'" C DC  116 ? ? "C4'" C DC  116 ? ? "C3'" C DC  116 ? ? 101.09 104.50 -3.41   0.40 N 
15 1 "C1'" C DC  116 ? ? "O4'" C DC  116 ? ? "C4'" C DC  116 ? ? 100.56 110.10 -9.54   1.00 N 
16 1 CB    A MET 1   ? ? CA    A MET 1   ? ? C     A MET 1   ? ? 91.61  110.40 -18.79  2.00 N 
17 1 N     A MET 1   ? ? CA    A MET 1   ? ? CB    A MET 1   ? ? 155.02 110.60 44.42   1.80 N 
18 1 CB    A MET 1   ? ? CG    A MET 1   ? ? SD    A MET 1   ? ? 133.50 112.40 21.10   3.00 N 
19 1 CG    A MET 1   ? ? SD    A MET 1   ? ? CE    A MET 1   ? ? 126.50 100.20 26.30   1.60 N 
20 1 C     A GLN 62  ? ? N     A LYS 63  ? ? CA    A LYS 63  ? ? 167.68 121.70 45.98   2.50 Y 
21 1 N     A LYS 63  ? ? CA    A LYS 63  ? ? CB    A LYS 63  ? ? 93.44  110.60 -17.16  1.80 N 
22 1 CA    A LYS 63  ? ? CB    A LYS 63  ? ? CG    A LYS 63  ? ? 41.60  113.40 -71.80  2.20 N 
23 1 CB    A LYS 63  ? ? CG    A LYS 63  ? ? CD    A LYS 63  ? ? 68.20  111.60 -43.40  2.60 N 
24 1 CG    A LYS 63  ? ? CD    A LYS 63  ? ? CE    A LYS 63  ? ? 76.82  111.90 -35.08  3.00 N 
25 1 CD    A LYS 63  ? ? CE    A LYS 63  ? ? NZ    A LYS 63  ? ? 90.91  111.70 -20.79  2.30 N 
26 1 N     A LYS 63  ? ? CA    A LYS 63  ? ? C     A LYS 63  ? ? 73.04  111.00 -37.96  2.70 N 
27 1 CA    A LYS 63  ? ? C     A LYS 63  ? ? O     A LYS 63  ? ? 67.95  120.10 -52.15  2.10 N 
28 1 CA    A LYS 63  ? ? C     A LYS 63  ? ? N     A LYS 64  ? ? 41.57  117.20 -75.63  2.20 Y 
29 1 O     A LYS 63  ? ? C     A LYS 63  ? ? N     A LYS 64  ? ? 109.52 122.70 -13.18  1.60 Y 
30 1 C     A LYS 63  ? ? N     A LYS 64  ? ? CA    A LYS 64  ? ? 6.56   121.70 -115.14 2.50 Y 
31 1 CB    A LYS 64  ? ? CA    A LYS 64  ? ? C     A LYS 64  ? ? 50.09  110.40 -60.31  2.00 N 
32 1 N     A LYS 64  ? ? CA    A LYS 64  ? ? CB    A LYS 64  ? ? 65.05  110.60 -45.55  1.80 N 
33 1 CA    A LYS 64  ? ? CB    A LYS 64  ? ? CG    A LYS 64  ? ? 86.26  113.40 -27.14  2.20 N 
34 1 CG    A LYS 64  ? ? CD    A LYS 64  ? ? CE    A LYS 64  ? ? 30.00  111.90 -81.90  3.00 N 
35 1 CD    A LYS 64  ? ? CE    A LYS 64  ? ? NZ    A LYS 64  ? ? 61.75  111.70 -49.95  2.30 N 
36 1 N     A LYS 64  ? ? CA    A LYS 64  ? ? C     A LYS 64  ? ? 80.56  111.00 -30.44  2.70 N 
37 1 CA    A LYS 64  ? ? C     A LYS 64  ? ? O     A LYS 64  ? ? 70.51  120.10 -49.59  2.10 N 
# 
loop_
_pdbx_validate_torsion.id 
_pdbx_validate_torsion.PDB_model_num 
_pdbx_validate_torsion.auth_comp_id 
_pdbx_validate_torsion.auth_asym_id 
_pdbx_validate_torsion.auth_seq_id 
_pdbx_validate_torsion.PDB_ins_code 
_pdbx_validate_torsion.label_alt_id 
_pdbx_validate_torsion.phi 
_pdbx_validate_torsion.psi 
1 1 LYS A 9  ? ? 32.88  57.12  
2 1 GLU A 11 ? ? 82.56  150.62 
3 1 LYS A 63 ? ? 161.23 94.89  
# 
loop_
_pdbx_validate_planes.id 
_pdbx_validate_planes.PDB_model_num 
_pdbx_validate_planes.auth_comp_id 
_pdbx_validate_planes.auth_asym_id 
_pdbx_validate_planes.auth_seq_id 
_pdbx_validate_planes.PDB_ins_code 
_pdbx_validate_planes.label_alt_id 
_pdbx_validate_planes.rmsd 
_pdbx_validate_planes.type 
1 1 DG B 103 ? ? 0.081 'SIDE CHAIN' 
2 1 DC B 106 ? ? 0.074 'SIDE CHAIN' 
3 1 DC B 108 ? ? 0.077 'SIDE CHAIN' 
# 
_pdbx_validate_chiral.id              1 
_pdbx_validate_chiral.PDB_model_num   1 
_pdbx_validate_chiral.auth_atom_id    CA 
_pdbx_validate_chiral.label_alt_id    ? 
_pdbx_validate_chiral.auth_asym_id    A 
_pdbx_validate_chiral.auth_comp_id    MET 
_pdbx_validate_chiral.auth_seq_id     1 
_pdbx_validate_chiral.PDB_ins_code    ? 
_pdbx_validate_chiral.details         PLANAR 
_pdbx_validate_chiral.omega           . 
# 
loop_
_chem_comp_atom.comp_id 
_chem_comp_atom.atom_id 
_chem_comp_atom.type_symbol 
_chem_comp_atom.pdbx_aromatic_flag 
_chem_comp_atom.pdbx_stereo_config 
_chem_comp_atom.pdbx_ordinal 
ALA N      N N N 1   
ALA CA     C N S 2   
ALA C      C N N 3   
ALA O      O N N 4   
ALA CB     C N N 5   
ALA OXT    O N N 6   
ALA H      H N N 7   
ALA H2     H N N 8   
ALA HA     H N N 9   
ALA HB1    H N N 10  
ALA HB2    H N N 11  
ALA HB3    H N N 12  
ALA HXT    H N N 13  
ARG N      N N N 14  
ARG CA     C N S 15  
ARG C      C N N 16  
ARG O      O N N 17  
ARG CB     C N N 18  
ARG CG     C N N 19  
ARG CD     C N N 20  
ARG NE     N N N 21  
ARG CZ     C N N 22  
ARG NH1    N N N 23  
ARG NH2    N N N 24  
ARG OXT    O N N 25  
ARG H      H N N 26  
ARG H2     H N N 27  
ARG HA     H N N 28  
ARG HB2    H N N 29  
ARG HB3    H N N 30  
ARG HG2    H N N 31  
ARG HG3    H N N 32  
ARG HD2    H N N 33  
ARG HD3    H N N 34  
ARG HE     H N N 35  
ARG HH11   H N N 36  
ARG HH12   H N N 37  
ARG HH21   H N N 38  
ARG HH22   H N N 39  
ARG HXT    H N N 40  
ASP N      N N N 41  
ASP CA     C N S 42  
ASP C      C N N 43  
ASP O      O N N 44  
ASP CB     C N N 45  
ASP CG     C N N 46  
ASP OD1    O N N 47  
ASP OD2    O N N 48  
ASP OXT    O N N 49  
ASP H      H N N 50  
ASP H2     H N N 51  
ASP HA     H N N 52  
ASP HB2    H N N 53  
ASP HB3    H N N 54  
ASP HD2    H N N 55  
ASP HXT    H N N 56  
DA  OP3    O N N 57  
DA  P      P N N 58  
DA  OP1    O N N 59  
DA  OP2    O N N 60  
DA  "O5'"  O N N 61  
DA  "C5'"  C N N 62  
DA  "C4'"  C N R 63  
DA  "O4'"  O N N 64  
DA  "C3'"  C N S 65  
DA  "O3'"  O N N 66  
DA  "C2'"  C N N 67  
DA  "C1'"  C N R 68  
DA  N9     N Y N 69  
DA  C8     C Y N 70  
DA  N7     N Y N 71  
DA  C5     C Y N 72  
DA  C6     C Y N 73  
DA  N6     N N N 74  
DA  N1     N Y N 75  
DA  C2     C Y N 76  
DA  N3     N Y N 77  
DA  C4     C Y N 78  
DA  HOP3   H N N 79  
DA  HOP2   H N N 80  
DA  "H5'"  H N N 81  
DA  "H5''" H N N 82  
DA  "H4'"  H N N 83  
DA  "H3'"  H N N 84  
DA  "HO3'" H N N 85  
DA  "H2'"  H N N 86  
DA  "H2''" H N N 87  
DA  "H1'"  H N N 88  
DA  H8     H N N 89  
DA  H61    H N N 90  
DA  H62    H N N 91  
DA  H2     H N N 92  
DC  OP3    O N N 93  
DC  P      P N N 94  
DC  OP1    O N N 95  
DC  OP2    O N N 96  
DC  "O5'"  O N N 97  
DC  "C5'"  C N N 98  
DC  "C4'"  C N R 99  
DC  "O4'"  O N N 100 
DC  "C3'"  C N S 101 
DC  "O3'"  O N N 102 
DC  "C2'"  C N N 103 
DC  "C1'"  C N R 104 
DC  N1     N N N 105 
DC  C2     C N N 106 
DC  O2     O N N 107 
DC  N3     N N N 108 
DC  C4     C N N 109 
DC  N4     N N N 110 
DC  C5     C N N 111 
DC  C6     C N N 112 
DC  HOP3   H N N 113 
DC  HOP2   H N N 114 
DC  "H5'"  H N N 115 
DC  "H5''" H N N 116 
DC  "H4'"  H N N 117 
DC  "H3'"  H N N 118 
DC  "HO3'" H N N 119 
DC  "H2'"  H N N 120 
DC  "H2''" H N N 121 
DC  "H1'"  H N N 122 
DC  H41    H N N 123 
DC  H42    H N N 124 
DC  H5     H N N 125 
DC  H6     H N N 126 
DG  OP3    O N N 127 
DG  P      P N N 128 
DG  OP1    O N N 129 
DG  OP2    O N N 130 
DG  "O5'"  O N N 131 
DG  "C5'"  C N N 132 
DG  "C4'"  C N R 133 
DG  "O4'"  O N N 134 
DG  "C3'"  C N S 135 
DG  "O3'"  O N N 136 
DG  "C2'"  C N N 137 
DG  "C1'"  C N R 138 
DG  N9     N Y N 139 
DG  C8     C Y N 140 
DG  N7     N Y N 141 
DG  C5     C Y N 142 
DG  C6     C N N 143 
DG  O6     O N N 144 
DG  N1     N N N 145 
DG  C2     C N N 146 
DG  N2     N N N 147 
DG  N3     N N N 148 
DG  C4     C Y N 149 
DG  HOP3   H N N 150 
DG  HOP2   H N N 151 
DG  "H5'"  H N N 152 
DG  "H5''" H N N 153 
DG  "H4'"  H N N 154 
DG  "H3'"  H N N 155 
DG  "HO3'" H N N 156 
DG  "H2'"  H N N 157 
DG  "H2''" H N N 158 
DG  "H1'"  H N N 159 
DG  H8     H N N 160 
DG  H1     H N N 161 
DG  H21    H N N 162 
DG  H22    H N N 163 
DT  OP3    O N N 164 
DT  P      P N N 165 
DT  OP1    O N N 166 
DT  OP2    O N N 167 
DT  "O5'"  O N N 168 
DT  "C5'"  C N N 169 
DT  "C4'"  C N R 170 
DT  "O4'"  O N N 171 
DT  "C3'"  C N S 172 
DT  "O3'"  O N N 173 
DT  "C2'"  C N N 174 
DT  "C1'"  C N R 175 
DT  N1     N N N 176 
DT  C2     C N N 177 
DT  O2     O N N 178 
DT  N3     N N N 179 
DT  C4     C N N 180 
DT  O4     O N N 181 
DT  C5     C N N 182 
DT  C7     C N N 183 
DT  C6     C N N 184 
DT  HOP3   H N N 185 
DT  HOP2   H N N 186 
DT  "H5'"  H N N 187 
DT  "H5''" H N N 188 
DT  "H4'"  H N N 189 
DT  "H3'"  H N N 190 
DT  "HO3'" H N N 191 
DT  "H2'"  H N N 192 
DT  "H2''" H N N 193 
DT  "H1'"  H N N 194 
DT  H3     H N N 195 
DT  H71    H N N 196 
DT  H72    H N N 197 
DT  H73    H N N 198 
DT  H6     H N N 199 
GLN N      N N N 200 
GLN CA     C N S 201 
GLN C      C N N 202 
GLN O      O N N 203 
GLN CB     C N N 204 
GLN CG     C N N 205 
GLN CD     C N N 206 
GLN OE1    O N N 207 
GLN NE2    N N N 208 
GLN OXT    O N N 209 
GLN H      H N N 210 
GLN H2     H N N 211 
GLN HA     H N N 212 
GLN HB2    H N N 213 
GLN HB3    H N N 214 
GLN HG2    H N N 215 
GLN HG3    H N N 216 
GLN HE21   H N N 217 
GLN HE22   H N N 218 
GLN HXT    H N N 219 
GLU N      N N N 220 
GLU CA     C N S 221 
GLU C      C N N 222 
GLU O      O N N 223 
GLU CB     C N N 224 
GLU CG     C N N 225 
GLU CD     C N N 226 
GLU OE1    O N N 227 
GLU OE2    O N N 228 
GLU OXT    O N N 229 
GLU H      H N N 230 
GLU H2     H N N 231 
GLU HA     H N N 232 
GLU HB2    H N N 233 
GLU HB3    H N N 234 
GLU HG2    H N N 235 
GLU HG3    H N N 236 
GLU HE2    H N N 237 
GLU HXT    H N N 238 
GLY N      N N N 239 
GLY CA     C N N 240 
GLY C      C N N 241 
GLY O      O N N 242 
GLY OXT    O N N 243 
GLY H      H N N 244 
GLY H2     H N N 245 
GLY HA2    H N N 246 
GLY HA3    H N N 247 
GLY HXT    H N N 248 
HOH O      O N N 249 
HOH H1     H N N 250 
HOH H2     H N N 251 
ILE N      N N N 252 
ILE CA     C N S 253 
ILE C      C N N 254 
ILE O      O N N 255 
ILE CB     C N S 256 
ILE CG1    C N N 257 
ILE CG2    C N N 258 
ILE CD1    C N N 259 
ILE OXT    O N N 260 
ILE H      H N N 261 
ILE H2     H N N 262 
ILE HA     H N N 263 
ILE HB     H N N 264 
ILE HG12   H N N 265 
ILE HG13   H N N 266 
ILE HG21   H N N 267 
ILE HG22   H N N 268 
ILE HG23   H N N 269 
ILE HD11   H N N 270 
ILE HD12   H N N 271 
ILE HD13   H N N 272 
ILE HXT    H N N 273 
LEU N      N N N 274 
LEU CA     C N S 275 
LEU C      C N N 276 
LEU O      O N N 277 
LEU CB     C N N 278 
LEU CG     C N N 279 
LEU CD1    C N N 280 
LEU CD2    C N N 281 
LEU OXT    O N N 282 
LEU H      H N N 283 
LEU H2     H N N 284 
LEU HA     H N N 285 
LEU HB2    H N N 286 
LEU HB3    H N N 287 
LEU HG     H N N 288 
LEU HD11   H N N 289 
LEU HD12   H N N 290 
LEU HD13   H N N 291 
LEU HD21   H N N 292 
LEU HD22   H N N 293 
LEU HD23   H N N 294 
LEU HXT    H N N 295 
LYS N      N N N 296 
LYS CA     C N S 297 
LYS C      C N N 298 
LYS O      O N N 299 
LYS CB     C N N 300 
LYS CG     C N N 301 
LYS CD     C N N 302 
LYS CE     C N N 303 
LYS NZ     N N N 304 
LYS OXT    O N N 305 
LYS H      H N N 306 
LYS H2     H N N 307 
LYS HA     H N N 308 
LYS HB2    H N N 309 
LYS HB3    H N N 310 
LYS HG2    H N N 311 
LYS HG3    H N N 312 
LYS HD2    H N N 313 
LYS HD3    H N N 314 
LYS HE2    H N N 315 
LYS HE3    H N N 316 
LYS HZ1    H N N 317 
LYS HZ2    H N N 318 
LYS HZ3    H N N 319 
LYS HXT    H N N 320 
MET N      N N N 321 
MET CA     C N S 322 
MET C      C N N 323 
MET O      O N N 324 
MET CB     C N N 325 
MET CG     C N N 326 
MET SD     S N N 327 
MET CE     C N N 328 
MET OXT    O N N 329 
MET H      H N N 330 
MET H2     H N N 331 
MET HA     H N N 332 
MET HB2    H N N 333 
MET HB3    H N N 334 
MET HG2    H N N 335 
MET HG3    H N N 336 
MET HE1    H N N 337 
MET HE2    H N N 338 
MET HE3    H N N 339 
MET HXT    H N N 340 
PHE N      N N N 341 
PHE CA     C N S 342 
PHE C      C N N 343 
PHE O      O N N 344 
PHE CB     C N N 345 
PHE CG     C Y N 346 
PHE CD1    C Y N 347 
PHE CD2    C Y N 348 
PHE CE1    C Y N 349 
PHE CE2    C Y N 350 
PHE CZ     C Y N 351 
PHE OXT    O N N 352 
PHE H      H N N 353 
PHE H2     H N N 354 
PHE HA     H N N 355 
PHE HB2    H N N 356 
PHE HB3    H N N 357 
PHE HD1    H N N 358 
PHE HD2    H N N 359 
PHE HE1    H N N 360 
PHE HE2    H N N 361 
PHE HZ     H N N 362 
PHE HXT    H N N 363 
PRO N      N N N 364 
PRO CA     C N S 365 
PRO C      C N N 366 
PRO O      O N N 367 
PRO CB     C N N 368 
PRO CG     C N N 369 
PRO CD     C N N 370 
PRO OXT    O N N 371 
PRO H      H N N 372 
PRO HA     H N N 373 
PRO HB2    H N N 374 
PRO HB3    H N N 375 
PRO HG2    H N N 376 
PRO HG3    H N N 377 
PRO HD2    H N N 378 
PRO HD3    H N N 379 
PRO HXT    H N N 380 
SER N      N N N 381 
SER CA     C N S 382 
SER C      C N N 383 
SER O      O N N 384 
SER CB     C N N 385 
SER OG     O N N 386 
SER OXT    O N N 387 
SER H      H N N 388 
SER H2     H N N 389 
SER HA     H N N 390 
SER HB2    H N N 391 
SER HB3    H N N 392 
SER HG     H N N 393 
SER HXT    H N N 394 
THR N      N N N 395 
THR CA     C N S 396 
THR C      C N N 397 
THR O      O N N 398 
THR CB     C N R 399 
THR OG1    O N N 400 
THR CG2    C N N 401 
THR OXT    O N N 402 
THR H      H N N 403 
THR H2     H N N 404 
THR HA     H N N 405 
THR HB     H N N 406 
THR HG1    H N N 407 
THR HG21   H N N 408 
THR HG22   H N N 409 
THR HG23   H N N 410 
THR HXT    H N N 411 
TRP N      N N N 412 
TRP CA     C N S 413 
TRP C      C N N 414 
TRP O      O N N 415 
TRP CB     C N N 416 
TRP CG     C Y N 417 
TRP CD1    C Y N 418 
TRP CD2    C Y N 419 
TRP NE1    N Y N 420 
TRP CE2    C Y N 421 
TRP CE3    C Y N 422 
TRP CZ2    C Y N 423 
TRP CZ3    C Y N 424 
TRP CH2    C Y N 425 
TRP OXT    O N N 426 
TRP H      H N N 427 
TRP H2     H N N 428 
TRP HA     H N N 429 
TRP HB2    H N N 430 
TRP HB3    H N N 431 
TRP HD1    H N N 432 
TRP HE1    H N N 433 
TRP HE3    H N N 434 
TRP HZ2    H N N 435 
TRP HZ3    H N N 436 
TRP HH2    H N N 437 
TRP HXT    H N N 438 
TYR N      N N N 439 
TYR CA     C N S 440 
TYR C      C N N 441 
TYR O      O N N 442 
TYR CB     C N N 443 
TYR CG     C Y N 444 
TYR CD1    C Y N 445 
TYR CD2    C Y N 446 
TYR CE1    C Y N 447 
TYR CE2    C Y N 448 
TYR CZ     C Y N 449 
TYR OH     O N N 450 
TYR OXT    O N N 451 
TYR H      H N N 452 
TYR H2     H N N 453 
TYR HA     H N N 454 
TYR HB2    H N N 455 
TYR HB3    H N N 456 
TYR HD1    H N N 457 
TYR HD2    H N N 458 
TYR HE1    H N N 459 
TYR HE2    H N N 460 
TYR HH     H N N 461 
TYR HXT    H N N 462 
VAL N      N N N 463 
VAL CA     C N S 464 
VAL C      C N N 465 
VAL O      O N N 466 
VAL CB     C N N 467 
VAL CG1    C N N 468 
VAL CG2    C N N 469 
VAL OXT    O N N 470 
VAL H      H N N 471 
VAL H2     H N N 472 
VAL HA     H N N 473 
VAL HB     H N N 474 
VAL HG11   H N N 475 
VAL HG12   H N N 476 
VAL HG13   H N N 477 
VAL HG21   H N N 478 
VAL HG22   H N N 479 
VAL HG23   H N N 480 
VAL HXT    H N N 481 
# 
loop_
_chem_comp_bond.comp_id 
_chem_comp_bond.atom_id_1 
_chem_comp_bond.atom_id_2 
_chem_comp_bond.value_order 
_chem_comp_bond.pdbx_aromatic_flag 
_chem_comp_bond.pdbx_stereo_config 
_chem_comp_bond.pdbx_ordinal 
ALA N     CA     sing N N 1   
ALA N     H      sing N N 2   
ALA N     H2     sing N N 3   
ALA CA    C      sing N N 4   
ALA CA    CB     sing N N 5   
ALA CA    HA     sing N N 6   
ALA C     O      doub N N 7   
ALA C     OXT    sing N N 8   
ALA CB    HB1    sing N N 9   
ALA CB    HB2    sing N N 10  
ALA CB    HB3    sing N N 11  
ALA OXT   HXT    sing N N 12  
ARG N     CA     sing N N 13  
ARG N     H      sing N N 14  
ARG N     H2     sing N N 15  
ARG CA    C      sing N N 16  
ARG CA    CB     sing N N 17  
ARG CA    HA     sing N N 18  
ARG C     O      doub N N 19  
ARG C     OXT    sing N N 20  
ARG CB    CG     sing N N 21  
ARG CB    HB2    sing N N 22  
ARG CB    HB3    sing N N 23  
ARG CG    CD     sing N N 24  
ARG CG    HG2    sing N N 25  
ARG CG    HG3    sing N N 26  
ARG CD    NE     sing N N 27  
ARG CD    HD2    sing N N 28  
ARG CD    HD3    sing N N 29  
ARG NE    CZ     sing N N 30  
ARG NE    HE     sing N N 31  
ARG CZ    NH1    sing N N 32  
ARG CZ    NH2    doub N N 33  
ARG NH1   HH11   sing N N 34  
ARG NH1   HH12   sing N N 35  
ARG NH2   HH21   sing N N 36  
ARG NH2   HH22   sing N N 37  
ARG OXT   HXT    sing N N 38  
ASP N     CA     sing N N 39  
ASP N     H      sing N N 40  
ASP N     H2     sing N N 41  
ASP CA    C      sing N N 42  
ASP CA    CB     sing N N 43  
ASP CA    HA     sing N N 44  
ASP C     O      doub N N 45  
ASP C     OXT    sing N N 46  
ASP CB    CG     sing N N 47  
ASP CB    HB2    sing N N 48  
ASP CB    HB3    sing N N 49  
ASP CG    OD1    doub N N 50  
ASP CG    OD2    sing N N 51  
ASP OD2   HD2    sing N N 52  
ASP OXT   HXT    sing N N 53  
DA  OP3   P      sing N N 54  
DA  OP3   HOP3   sing N N 55  
DA  P     OP1    doub N N 56  
DA  P     OP2    sing N N 57  
DA  P     "O5'"  sing N N 58  
DA  OP2   HOP2   sing N N 59  
DA  "O5'" "C5'"  sing N N 60  
DA  "C5'" "C4'"  sing N N 61  
DA  "C5'" "H5'"  sing N N 62  
DA  "C5'" "H5''" sing N N 63  
DA  "C4'" "O4'"  sing N N 64  
DA  "C4'" "C3'"  sing N N 65  
DA  "C4'" "H4'"  sing N N 66  
DA  "O4'" "C1'"  sing N N 67  
DA  "C3'" "O3'"  sing N N 68  
DA  "C3'" "C2'"  sing N N 69  
DA  "C3'" "H3'"  sing N N 70  
DA  "O3'" "HO3'" sing N N 71  
DA  "C2'" "C1'"  sing N N 72  
DA  "C2'" "H2'"  sing N N 73  
DA  "C2'" "H2''" sing N N 74  
DA  "C1'" N9     sing N N 75  
DA  "C1'" "H1'"  sing N N 76  
DA  N9    C8     sing Y N 77  
DA  N9    C4     sing Y N 78  
DA  C8    N7     doub Y N 79  
DA  C8    H8     sing N N 80  
DA  N7    C5     sing Y N 81  
DA  C5    C6     sing Y N 82  
DA  C5    C4     doub Y N 83  
DA  C6    N6     sing N N 84  
DA  C6    N1     doub Y N 85  
DA  N6    H61    sing N N 86  
DA  N6    H62    sing N N 87  
DA  N1    C2     sing Y N 88  
DA  C2    N3     doub Y N 89  
DA  C2    H2     sing N N 90  
DA  N3    C4     sing Y N 91  
DC  OP3   P      sing N N 92  
DC  OP3   HOP3   sing N N 93  
DC  P     OP1    doub N N 94  
DC  P     OP2    sing N N 95  
DC  P     "O5'"  sing N N 96  
DC  OP2   HOP2   sing N N 97  
DC  "O5'" "C5'"  sing N N 98  
DC  "C5'" "C4'"  sing N N 99  
DC  "C5'" "H5'"  sing N N 100 
DC  "C5'" "H5''" sing N N 101 
DC  "C4'" "O4'"  sing N N 102 
DC  "C4'" "C3'"  sing N N 103 
DC  "C4'" "H4'"  sing N N 104 
DC  "O4'" "C1'"  sing N N 105 
DC  "C3'" "O3'"  sing N N 106 
DC  "C3'" "C2'"  sing N N 107 
DC  "C3'" "H3'"  sing N N 108 
DC  "O3'" "HO3'" sing N N 109 
DC  "C2'" "C1'"  sing N N 110 
DC  "C2'" "H2'"  sing N N 111 
DC  "C2'" "H2''" sing N N 112 
DC  "C1'" N1     sing N N 113 
DC  "C1'" "H1'"  sing N N 114 
DC  N1    C2     sing N N 115 
DC  N1    C6     sing N N 116 
DC  C2    O2     doub N N 117 
DC  C2    N3     sing N N 118 
DC  N3    C4     doub N N 119 
DC  C4    N4     sing N N 120 
DC  C4    C5     sing N N 121 
DC  N4    H41    sing N N 122 
DC  N4    H42    sing N N 123 
DC  C5    C6     doub N N 124 
DC  C5    H5     sing N N 125 
DC  C6    H6     sing N N 126 
DG  OP3   P      sing N N 127 
DG  OP3   HOP3   sing N N 128 
DG  P     OP1    doub N N 129 
DG  P     OP2    sing N N 130 
DG  P     "O5'"  sing N N 131 
DG  OP2   HOP2   sing N N 132 
DG  "O5'" "C5'"  sing N N 133 
DG  "C5'" "C4'"  sing N N 134 
DG  "C5'" "H5'"  sing N N 135 
DG  "C5'" "H5''" sing N N 136 
DG  "C4'" "O4'"  sing N N 137 
DG  "C4'" "C3'"  sing N N 138 
DG  "C4'" "H4'"  sing N N 139 
DG  "O4'" "C1'"  sing N N 140 
DG  "C3'" "O3'"  sing N N 141 
DG  "C3'" "C2'"  sing N N 142 
DG  "C3'" "H3'"  sing N N 143 
DG  "O3'" "HO3'" sing N N 144 
DG  "C2'" "C1'"  sing N N 145 
DG  "C2'" "H2'"  sing N N 146 
DG  "C2'" "H2''" sing N N 147 
DG  "C1'" N9     sing N N 148 
DG  "C1'" "H1'"  sing N N 149 
DG  N9    C8     sing Y N 150 
DG  N9    C4     sing Y N 151 
DG  C8    N7     doub Y N 152 
DG  C8    H8     sing N N 153 
DG  N7    C5     sing Y N 154 
DG  C5    C6     sing N N 155 
DG  C5    C4     doub Y N 156 
DG  C6    O6     doub N N 157 
DG  C6    N1     sing N N 158 
DG  N1    C2     sing N N 159 
DG  N1    H1     sing N N 160 
DG  C2    N2     sing N N 161 
DG  C2    N3     doub N N 162 
DG  N2    H21    sing N N 163 
DG  N2    H22    sing N N 164 
DG  N3    C4     sing N N 165 
DT  OP3   P      sing N N 166 
DT  OP3   HOP3   sing N N 167 
DT  P     OP1    doub N N 168 
DT  P     OP2    sing N N 169 
DT  P     "O5'"  sing N N 170 
DT  OP2   HOP2   sing N N 171 
DT  "O5'" "C5'"  sing N N 172 
DT  "C5'" "C4'"  sing N N 173 
DT  "C5'" "H5'"  sing N N 174 
DT  "C5'" "H5''" sing N N 175 
DT  "C4'" "O4'"  sing N N 176 
DT  "C4'" "C3'"  sing N N 177 
DT  "C4'" "H4'"  sing N N 178 
DT  "O4'" "C1'"  sing N N 179 
DT  "C3'" "O3'"  sing N N 180 
DT  "C3'" "C2'"  sing N N 181 
DT  "C3'" "H3'"  sing N N 182 
DT  "O3'" "HO3'" sing N N 183 
DT  "C2'" "C1'"  sing N N 184 
DT  "C2'" "H2'"  sing N N 185 
DT  "C2'" "H2''" sing N N 186 
DT  "C1'" N1     sing N N 187 
DT  "C1'" "H1'"  sing N N 188 
DT  N1    C2     sing N N 189 
DT  N1    C6     sing N N 190 
DT  C2    O2     doub N N 191 
DT  C2    N3     sing N N 192 
DT  N3    C4     sing N N 193 
DT  N3    H3     sing N N 194 
DT  C4    O4     doub N N 195 
DT  C4    C5     sing N N 196 
DT  C5    C7     sing N N 197 
DT  C5    C6     doub N N 198 
DT  C7    H71    sing N N 199 
DT  C7    H72    sing N N 200 
DT  C7    H73    sing N N 201 
DT  C6    H6     sing N N 202 
GLN N     CA     sing N N 203 
GLN N     H      sing N N 204 
GLN N     H2     sing N N 205 
GLN CA    C      sing N N 206 
GLN CA    CB     sing N N 207 
GLN CA    HA     sing N N 208 
GLN C     O      doub N N 209 
GLN C     OXT    sing N N 210 
GLN CB    CG     sing N N 211 
GLN CB    HB2    sing N N 212 
GLN CB    HB3    sing N N 213 
GLN CG    CD     sing N N 214 
GLN CG    HG2    sing N N 215 
GLN CG    HG3    sing N N 216 
GLN CD    OE1    doub N N 217 
GLN CD    NE2    sing N N 218 
GLN NE2   HE21   sing N N 219 
GLN NE2   HE22   sing N N 220 
GLN OXT   HXT    sing N N 221 
GLU N     CA     sing N N 222 
GLU N     H      sing N N 223 
GLU N     H2     sing N N 224 
GLU CA    C      sing N N 225 
GLU CA    CB     sing N N 226 
GLU CA    HA     sing N N 227 
GLU C     O      doub N N 228 
GLU C     OXT    sing N N 229 
GLU CB    CG     sing N N 230 
GLU CB    HB2    sing N N 231 
GLU CB    HB3    sing N N 232 
GLU CG    CD     sing N N 233 
GLU CG    HG2    sing N N 234 
GLU CG    HG3    sing N N 235 
GLU CD    OE1    doub N N 236 
GLU CD    OE2    sing N N 237 
GLU OE2   HE2    sing N N 238 
GLU OXT   HXT    sing N N 239 
GLY N     CA     sing N N 240 
GLY N     H      sing N N 241 
GLY N     H2     sing N N 242 
GLY CA    C      sing N N 243 
GLY CA    HA2    sing N N 244 
GLY CA    HA3    sing N N 245 
GLY C     O      doub N N 246 
GLY C     OXT    sing N N 247 
GLY OXT   HXT    sing N N 248 
HOH O     H1     sing N N 249 
HOH O     H2     sing N N 250 
ILE N     CA     sing N N 251 
ILE N     H      sing N N 252 
ILE N     H2     sing N N 253 
ILE CA    C      sing N N 254 
ILE CA    CB     sing N N 255 
ILE CA    HA     sing N N 256 
ILE C     O      doub N N 257 
ILE C     OXT    sing N N 258 
ILE CB    CG1    sing N N 259 
ILE CB    CG2    sing N N 260 
ILE CB    HB     sing N N 261 
ILE CG1   CD1    sing N N 262 
ILE CG1   HG12   sing N N 263 
ILE CG1   HG13   sing N N 264 
ILE CG2   HG21   sing N N 265 
ILE CG2   HG22   sing N N 266 
ILE CG2   HG23   sing N N 267 
ILE CD1   HD11   sing N N 268 
ILE CD1   HD12   sing N N 269 
ILE CD1   HD13   sing N N 270 
ILE OXT   HXT    sing N N 271 
LEU N     CA     sing N N 272 
LEU N     H      sing N N 273 
LEU N     H2     sing N N 274 
LEU CA    C      sing N N 275 
LEU CA    CB     sing N N 276 
LEU CA    HA     sing N N 277 
LEU C     O      doub N N 278 
LEU C     OXT    sing N N 279 
LEU CB    CG     sing N N 280 
LEU CB    HB2    sing N N 281 
LEU CB    HB3    sing N N 282 
LEU CG    CD1    sing N N 283 
LEU CG    CD2    sing N N 284 
LEU CG    HG     sing N N 285 
LEU CD1   HD11   sing N N 286 
LEU CD1   HD12   sing N N 287 
LEU CD1   HD13   sing N N 288 
LEU CD2   HD21   sing N N 289 
LEU CD2   HD22   sing N N 290 
LEU CD2   HD23   sing N N 291 
LEU OXT   HXT    sing N N 292 
LYS N     CA     sing N N 293 
LYS N     H      sing N N 294 
LYS N     H2     sing N N 295 
LYS CA    C      sing N N 296 
LYS CA    CB     sing N N 297 
LYS CA    HA     sing N N 298 
LYS C     O      doub N N 299 
LYS C     OXT    sing N N 300 
LYS CB    CG     sing N N 301 
LYS CB    HB2    sing N N 302 
LYS CB    HB3    sing N N 303 
LYS CG    CD     sing N N 304 
LYS CG    HG2    sing N N 305 
LYS CG    HG3    sing N N 306 
LYS CD    CE     sing N N 307 
LYS CD    HD2    sing N N 308 
LYS CD    HD3    sing N N 309 
LYS CE    NZ     sing N N 310 
LYS CE    HE2    sing N N 311 
LYS CE    HE3    sing N N 312 
LYS NZ    HZ1    sing N N 313 
LYS NZ    HZ2    sing N N 314 
LYS NZ    HZ3    sing N N 315 
LYS OXT   HXT    sing N N 316 
MET N     CA     sing N N 317 
MET N     H      sing N N 318 
MET N     H2     sing N N 319 
MET CA    C      sing N N 320 
MET CA    CB     sing N N 321 
MET CA    HA     sing N N 322 
MET C     O      doub N N 323 
MET C     OXT    sing N N 324 
MET CB    CG     sing N N 325 
MET CB    HB2    sing N N 326 
MET CB    HB3    sing N N 327 
MET CG    SD     sing N N 328 
MET CG    HG2    sing N N 329 
MET CG    HG3    sing N N 330 
MET SD    CE     sing N N 331 
MET CE    HE1    sing N N 332 
MET CE    HE2    sing N N 333 
MET CE    HE3    sing N N 334 
MET OXT   HXT    sing N N 335 
PHE N     CA     sing N N 336 
PHE N     H      sing N N 337 
PHE N     H2     sing N N 338 
PHE CA    C      sing N N 339 
PHE CA    CB     sing N N 340 
PHE CA    HA     sing N N 341 
PHE C     O      doub N N 342 
PHE C     OXT    sing N N 343 
PHE CB    CG     sing N N 344 
PHE CB    HB2    sing N N 345 
PHE CB    HB3    sing N N 346 
PHE CG    CD1    doub Y N 347 
PHE CG    CD2    sing Y N 348 
PHE CD1   CE1    sing Y N 349 
PHE CD1   HD1    sing N N 350 
PHE CD2   CE2    doub Y N 351 
PHE CD2   HD2    sing N N 352 
PHE CE1   CZ     doub Y N 353 
PHE CE1   HE1    sing N N 354 
PHE CE2   CZ     sing Y N 355 
PHE CE2   HE2    sing N N 356 
PHE CZ    HZ     sing N N 357 
PHE OXT   HXT    sing N N 358 
PRO N     CA     sing N N 359 
PRO N     CD     sing N N 360 
PRO N     H      sing N N 361 
PRO CA    C      sing N N 362 
PRO CA    CB     sing N N 363 
PRO CA    HA     sing N N 364 
PRO C     O      doub N N 365 
PRO C     OXT    sing N N 366 
PRO CB    CG     sing N N 367 
PRO CB    HB2    sing N N 368 
PRO CB    HB3    sing N N 369 
PRO CG    CD     sing N N 370 
PRO CG    HG2    sing N N 371 
PRO CG    HG3    sing N N 372 
PRO CD    HD2    sing N N 373 
PRO CD    HD3    sing N N 374 
PRO OXT   HXT    sing N N 375 
SER N     CA     sing N N 376 
SER N     H      sing N N 377 
SER N     H2     sing N N 378 
SER CA    C      sing N N 379 
SER CA    CB     sing N N 380 
SER CA    HA     sing N N 381 
SER C     O      doub N N 382 
SER C     OXT    sing N N 383 
SER CB    OG     sing N N 384 
SER CB    HB2    sing N N 385 
SER CB    HB3    sing N N 386 
SER OG    HG     sing N N 387 
SER OXT   HXT    sing N N 388 
THR N     CA     sing N N 389 
THR N     H      sing N N 390 
THR N     H2     sing N N 391 
THR CA    C      sing N N 392 
THR CA    CB     sing N N 393 
THR CA    HA     sing N N 394 
THR C     O      doub N N 395 
THR C     OXT    sing N N 396 
THR CB    OG1    sing N N 397 
THR CB    CG2    sing N N 398 
THR CB    HB     sing N N 399 
THR OG1   HG1    sing N N 400 
THR CG2   HG21   sing N N 401 
THR CG2   HG22   sing N N 402 
THR CG2   HG23   sing N N 403 
THR OXT   HXT    sing N N 404 
TRP N     CA     sing N N 405 
TRP N     H      sing N N 406 
TRP N     H2     sing N N 407 
TRP CA    C      sing N N 408 
TRP CA    CB     sing N N 409 
TRP CA    HA     sing N N 410 
TRP C     O      doub N N 411 
TRP C     OXT    sing N N 412 
TRP CB    CG     sing N N 413 
TRP CB    HB2    sing N N 414 
TRP CB    HB3    sing N N 415 
TRP CG    CD1    doub Y N 416 
TRP CG    CD2    sing Y N 417 
TRP CD1   NE1    sing Y N 418 
TRP CD1   HD1    sing N N 419 
TRP CD2   CE2    doub Y N 420 
TRP CD2   CE3    sing Y N 421 
TRP NE1   CE2    sing Y N 422 
TRP NE1   HE1    sing N N 423 
TRP CE2   CZ2    sing Y N 424 
TRP CE3   CZ3    doub Y N 425 
TRP CE3   HE3    sing N N 426 
TRP CZ2   CH2    doub Y N 427 
TRP CZ2   HZ2    sing N N 428 
TRP CZ3   CH2    sing Y N 429 
TRP CZ3   HZ3    sing N N 430 
TRP CH2   HH2    sing N N 431 
TRP OXT   HXT    sing N N 432 
TYR N     CA     sing N N 433 
TYR N     H      sing N N 434 
TYR N     H2     sing N N 435 
TYR CA    C      sing N N 436 
TYR CA    CB     sing N N 437 
TYR CA    HA     sing N N 438 
TYR C     O      doub N N 439 
TYR C     OXT    sing N N 440 
TYR CB    CG     sing N N 441 
TYR CB    HB2    sing N N 442 
TYR CB    HB3    sing N N 443 
TYR CG    CD1    doub Y N 444 
TYR CG    CD2    sing Y N 445 
TYR CD1   CE1    sing Y N 446 
TYR CD1   HD1    sing N N 447 
TYR CD2   CE2    doub Y N 448 
TYR CD2   HD2    sing N N 449 
TYR CE1   CZ     doub Y N 450 
TYR CE1   HE1    sing N N 451 
TYR CE2   CZ     sing Y N 452 
TYR CE2   HE2    sing N N 453 
TYR CZ    OH     sing N N 454 
TYR OH    HH     sing N N 455 
TYR OXT   HXT    sing N N 456 
VAL N     CA     sing N N 457 
VAL N     H      sing N N 458 
VAL N     H2     sing N N 459 
VAL CA    C      sing N N 460 
VAL CA    CB     sing N N 461 
VAL CA    HA     sing N N 462 
VAL C     O      doub N N 463 
VAL C     OXT    sing N N 464 
VAL CB    CG1    sing N N 465 
VAL CB    CG2    sing N N 466 
VAL CB    HB     sing N N 467 
VAL CG1   HG11   sing N N 468 
VAL CG1   HG12   sing N N 469 
VAL CG1   HG13   sing N N 470 
VAL CG2   HG21   sing N N 471 
VAL CG2   HG22   sing N N 472 
VAL CG2   HG23   sing N N 473 
VAL OXT   HXT    sing N N 474 
# 
loop_
_ndb_struct_conf_na.entry_id 
_ndb_struct_conf_na.feature 
1C8C 'b-form double helix'  
1C8C 'mismatched base pair' 
# 
loop_
_ndb_struct_na_base_pair.model_number 
_ndb_struct_na_base_pair.i_label_asym_id 
_ndb_struct_na_base_pair.i_label_comp_id 
_ndb_struct_na_base_pair.i_label_seq_id 
_ndb_struct_na_base_pair.i_symmetry 
_ndb_struct_na_base_pair.j_label_asym_id 
_ndb_struct_na_base_pair.j_label_comp_id 
_ndb_struct_na_base_pair.j_label_seq_id 
_ndb_struct_na_base_pair.j_symmetry 
_ndb_struct_na_base_pair.shear 
_ndb_struct_na_base_pair.stretch 
_ndb_struct_na_base_pair.stagger 
_ndb_struct_na_base_pair.buckle 
_ndb_struct_na_base_pair.propeller 
_ndb_struct_na_base_pair.opening 
_ndb_struct_na_base_pair.pair_number 
_ndb_struct_na_base_pair.pair_name 
_ndb_struct_na_base_pair.i_auth_asym_id 
_ndb_struct_na_base_pair.i_auth_seq_id 
_ndb_struct_na_base_pair.i_PDB_ins_code 
_ndb_struct_na_base_pair.j_auth_asym_id 
_ndb_struct_na_base_pair.j_auth_seq_id 
_ndb_struct_na_base_pair.j_PDB_ins_code 
_ndb_struct_na_base_pair.hbond_type_28 
_ndb_struct_na_base_pair.hbond_type_12 
1 A DG 1 1_555 B DC 8 1_555 -0.280 -0.092 -0.179 0.028   -1.380  0.416  1 B_DG101:DC116_C B 101 ? C 116 ? 19 1 
1 A DT 2 1_555 B DG 7 1_555 2.189  -0.419 0.069  13.862  -6.721  2.939  2 B_DT102:DG115_C B 102 ? C 115 ? 28 1 
1 A DG 3 1_555 B DC 6 1_555 -0.256 -0.054 -0.556 -22.674 -6.200  1.596  3 B_DG103:DC114_C B 103 ? C 114 ? 19 1 
1 A DA 4 1_555 B DT 5 1_555 -0.048 -0.053 -0.191 -3.242  -7.302  5.939  4 B_DA104:DT113_C B 104 ? C 113 ? 20 1 
1 A DT 5 1_555 B DA 4 1_555 0.012  -0.013 -0.269 6.128   -8.856  0.224  5 B_DT105:DA112_C B 105 ? C 112 ? 20 1 
1 A DC 6 1_555 B DG 3 1_555 0.237  -0.096 -0.170 3.354   -10.052 0.518  6 B_DC106:DG111_C B 106 ? C 111 ? 19 1 
1 A DG 7 1_555 B DT 2 1_555 -2.194 -0.441 -0.058 -0.183  -4.969  -3.532 7 B_DG107:DT110_C B 107 ? C 110 ? 28 ? 
1 A DC 8 1_555 B DG 1 1_555 0.246  -0.030 -0.144 6.074   -4.224  1.771  8 B_DC108:DG109_C B 108 ? C 109 ? 19 1 
# 
loop_
_ndb_struct_na_base_pair_step.model_number 
_ndb_struct_na_base_pair_step.i_label_asym_id_1 
_ndb_struct_na_base_pair_step.i_label_comp_id_1 
_ndb_struct_na_base_pair_step.i_label_seq_id_1 
_ndb_struct_na_base_pair_step.i_symmetry_1 
_ndb_struct_na_base_pair_step.j_label_asym_id_1 
_ndb_struct_na_base_pair_step.j_label_comp_id_1 
_ndb_struct_na_base_pair_step.j_label_seq_id_1 
_ndb_struct_na_base_pair_step.j_symmetry_1 
_ndb_struct_na_base_pair_step.i_label_asym_id_2 
_ndb_struct_na_base_pair_step.i_label_comp_id_2 
_ndb_struct_na_base_pair_step.i_label_seq_id_2 
_ndb_struct_na_base_pair_step.i_symmetry_2 
_ndb_struct_na_base_pair_step.j_label_asym_id_2 
_ndb_struct_na_base_pair_step.j_label_comp_id_2 
_ndb_struct_na_base_pair_step.j_label_seq_id_2 
_ndb_struct_na_base_pair_step.j_symmetry_2 
_ndb_struct_na_base_pair_step.shift 
_ndb_struct_na_base_pair_step.slide 
_ndb_struct_na_base_pair_step.rise 
_ndb_struct_na_base_pair_step.tilt 
_ndb_struct_na_base_pair_step.roll 
_ndb_struct_na_base_pair_step.twist 
_ndb_struct_na_base_pair_step.x_displacement 
_ndb_struct_na_base_pair_step.y_displacement 
_ndb_struct_na_base_pair_step.helical_rise 
_ndb_struct_na_base_pair_step.inclination 
_ndb_struct_na_base_pair_step.tip 
_ndb_struct_na_base_pair_step.helical_twist 
_ndb_struct_na_base_pair_step.step_number 
_ndb_struct_na_base_pair_step.step_name 
_ndb_struct_na_base_pair_step.i_auth_asym_id_1 
_ndb_struct_na_base_pair_step.i_auth_seq_id_1 
_ndb_struct_na_base_pair_step.i_PDB_ins_code_1 
_ndb_struct_na_base_pair_step.j_auth_asym_id_1 
_ndb_struct_na_base_pair_step.j_auth_seq_id_1 
_ndb_struct_na_base_pair_step.j_PDB_ins_code_1 
_ndb_struct_na_base_pair_step.i_auth_asym_id_2 
_ndb_struct_na_base_pair_step.i_auth_seq_id_2 
_ndb_struct_na_base_pair_step.i_PDB_ins_code_2 
_ndb_struct_na_base_pair_step.j_auth_asym_id_2 
_ndb_struct_na_base_pair_step.j_auth_seq_id_2 
_ndb_struct_na_base_pair_step.j_PDB_ins_code_2 
1 A DG 1 1_555 B DC 8 1_555 A DT 2 1_555 B DG 7 1_555 -0.342 -0.145 2.944 -1.652 1.487  33.970 -0.462 0.347  2.948 2.542  2.825  
34.041 1 BB_DG101DT102:DG115DC116_CC B 101 ? C 116 ? B 102 ? C 115 ? 
1 A DT 2 1_555 B DG 7 1_555 A DG 3 1_555 B DC 6 1_555 -0.433 1.291  4.969 6.337  54.124 13.997 -4.658 1.167  2.477 76.168 -8.919 
56.129 2 BB_DT102DG103:DC114DG115_CC B 102 ? C 115 ? B 103 ? C 114 ? 
1 A DG 3 1_555 B DC 6 1_555 A DA 4 1_555 B DT 5 1_555 0.153  0.632  2.966 -7.073 10.597 21.591 -1.519 -2.341 2.785 25.615 17.097 
25.032 3 BB_DG103DA104:DT113DC114_CC B 103 ? C 114 ? B 104 ? C 113 ? 
1 A DA 4 1_555 B DT 5 1_555 A DT 5 1_555 B DA 4 1_555 -0.307 -0.388 2.989 -0.312 0.824  27.206 -1.012 0.581  2.980 1.751  0.664  
27.220 4 BB_DA104DT105:DA112DT113_CC B 104 ? C 113 ? B 105 ? C 112 ? 
1 A DT 5 1_555 B DA 4 1_555 A DC 6 1_555 B DG 3 1_555 -0.193 0.347  3.495 3.342  6.954  35.640 -0.484 0.808  3.468 11.200 -5.382 
36.440 5 BB_DT105DC106:DG111DA112_CC B 105 ? C 112 ? B 106 ? C 111 ? 
1 A DC 6 1_555 B DG 3 1_555 A DG 7 1_555 B DT 2 1_555 1.096  0.469  3.195 0.681  10.067 26.339 -1.413 -2.091 3.182 21.132 -1.429 
28.174 6 BB_DC106DG107:DT110DG111_CC B 106 ? C 111 ? B 107 ? C 110 ? 
1 A DG 7 1_555 B DT 2 1_555 A DC 8 1_555 B DG 1 1_555 0.565  -0.119 3.236 -0.797 -1.251 36.420 -0.019 -1.013 3.226 -2.001 1.274  
36.449 7 BB_DG107DC108:DG109DT110_CC B 107 ? C 110 ? B 108 ? C 109 ? 
# 
_pdbx_entity_nonpoly.entity_id   3 
_pdbx_entity_nonpoly.name        water 
_pdbx_entity_nonpoly.comp_id     HOH 
# 
_pdbx_initial_refinement_model.id               1 
_pdbx_initial_refinement_model.entity_id_list   ? 
_pdbx_initial_refinement_model.type             'experimental model' 
_pdbx_initial_refinement_model.source_name      PDB 
_pdbx_initial_refinement_model.accession_code   1AZP 
_pdbx_initial_refinement_model.details          'PDB ENTRY 1AZP' 
# 
